data_4UNZ
#
_entry.id   4UNZ
#
_cell.length_a   99.551
_cell.length_b   125.751
_cell.length_c   165.107
_cell.angle_alpha   90.00
_cell.angle_beta   90.00
_cell.angle_gamma   90.00
#
_symmetry.space_group_name_H-M   'P 21 21 21'
#
loop_
_entity.id
_entity.type
_entity.pdbx_description
1 polymer 'HAY SUBUNIT OF HAEMAGGLUTININ'
2 polymer 'H3 HAEMAGGLUTININ HA2 CHAIN'
3 branched alpha-D-mannopyranose-(1-6)-beta-D-mannopyranose-(1-4)-2-acetamido-2-deoxy-beta-D-glucopyranose-(1-4)-2-acetamido-2-deoxy-beta-D-glucopyranose
4 branched 'N-acetyl-alpha-neuraminic acid-(2-3)-beta-D-galactopyranose-(1-4)-[alpha-L-fucopyranose-(1-3)]2-acetamido-2-deoxy-6-O-sulfo-beta-D-glucopyranose'
5 branched 2-acetamido-2-deoxy-beta-D-glucopyranose-(1-4)-[alpha-L-fucopyranose-(1-6)]2-acetamido-2-deoxy-beta-D-glucopyranose
6 branched 2-acetamido-2-deoxy-beta-D-glucopyranose-(1-4)-2-acetamido-2-deoxy-beta-D-glucopyranose
7 branched beta-D-mannopyranose-(1-4)-2-acetamido-2-deoxy-beta-D-glucopyranose-(1-4)-2-acetamido-2-deoxy-beta-D-glucopyranose
8 branched alpha-D-mannopyranose-(1-3)-[alpha-D-mannopyranose-(1-6)]beta-D-mannopyranose-(1-4)-2-acetamido-2-deoxy-beta-D-glucopyranose-(1-4)-[alpha-L-fucopyranose-(1-6)]2-acetamido-2-deoxy-beta-D-glucopyranose
9 branched alpha-L-fucopyranose-(1-6)-2-acetamido-2-deoxy-beta-D-glucopyranose
10 non-polymer 2-acetamido-2-deoxy-beta-D-glucopyranose
11 water water
#
loop_
_entity_poly.entity_id
_entity_poly.type
_entity_poly.pdbx_seq_one_letter_code
_entity_poly.pdbx_strand_id
1 'polypeptide(L)'
;PDQNPTSGNNTATLCLGHHAVANGTLVKTITDDQIEVTNATELVQSISIGKICNNSYRVLDGRNCTLIDAMLGDPHCDDF
QYENWDLFIERSSAFSNCYPYDIPDYASLRSIVASSGTLEFTAEGFTWTGVTQNGGSGACKRGSADSFFSRLNWLTKSGN
SYPILNVTMPNNKNFDKLYIWGIHHPSSNKEQTKLYIQESGRVTVSTERSQQTVIPNIGSRPWVRGQSGRISIYWTIVKP
GDILMINSNGNLVAPRGYFKLRTGKSSVMRSDALIDTCVSECITPNGSIPNDKPFQNVNKITYGKCPKYIRQNTLKLATG
MRNVPEKQIR
;
A,C,E
2 'polypeptide(L)'
;GIFGAIAGFIENGWEGMVDGWYGFRYQNSEGTGQAADLKSTQAAIDQINGKLNRVIERTNEKFHQIEKEFSEVEGRIQDL
EKYVEDTKIDLWSYNAELLVALENQHTIDLTDAEMNKLFEKTRRQLRENAEDMGGGCFKIYHKCDNACIGSIRNGTYDHY
IYRDEALNNRFQI
;
B,D,F
#
# COMPACT_ATOMS: atom_id res chain seq x y z
N ASN A 10 14.13 66.09 13.81
CA ASN A 10 12.64 66.04 13.76
C ASN A 10 12.07 65.05 12.71
N THR A 11 12.84 64.04 12.36
CA THR A 11 12.31 62.87 11.65
C THR A 11 12.92 61.64 12.30
N ALA A 12 12.45 60.47 11.90
CA ALA A 12 12.99 59.22 12.41
C ALA A 12 12.88 58.18 11.34
N THR A 13 13.52 57.04 11.59
CA THR A 13 13.52 55.92 10.66
C THR A 13 13.24 54.65 11.44
N LEU A 14 12.18 53.94 11.04
CA LEU A 14 11.85 52.65 11.62
C LEU A 14 12.00 51.59 10.54
N CYS A 15 12.76 50.55 10.83
CA CYS A 15 12.99 49.49 9.86
C CYS A 15 12.45 48.19 10.41
N LEU A 16 11.72 47.45 9.58
CA LEU A 16 11.24 46.12 9.96
C LEU A 16 12.12 45.07 9.32
N GLY A 17 12.39 44.00 10.05
CA GLY A 17 13.30 42.97 9.59
C GLY A 17 13.10 41.62 10.24
N HIS A 18 14.02 40.71 9.94
CA HIS A 18 14.01 39.36 10.46
C HIS A 18 15.44 38.90 10.74
N HIS A 19 15.58 37.85 11.56
CA HIS A 19 16.90 37.36 11.92
C HIS A 19 17.51 36.47 10.85
N ALA A 20 18.81 36.23 11.00
CA ALA A 20 19.55 35.27 10.18
C ALA A 20 20.58 34.63 11.07
N VAL A 21 21.16 33.52 10.62
CA VAL A 21 22.20 32.85 11.39
C VAL A 21 23.50 32.78 10.61
N ALA A 22 24.58 32.44 11.30
CA ALA A 22 25.88 32.28 10.67
C ALA A 22 25.84 31.13 9.67
N ASN A 23 25.51 29.94 10.16
CA ASN A 23 25.44 28.77 9.30
C ASN A 23 24.06 28.15 9.34
N GLY A 24 23.28 28.42 8.30
CA GLY A 24 21.98 27.80 8.13
C GLY A 24 22.13 26.34 7.72
N THR A 25 21.11 25.81 7.06
CA THR A 25 21.09 24.41 6.65
C THR A 25 20.15 24.24 5.46
N LEU A 26 20.57 23.45 4.49
CA LEU A 26 19.83 23.29 3.22
C LEU A 26 18.68 22.29 3.34
N VAL A 27 17.57 22.60 2.69
CA VAL A 27 16.41 21.70 2.64
C VAL A 27 15.79 21.61 1.24
N LYS A 28 15.04 20.54 0.98
CA LYS A 28 14.26 20.41 -0.25
C LYS A 28 12.91 21.10 -0.12
N THR A 29 12.43 21.67 -1.22
CA THR A 29 11.08 22.18 -1.31
C THR A 29 10.43 21.66 -2.60
N ILE A 30 9.20 22.11 -2.88
CA ILE A 30 8.51 21.77 -4.13
C ILE A 30 9.17 22.46 -5.32
N THR A 31 9.76 23.62 -5.05
CA THR A 31 10.40 24.46 -6.08
C THR A 31 11.93 24.34 -6.11
N ASP A 32 12.57 24.14 -4.97
CA ASP A 32 14.03 24.11 -4.86
C ASP A 32 14.56 22.79 -4.31
N ASP A 33 15.59 22.25 -4.95
CA ASP A 33 16.27 21.07 -4.43
C ASP A 33 17.16 21.45 -3.24
N GLN A 34 17.77 22.65 -3.32
CA GLN A 34 18.55 23.24 -2.23
C GLN A 34 18.06 24.66 -1.98
N ILE A 35 17.71 24.97 -0.73
CA ILE A 35 17.41 26.34 -0.30
C ILE A 35 17.76 26.45 1.18
N GLU A 36 18.45 27.51 1.58
CA GLU A 36 19.00 27.59 2.94
C GLU A 36 17.98 28.13 3.92
N VAL A 37 17.84 27.48 5.06
CA VAL A 37 16.98 27.95 6.14
C VAL A 37 17.76 28.06 7.44
N THR A 38 17.17 28.71 8.44
CA THR A 38 17.89 29.04 9.66
C THR A 38 18.17 27.83 10.52
N ASN A 39 17.35 26.79 10.36
CA ASN A 39 17.51 25.53 11.09
C ASN A 39 16.63 24.43 10.51
N ALA A 40 16.95 23.19 10.85
CA ALA A 40 16.13 22.05 10.45
C ALA A 40 16.27 20.89 11.44
N THR A 41 15.44 19.87 11.25
CA THR A 41 15.46 18.68 12.08
C THR A 41 15.36 17.43 11.20
N GLU A 42 16.15 16.40 11.52
CA GLU A 42 16.23 15.17 10.73
C GLU A 42 15.03 14.26 11.00
N LEU A 43 14.39 13.77 9.94
CA LEU A 43 13.24 12.87 10.08
C LEU A 43 13.55 11.39 9.85
N VAL A 44 14.75 11.08 9.35
CA VAL A 44 15.14 9.69 9.15
C VAL A 44 16.11 9.28 10.23
N GLN A 45 15.68 8.33 11.07
CA GLN A 45 16.56 7.67 12.03
C GLN A 45 17.43 6.66 11.31
N SER A 46 18.74 6.91 11.23
CA SER A 46 19.63 6.01 10.47
C SER A 46 20.78 5.42 11.27
N ILE A 47 20.88 5.73 12.56
CA ILE A 47 21.91 5.13 13.41
C ILE A 47 21.23 4.36 14.55
N SER A 48 21.77 3.17 14.86
CA SER A 48 21.22 2.34 15.91
C SER A 48 22.11 2.38 17.12
N ILE A 49 21.54 1.98 18.25
CA ILE A 49 22.25 1.98 19.52
C ILE A 49 23.39 0.95 19.54
N GLY A 50 23.30 -0.06 18.65
CA GLY A 50 24.35 -1.07 18.50
C GLY A 50 24.01 -2.40 19.14
N LYS A 51 23.15 -2.38 20.16
CA LYS A 51 22.74 -3.57 20.90
C LYS A 51 21.24 -3.51 21.18
N ILE A 52 20.64 -4.67 21.42
CA ILE A 52 19.21 -4.76 21.69
C ILE A 52 18.93 -4.45 23.17
N CYS A 53 17.98 -3.56 23.42
CA CYS A 53 17.64 -3.17 24.79
C CYS A 53 16.61 -4.11 25.38
N ASN A 54 16.86 -4.57 26.60
CA ASN A 54 16.03 -5.59 27.26
C ASN A 54 15.06 -5.06 28.33
N ASN A 55 15.10 -3.77 28.64
CA ASN A 55 14.24 -3.22 29.68
C ASN A 55 12.81 -2.95 29.20
N SER A 56 12.66 -2.44 27.98
CA SER A 56 11.32 -2.06 27.47
C SER A 56 10.44 -3.27 27.21
N TYR A 57 10.85 -4.14 26.28
CA TYR A 57 10.15 -5.40 26.02
C TYR A 57 10.90 -6.56 26.67
N ARG A 58 10.26 -7.72 26.78
CA ARG A 58 10.92 -8.90 27.31
C ARG A 58 11.65 -9.62 26.19
N VAL A 59 12.95 -9.36 26.08
CA VAL A 59 13.77 -9.98 25.05
C VAL A 59 14.37 -11.27 25.59
N LEU A 60 14.35 -12.32 24.79
CA LEU A 60 14.82 -13.63 25.22
C LEU A 60 15.87 -14.15 24.25
N ASP A 61 17.07 -14.40 24.76
CA ASP A 61 18.16 -14.88 23.93
C ASP A 61 18.04 -16.38 23.70
N GLY A 62 17.85 -16.77 22.46
CA GLY A 62 17.81 -18.18 22.07
C GLY A 62 19.13 -18.89 22.25
N ARG A 63 20.23 -18.12 22.27
CA ARG A 63 21.57 -18.65 22.52
C ARG A 63 21.94 -19.71 21.49
N ASN A 64 22.08 -20.97 21.89
CA ASN A 64 22.39 -22.04 20.94
C ASN A 64 21.14 -22.73 20.38
N CYS A 65 19.95 -22.31 20.81
CA CYS A 65 18.70 -22.92 20.38
C CYS A 65 17.88 -22.06 19.44
N THR A 66 17.24 -22.69 18.46
CA THR A 66 16.22 -22.04 17.65
C THR A 66 14.90 -22.17 18.39
N LEU A 67 13.86 -21.52 17.89
CA LEU A 67 12.56 -21.56 18.55
C LEU A 67 12.01 -22.98 18.50
N ILE A 68 12.07 -23.59 17.31
CA ILE A 68 11.54 -24.93 17.10
C ILE A 68 12.25 -26.00 17.97
N ASP A 69 13.58 -25.91 18.09
CA ASP A 69 14.31 -26.87 18.90
C ASP A 69 13.98 -26.73 20.37
N ALA A 70 13.66 -25.50 20.79
CA ALA A 70 13.29 -25.25 22.18
C ALA A 70 11.95 -25.88 22.50
N MET A 71 11.00 -25.79 21.56
CA MET A 71 9.68 -26.39 21.69
C MET A 71 9.75 -27.92 21.79
N LEU A 72 10.38 -28.53 20.77
CA LEU A 72 10.49 -29.98 20.68
C LEU A 72 11.14 -30.58 21.92
N GLY A 73 12.07 -29.84 22.51
CA GLY A 73 12.74 -30.27 23.72
C GLY A 73 14.03 -30.98 23.44
N ASP A 74 14.84 -30.37 22.56
CA ASP A 74 16.20 -30.80 22.30
C ASP A 74 16.94 -30.75 23.64
N PRO A 75 17.63 -31.83 24.02
CA PRO A 75 18.30 -31.86 25.33
C PRO A 75 19.09 -30.62 25.70
N HIS A 76 19.91 -30.08 24.80
CA HIS A 76 20.68 -28.87 25.11
C HIS A 76 19.80 -27.60 25.17
N CYS A 77 18.53 -27.74 24.83
CA CYS A 77 17.55 -26.66 24.94
C CYS A 77 16.61 -26.77 26.14
N ASP A 78 16.86 -27.71 27.05
CA ASP A 78 15.99 -27.92 28.22
C ASP A 78 15.75 -26.68 29.08
N ASP A 79 16.67 -25.70 29.04
CA ASP A 79 16.51 -24.46 29.82
C ASP A 79 15.30 -23.62 29.40
N PHE A 80 14.82 -23.79 28.16
CA PHE A 80 13.72 -23.00 27.62
C PHE A 80 12.34 -23.64 27.83
N GLN A 81 12.15 -24.36 28.94
CA GLN A 81 11.00 -25.27 29.04
C GLN A 81 9.63 -24.61 29.08
N TYR A 82 9.31 -23.85 30.13
CA TYR A 82 8.01 -23.17 30.22
C TYR A 82 8.19 -21.69 30.01
N GLU A 83 9.05 -21.35 29.06
CA GLU A 83 9.50 -20.00 28.87
C GLU A 83 8.44 -19.20 28.11
N ASN A 84 8.54 -17.88 28.22
CA ASN A 84 7.72 -16.98 27.42
C ASN A 84 8.50 -15.74 27.06
N TRP A 85 8.00 -15.01 26.07
CA TRP A 85 8.72 -13.86 25.54
C TRP A 85 7.78 -12.89 24.85
N ASP A 86 8.21 -11.64 24.76
CA ASP A 86 7.66 -10.72 23.77
C ASP A 86 8.40 -10.95 22.45
N LEU A 87 9.74 -10.91 22.49
CA LEU A 87 10.55 -11.21 21.31
C LEU A 87 11.61 -12.28 21.59
N PHE A 88 11.63 -13.34 20.77
CA PHE A 88 12.59 -14.44 20.92
C PHE A 88 13.70 -14.27 19.89
N ILE A 89 14.95 -14.15 20.35
CA ILE A 89 16.08 -13.92 19.47
C ILE A 89 16.76 -15.23 19.04
N GLU A 90 16.81 -15.48 17.73
CA GLU A 90 17.51 -16.64 17.19
C GLU A 90 18.88 -16.23 16.65
N ARG A 91 19.92 -16.94 17.07
CA ARG A 91 21.30 -16.61 16.69
C ARG A 91 21.75 -17.42 15.49
N SER A 92 22.48 -16.79 14.57
CA SER A 92 23.05 -17.48 13.41
C SER A 92 23.86 -18.73 13.78
N SER A 93 24.44 -18.73 14.98
CA SER A 93 25.21 -19.87 15.49
C SER A 93 24.40 -20.93 16.24
N ALA A 94 23.07 -20.89 16.15
CA ALA A 94 22.22 -21.91 16.76
C ALA A 94 22.37 -23.22 15.99
N PHE A 95 22.33 -24.35 16.71
CA PHE A 95 22.42 -25.67 16.09
C PHE A 95 21.48 -26.69 16.74
N SER A 96 20.97 -27.62 15.92
CA SER A 96 20.15 -28.74 16.40
C SER A 96 21.06 -29.89 16.83
N ASN A 97 20.73 -30.55 17.93
CA ASN A 97 21.59 -31.57 18.52
C ASN A 97 20.89 -32.85 19.00
N CYS A 98 19.65 -33.07 18.59
CA CYS A 98 18.90 -34.26 18.95
C CYS A 98 18.83 -35.15 17.70
N TYR A 99 17.80 -35.99 17.63
CA TYR A 99 17.58 -36.85 16.47
C TYR A 99 17.36 -35.97 15.23
N PRO A 100 17.88 -36.40 14.05
CA PRO A 100 17.65 -35.62 12.83
C PRO A 100 16.18 -35.59 12.44
N TYR A 101 15.71 -34.42 12.01
CA TYR A 101 14.31 -34.24 11.66
C TYR A 101 14.12 -33.28 10.50
N ASP A 102 12.89 -33.21 10.02
CA ASP A 102 12.47 -32.19 9.08
C ASP A 102 11.01 -31.87 9.40
N ILE A 103 10.56 -30.65 9.07
CA ILE A 103 9.16 -30.27 9.32
C ILE A 103 8.55 -29.66 8.06
N PRO A 104 7.67 -30.41 7.37
CA PRO A 104 6.95 -29.77 6.27
C PRO A 104 6.23 -28.51 6.76
N ASP A 105 6.35 -27.42 5.99
CA ASP A 105 5.84 -26.12 6.42
C ASP A 105 6.44 -25.71 7.79
N TYR A 106 7.78 -25.70 7.85
CA TYR A 106 8.54 -25.37 9.04
C TYR A 106 8.27 -23.94 9.48
N ALA A 107 8.18 -23.03 8.51
CA ALA A 107 7.99 -21.61 8.79
C ALA A 107 6.67 -21.32 9.51
N SER A 108 5.62 -22.05 9.14
CA SER A 108 4.30 -21.84 9.75
C SER A 108 4.29 -22.17 11.25
N LEU A 109 4.84 -23.32 11.62
CA LEU A 109 4.93 -23.70 13.03
C LEU A 109 5.80 -22.72 13.82
N ARG A 110 6.88 -22.24 13.21
CA ARG A 110 7.75 -21.26 13.85
C ARG A 110 6.99 -19.97 14.14
N SER A 111 6.20 -19.54 13.16
CA SER A 111 5.39 -18.34 13.28
C SER A 111 4.35 -18.46 14.37
N ILE A 112 3.66 -19.60 14.38
CA ILE A 112 2.52 -19.81 15.30
C ILE A 112 2.98 -19.77 16.76
N VAL A 113 4.07 -20.47 17.06
CA VAL A 113 4.62 -20.49 18.42
C VAL A 113 5.14 -19.10 18.80
N ALA A 114 5.86 -18.46 17.87
CA ALA A 114 6.39 -17.12 18.08
C ALA A 114 5.29 -16.13 18.48
N SER A 115 4.13 -16.27 17.85
CA SER A 115 3.02 -15.37 18.11
C SER A 115 2.41 -15.63 19.47
N SER A 116 2.17 -16.91 19.76
CA SER A 116 1.68 -17.35 21.07
C SER A 116 2.60 -16.88 22.21
N GLY A 117 3.89 -16.76 21.92
CA GLY A 117 4.84 -16.18 22.87
C GLY A 117 5.09 -16.98 24.13
N THR A 118 4.74 -18.27 24.13
CA THR A 118 4.87 -19.09 25.32
C THR A 118 5.09 -20.56 24.94
N LEU A 119 5.92 -21.25 25.73
CA LEU A 119 6.09 -22.70 25.60
C LEU A 119 5.47 -23.43 26.80
N GLU A 120 4.33 -22.92 27.27
CA GLU A 120 3.60 -23.52 28.38
C GLU A 120 3.02 -24.85 27.90
N PHE A 121 3.65 -25.94 28.36
CA PHE A 121 3.29 -27.28 27.95
C PHE A 121 2.61 -27.99 29.11
N THR A 122 1.49 -28.64 28.82
CA THR A 122 0.83 -29.49 29.79
C THR A 122 0.83 -30.89 29.24
N ALA A 123 1.22 -31.85 30.07
CA ALA A 123 1.27 -33.26 29.67
C ALA A 123 -0.07 -33.94 29.97
N GLU A 124 -0.43 -34.91 29.14
CA GLU A 124 -1.69 -35.62 29.31
C GLU A 124 -1.50 -37.12 29.32
N GLY A 125 -2.47 -37.81 29.87
CA GLY A 125 -2.39 -39.25 30.08
C GLY A 125 -2.85 -40.06 28.89
N PHE A 126 -2.17 -39.91 27.76
CA PHE A 126 -2.43 -40.77 26.63
C PHE A 126 -2.15 -42.20 27.07
N THR A 127 -3.12 -43.08 26.85
CA THR A 127 -2.97 -44.48 27.19
C THR A 127 -2.48 -45.22 25.96
N TRP A 128 -1.21 -45.63 26.00
CA TRP A 128 -0.60 -46.41 24.93
C TRP A 128 -0.37 -47.83 25.44
N THR A 129 -1.14 -48.79 24.95
CA THR A 129 -0.99 -50.18 25.42
C THR A 129 -0.37 -51.04 24.34
N GLY A 130 0.36 -52.06 24.77
CA GLY A 130 0.99 -53.01 23.85
C GLY A 130 2.21 -52.49 23.14
N VAL A 131 2.77 -51.40 23.65
CA VAL A 131 3.93 -50.77 23.04
C VAL A 131 4.91 -50.36 24.13
N THR A 132 6.18 -50.31 23.80
CA THR A 132 7.17 -49.77 24.74
C THR A 132 7.36 -48.30 24.41
N GLN A 133 7.30 -47.46 25.45
CA GLN A 133 7.40 -46.01 25.28
C GLN A 133 8.81 -45.52 25.62
N ASN A 134 9.09 -44.29 25.21
CA ASN A 134 10.33 -43.57 25.54
C ASN A 134 11.55 -44.08 24.80
N GLY A 135 11.41 -44.27 23.50
CA GLY A 135 12.56 -44.62 22.65
C GLY A 135 13.56 -43.49 22.61
N GLY A 136 14.84 -43.83 22.48
CA GLY A 136 15.91 -42.85 22.52
C GLY A 136 17.00 -43.15 21.51
N SER A 137 18.03 -42.31 21.49
CA SER A 137 19.07 -42.41 20.49
C SER A 137 20.39 -41.82 20.98
N GLY A 138 21.50 -42.35 20.45
CA GLY A 138 22.83 -41.79 20.69
C GLY A 138 23.05 -40.45 20.00
N ALA A 139 22.21 -40.18 18.99
CA ALA A 139 22.19 -38.89 18.31
C ALA A 139 21.59 -37.78 19.18
N CYS A 140 20.91 -38.16 20.26
CA CYS A 140 20.24 -37.20 21.14
C CYS A 140 20.55 -37.54 22.60
N LYS A 141 21.75 -37.20 23.05
CA LYS A 141 22.19 -37.56 24.39
C LYS A 141 21.74 -36.55 25.43
N ARG A 142 21.22 -37.05 26.55
CA ARG A 142 20.88 -36.23 27.71
C ARG A 142 21.74 -36.73 28.86
N GLY A 143 22.79 -35.99 29.15
CA GLY A 143 23.91 -36.53 29.92
C GLY A 143 24.63 -37.49 29.00
N SER A 144 25.09 -38.60 29.57
CA SER A 144 25.82 -39.61 28.81
C SER A 144 24.89 -40.67 28.23
N ALA A 145 23.59 -40.58 28.52
CA ALA A 145 22.62 -41.61 28.14
C ALA A 145 21.84 -41.25 26.88
N ASP A 146 21.45 -42.27 26.13
CA ASP A 146 20.61 -42.09 24.95
C ASP A 146 19.28 -41.46 25.40
N SER A 147 18.78 -40.52 24.61
CA SER A 147 17.54 -39.81 24.95
C SER A 147 16.80 -39.36 23.68
N PHE A 148 15.87 -38.42 23.83
CA PHE A 148 15.04 -37.99 22.71
C PHE A 148 14.56 -36.57 22.95
N PHE A 149 13.80 -36.03 22.00
CA PHE A 149 13.07 -34.79 22.22
C PHE A 149 12.15 -35.00 23.42
N SER A 150 12.14 -34.04 24.35
CA SER A 150 11.39 -34.22 25.60
C SER A 150 9.87 -34.21 25.40
N ARG A 151 9.37 -33.33 24.54
CA ARG A 151 7.92 -33.23 24.32
C ARG A 151 7.35 -34.33 23.40
N LEU A 152 8.24 -35.16 22.83
CA LEU A 152 7.83 -36.26 21.95
C LEU A 152 8.08 -37.62 22.60
N ASN A 153 7.33 -38.63 22.17
CA ASN A 153 7.39 -39.98 22.74
C ASN A 153 7.56 -41.02 21.63
N TRP A 154 8.73 -41.62 21.53
CA TRP A 154 9.04 -42.56 20.46
C TRP A 154 8.60 -43.96 20.89
N LEU A 155 7.53 -44.46 20.28
CA LEU A 155 6.95 -45.75 20.62
C LEU A 155 7.54 -46.87 19.76
N THR A 156 7.79 -48.03 20.36
CA THR A 156 8.19 -49.23 19.63
C THR A 156 7.40 -50.43 20.11
N LYS A 157 7.54 -51.55 19.40
CA LYS A 157 6.82 -52.79 19.72
C LYS A 157 7.11 -53.29 21.13
N SER A 158 6.08 -53.79 21.80
CA SER A 158 6.26 -54.52 23.06
C SER A 158 6.02 -56.00 22.80
N GLY A 159 6.81 -56.83 23.49
CA GLY A 159 6.82 -58.25 23.26
C GLY A 159 7.25 -58.49 21.83
N ASN A 160 6.31 -58.94 21.00
CA ASN A 160 6.59 -59.26 19.62
C ASN A 160 5.56 -58.69 18.65
N SER A 161 4.85 -57.64 19.08
CA SER A 161 3.80 -57.02 18.27
C SER A 161 3.59 -55.54 18.59
N TYR A 162 2.86 -54.89 17.69
CA TYR A 162 2.57 -53.47 17.76
C TYR A 162 1.12 -53.30 17.31
N PRO A 163 0.22 -52.97 18.24
CA PRO A 163 -1.19 -52.97 17.91
C PRO A 163 -1.59 -51.80 17.00
N ILE A 164 -2.82 -51.82 16.51
CA ILE A 164 -3.43 -50.66 15.90
C ILE A 164 -3.85 -49.75 17.05
N LEU A 165 -3.01 -48.77 17.37
CA LEU A 165 -3.27 -47.87 18.49
C LEU A 165 -4.48 -46.97 18.16
N ASN A 166 -5.34 -46.80 19.15
CA ASN A 166 -6.59 -46.07 18.99
C ASN A 166 -6.86 -45.26 20.26
N VAL A 167 -6.30 -44.06 20.33
CA VAL A 167 -6.35 -43.23 21.53
C VAL A 167 -7.07 -41.91 21.27
N THR A 168 -7.82 -41.44 22.27
CA THR A 168 -8.50 -40.15 22.18
C THR A 168 -8.05 -39.21 23.29
N MET A 169 -8.40 -37.93 23.13
CA MET A 169 -8.07 -36.91 24.10
C MET A 169 -8.94 -35.69 23.79
N PRO A 170 -10.01 -35.48 24.59
CA PRO A 170 -10.92 -34.40 24.28
C PRO A 170 -10.47 -33.07 24.87
N ASN A 171 -10.52 -32.02 24.06
CA ASN A 171 -10.22 -30.67 24.50
C ASN A 171 -11.42 -30.02 25.21
N ASN A 172 -11.49 -30.19 26.52
CA ASN A 172 -12.54 -29.60 27.34
C ASN A 172 -12.08 -28.29 27.97
N LYS A 173 -11.42 -27.44 27.18
CA LYS A 173 -10.83 -26.22 27.68
C LYS A 173 -11.38 -25.04 26.89
N ASN A 174 -11.05 -23.85 27.35
CA ASN A 174 -11.51 -22.61 26.72
C ASN A 174 -10.56 -22.06 25.64
N PHE A 175 -9.45 -22.76 25.38
CA PHE A 175 -8.46 -22.33 24.37
C PHE A 175 -8.11 -23.42 23.34
N ASP A 176 -7.44 -23.01 22.27
CA ASP A 176 -6.95 -23.95 21.27
C ASP A 176 -5.75 -24.70 21.82
N LYS A 177 -5.75 -26.03 21.66
CA LYS A 177 -4.59 -26.85 22.02
C LYS A 177 -3.72 -27.11 20.81
N LEU A 178 -2.41 -26.89 20.96
CA LEU A 178 -1.44 -27.24 19.91
C LEU A 178 -0.75 -28.57 20.23
N TYR A 179 -0.90 -29.55 19.34
CA TYR A 179 -0.29 -30.86 19.52
C TYR A 179 0.85 -31.08 18.51
N ILE A 180 2.06 -31.33 19.02
CA ILE A 180 3.18 -31.68 18.16
C ILE A 180 3.38 -33.18 18.17
N TRP A 181 3.30 -33.80 16.99
CA TRP A 181 3.52 -35.23 16.85
C TRP A 181 4.41 -35.51 15.65
N GLY A 182 4.72 -36.79 15.41
CA GLY A 182 5.58 -37.14 14.28
C GLY A 182 5.45 -38.56 13.77
N ILE A 183 6.26 -38.89 12.78
CA ILE A 183 6.33 -40.23 12.23
C ILE A 183 7.80 -40.59 12.03
N HIS A 184 8.16 -41.85 12.27
CA HIS A 184 9.55 -42.27 12.13
C HIS A 184 9.77 -42.99 10.80
N HIS A 185 10.87 -42.66 10.12
CA HIS A 185 11.23 -43.28 8.84
C HIS A 185 12.50 -44.12 9.01
N PRO A 186 12.37 -45.46 9.09
CA PRO A 186 13.57 -46.29 9.24
C PRO A 186 14.45 -46.34 7.98
N SER A 187 15.65 -46.90 8.13
CA SER A 187 16.61 -46.98 7.04
C SER A 187 16.53 -48.30 6.24
N SER A 188 15.78 -49.28 6.74
CA SER A 188 15.58 -50.54 5.99
C SER A 188 14.34 -51.30 6.43
N ASN A 189 13.93 -52.27 5.61
CA ASN A 189 12.80 -53.15 5.94
C ASN A 189 13.09 -54.04 7.14
N LYS A 190 14.36 -54.38 7.33
CA LYS A 190 14.78 -55.06 8.54
C LYS A 190 14.42 -54.18 9.74
N GLU A 191 14.86 -52.92 9.71
CA GLU A 191 14.61 -51.99 10.82
C GLU A 191 13.12 -51.64 10.97
N GLN A 192 12.39 -51.55 9.85
CA GLN A 192 10.94 -51.32 9.90
C GLN A 192 10.23 -52.46 10.64
N THR A 193 10.52 -53.69 10.24
CA THR A 193 9.91 -54.87 10.90
C THR A 193 10.51 -55.15 12.28
N LYS A 194 11.73 -54.68 12.55
CA LYS A 194 12.37 -54.88 13.85
C LYS A 194 11.68 -54.06 14.94
N LEU A 195 11.52 -52.76 14.68
CA LEU A 195 10.94 -51.84 15.67
C LEU A 195 9.42 -51.92 15.78
N TYR A 196 8.73 -52.12 14.65
CA TYR A 196 7.27 -52.00 14.62
C TYR A 196 6.52 -53.23 14.11
N ILE A 197 7.22 -54.28 13.69
CA ILE A 197 6.60 -55.53 13.23
C ILE A 197 5.91 -55.38 11.87
N GLN A 198 4.88 -54.55 11.80
CA GLN A 198 4.16 -54.29 10.56
C GLN A 198 5.14 -53.81 9.48
N GLU A 199 5.03 -54.37 8.28
CA GLU A 199 5.91 -54.04 7.17
C GLU A 199 5.70 -52.62 6.64
N SER A 200 4.49 -52.09 6.85
CA SER A 200 4.11 -50.77 6.36
C SER A 200 3.44 -49.96 7.48
N GLY A 201 4.16 -48.96 8.00
CA GLY A 201 3.61 -48.06 9.01
C GLY A 201 2.58 -47.08 8.46
N ARG A 202 1.99 -46.31 9.38
CA ARG A 202 0.94 -45.34 9.06
C ARG A 202 0.57 -44.56 10.32
N VAL A 203 0.34 -43.26 10.17
CA VAL A 203 -0.08 -42.42 11.27
C VAL A 203 -1.26 -41.57 10.82
N THR A 204 -2.39 -41.68 11.52
CA THR A 204 -3.55 -40.85 11.24
C THR A 204 -3.94 -40.07 12.49
N VAL A 205 -3.81 -38.74 12.40
CA VAL A 205 -4.22 -37.82 13.46
C VAL A 205 -5.41 -37.00 12.99
N SER A 206 -6.51 -37.05 13.73
CA SER A 206 -7.75 -36.43 13.29
C SER A 206 -8.56 -35.76 14.40
N THR A 207 -9.31 -34.74 14.00
CA THR A 207 -10.35 -34.12 14.82
C THR A 207 -11.71 -34.52 14.24
N GLU A 208 -12.77 -33.86 14.68
CA GLU A 208 -14.08 -34.04 14.07
C GLU A 208 -14.17 -33.28 12.75
N ARG A 209 -13.28 -32.31 12.56
CA ARG A 209 -13.29 -31.39 11.42
C ARG A 209 -12.25 -31.74 10.38
N SER A 210 -11.03 -32.03 10.86
CA SER A 210 -9.87 -32.21 10.00
C SER A 210 -9.23 -33.58 10.22
N GLN A 211 -8.32 -33.94 9.31
CA GLN A 211 -7.54 -35.17 9.44
C GLN A 211 -6.26 -35.08 8.65
N GLN A 212 -5.30 -35.92 9.04
CA GLN A 212 -3.99 -35.99 8.42
C GLN A 212 -3.52 -37.42 8.50
N THR A 213 -3.14 -37.99 7.36
CA THR A 213 -2.54 -39.32 7.33
C THR A 213 -1.15 -39.23 6.74
N VAL A 214 -0.20 -39.93 7.35
CA VAL A 214 1.18 -39.90 6.89
C VAL A 214 1.75 -41.30 6.81
N ILE A 215 2.34 -41.63 5.67
CA ILE A 215 3.02 -42.89 5.47
C ILE A 215 4.52 -42.66 5.67
N PRO A 216 5.20 -43.58 6.36
CA PRO A 216 6.65 -43.48 6.44
C PRO A 216 7.31 -43.94 5.14
N ASN A 217 8.62 -43.73 5.04
CA ASN A 217 9.35 -43.96 3.80
C ASN A 217 10.69 -44.59 4.12
N ILE A 218 10.73 -45.91 4.01
CA ILE A 218 11.90 -46.69 4.35
C ILE A 218 12.99 -46.39 3.34
N GLY A 219 14.20 -46.15 3.83
CA GLY A 219 15.31 -45.78 2.95
C GLY A 219 16.38 -45.08 3.74
N SER A 220 17.64 -45.30 3.35
CA SER A 220 18.77 -44.71 4.05
C SER A 220 18.92 -43.25 3.65
N ARG A 221 19.15 -42.40 4.65
CA ARG A 221 19.52 -41.00 4.44
C ARG A 221 20.97 -40.83 4.90
N PRO A 222 21.55 -39.62 4.74
CA PRO A 222 22.93 -39.45 5.21
C PRO A 222 23.03 -39.33 6.74
N TRP A 223 24.13 -39.83 7.29
CA TRP A 223 24.44 -39.78 8.72
C TRP A 223 24.21 -38.41 9.35
N VAL A 224 23.47 -38.39 10.46
CA VAL A 224 23.47 -37.26 11.37
C VAL A 224 23.64 -37.81 12.79
N ARG A 225 24.80 -37.54 13.38
CA ARG A 225 25.15 -38.04 14.71
C ARG A 225 24.97 -39.55 14.81
N GLY A 226 25.47 -40.25 13.80
CA GLY A 226 25.49 -41.71 13.78
C GLY A 226 24.18 -42.38 13.42
N GLN A 227 23.25 -41.64 12.81
CA GLN A 227 21.95 -42.20 12.45
C GLN A 227 21.50 -41.80 11.05
N SER A 228 21.03 -42.80 10.30
CA SER A 228 20.56 -42.63 8.92
C SER A 228 19.03 -42.55 8.81
N GLY A 229 18.32 -42.76 9.92
CA GLY A 229 16.88 -42.57 9.96
C GLY A 229 16.47 -41.12 10.11
N ARG A 230 15.16 -40.86 10.01
CA ARG A 230 14.60 -39.50 10.12
C ARG A 230 13.23 -39.51 10.80
N ILE A 231 12.86 -38.40 11.43
CA ILE A 231 11.46 -38.15 11.80
C ILE A 231 10.94 -36.89 11.11
N SER A 232 9.68 -36.95 10.66
CA SER A 232 9.01 -35.79 10.09
C SER A 232 7.98 -35.29 11.10
N ILE A 233 8.06 -34.01 11.46
CA ILE A 233 7.21 -33.45 12.50
C ILE A 233 5.96 -32.83 11.88
N TYR A 234 4.85 -33.00 12.58
CA TYR A 234 3.57 -32.46 12.15
C TYR A 234 2.87 -31.87 13.35
N TRP A 235 1.84 -31.08 13.09
CA TRP A 235 1.04 -30.55 14.18
C TRP A 235 -0.47 -30.54 13.87
N THR A 236 -1.24 -30.51 14.94
CA THR A 236 -2.69 -30.45 14.86
C THR A 236 -3.16 -29.53 15.96
N ILE A 237 -3.93 -28.51 15.59
CA ILE A 237 -4.56 -27.63 16.55
C ILE A 237 -5.96 -28.18 16.82
N VAL A 238 -6.39 -28.13 18.08
CA VAL A 238 -7.67 -28.70 18.49
C VAL A 238 -8.50 -27.67 19.24
N LYS A 239 -9.72 -27.43 18.76
CA LYS A 239 -10.54 -26.35 19.29
C LYS A 239 -11.35 -26.82 20.49
N PRO A 240 -11.73 -25.87 21.36
CA PRO A 240 -12.65 -26.14 22.46
C PRO A 240 -13.88 -26.93 22.01
N GLY A 241 -14.15 -28.05 22.68
CA GLY A 241 -15.30 -28.89 22.35
C GLY A 241 -15.00 -30.01 21.36
N ASP A 242 -13.85 -29.93 20.69
CA ASP A 242 -13.44 -30.94 19.72
C ASP A 242 -12.73 -32.10 20.45
N ILE A 243 -12.22 -33.06 19.70
CA ILE A 243 -11.57 -34.23 20.29
C ILE A 243 -10.49 -34.78 19.35
N LEU A 244 -9.26 -34.84 19.86
CA LEU A 244 -8.11 -35.35 19.09
C LEU A 244 -8.09 -36.86 19.16
N MET A 245 -8.06 -37.51 18.00
CA MET A 245 -7.89 -38.97 17.93
C MET A 245 -6.62 -39.33 17.16
N ILE A 246 -5.97 -40.40 17.60
CA ILE A 246 -4.71 -40.85 17.02
C ILE A 246 -4.80 -42.36 16.76
N ASN A 247 -4.61 -42.74 15.50
CA ASN A 247 -4.71 -44.14 15.08
C ASN A 247 -3.49 -44.52 14.25
N SER A 248 -2.71 -45.46 14.74
CA SER A 248 -1.48 -45.89 14.06
C SER A 248 -1.09 -47.34 14.36
N ASN A 249 -0.65 -48.03 13.32
CA ASN A 249 -0.17 -49.41 13.46
C ASN A 249 1.35 -49.49 13.34
N GLY A 250 2.03 -48.34 13.35
CA GLY A 250 3.47 -48.31 13.28
C GLY A 250 4.07 -46.94 13.06
N ASN A 251 5.31 -46.78 13.51
CA ASN A 251 6.13 -45.60 13.26
C ASN A 251 5.69 -44.31 13.96
N LEU A 252 4.69 -44.37 14.84
CA LEU A 252 4.19 -43.17 15.51
C LEU A 252 5.25 -42.63 16.45
N VAL A 253 5.53 -41.34 16.31
CA VAL A 253 6.27 -40.57 17.30
C VAL A 253 5.24 -39.75 18.06
N ALA A 254 4.83 -40.26 19.22
CA ALA A 254 3.65 -39.77 19.90
C ALA A 254 3.83 -38.43 20.62
N PRO A 255 2.72 -37.68 20.78
CA PRO A 255 2.72 -36.50 21.63
C PRO A 255 2.64 -36.85 23.12
N ARG A 256 3.09 -35.94 23.97
CA ARG A 256 3.02 -36.13 25.43
C ARG A 256 1.97 -35.24 26.07
N GLY A 257 1.40 -34.31 25.30
CA GLY A 257 0.43 -33.34 25.80
C GLY A 257 0.29 -32.18 24.82
N TYR A 258 -0.14 -31.03 25.32
CA TYR A 258 -0.40 -29.89 24.44
C TYR A 258 0.35 -28.63 24.83
N PHE A 259 0.56 -27.77 23.84
CA PHE A 259 0.97 -26.40 24.06
C PHE A 259 -0.25 -25.50 24.06
N LYS A 260 -0.34 -24.65 25.07
CA LYS A 260 -1.42 -23.68 25.19
C LYS A 260 -1.19 -22.53 24.22
N LEU A 261 -2.08 -22.40 23.24
CA LEU A 261 -1.97 -21.34 22.24
C LEU A 261 -2.56 -20.05 22.79
N ARG A 262 -2.01 -18.93 22.33
CA ARG A 262 -2.51 -17.62 22.69
C ARG A 262 -2.54 -16.71 21.47
N THR A 263 -3.51 -15.80 21.45
CA THR A 263 -3.45 -14.65 20.57
C THR A 263 -2.64 -13.64 21.35
N GLY A 264 -1.42 -13.39 20.91
CA GLY A 264 -0.48 -12.57 21.66
C GLY A 264 0.26 -11.62 20.75
N LYS A 265 1.01 -10.70 21.36
CA LYS A 265 1.69 -9.66 20.62
C LYS A 265 3.18 -9.98 20.52
N SER A 266 3.51 -11.27 20.60
CA SER A 266 4.89 -11.73 20.64
C SER A 266 5.41 -12.13 19.26
N SER A 267 6.73 -12.21 19.13
CA SER A 267 7.37 -12.55 17.85
C SER A 267 8.75 -13.18 18.02
N VAL A 268 9.38 -13.47 16.87
CA VAL A 268 10.72 -14.06 16.83
C VAL A 268 11.56 -13.25 15.83
N MET A 269 12.84 -13.07 16.14
CA MET A 269 13.71 -12.26 15.30
C MET A 269 15.07 -12.92 15.13
N ARG A 270 15.64 -12.78 13.94
CA ARG A 270 16.98 -13.27 13.68
C ARG A 270 17.96 -12.10 13.88
N SER A 271 18.92 -12.28 14.78
CA SER A 271 19.90 -11.23 15.04
C SER A 271 21.10 -11.79 15.78
N ASP A 272 22.26 -11.20 15.52
CA ASP A 272 23.48 -11.53 16.25
C ASP A 272 23.92 -10.38 17.15
N ALA A 273 23.03 -9.41 17.36
CA ALA A 273 23.32 -8.26 18.21
C ALA A 273 23.44 -8.66 19.67
N LEU A 274 24.27 -7.93 20.41
CA LEU A 274 24.35 -8.10 21.86
C LEU A 274 23.08 -7.56 22.53
N ILE A 275 22.70 -8.15 23.66
CA ILE A 275 21.51 -7.75 24.40
C ILE A 275 21.89 -7.27 25.79
N ASP A 276 21.75 -5.96 26.05
CA ASP A 276 22.24 -5.35 27.29
C ASP A 276 21.20 -4.39 27.89
N THR A 277 21.43 -4.02 29.15
CA THR A 277 20.65 -3.00 29.85
C THR A 277 20.67 -1.67 29.10
N CYS A 278 19.53 -1.30 28.54
CA CYS A 278 19.28 0.06 28.06
C CYS A 278 17.78 0.24 27.87
N VAL A 279 17.34 1.39 27.36
CA VAL A 279 15.92 1.62 27.12
C VAL A 279 15.66 2.08 25.69
N SER A 280 14.68 1.45 25.06
CA SER A 280 14.27 1.80 23.70
C SER A 280 13.04 0.99 23.34
N GLU A 281 12.06 1.62 22.72
CA GLU A 281 10.79 0.96 22.37
C GLU A 281 10.77 0.36 20.96
N CYS A 282 11.92 0.30 20.28
CA CYS A 282 11.99 -0.30 18.95
C CYS A 282 13.17 -1.23 18.87
N ILE A 283 12.99 -2.40 18.25
CA ILE A 283 14.05 -3.38 18.08
C ILE A 283 14.21 -3.78 16.62
N THR A 284 15.45 -3.91 16.17
CA THR A 284 15.77 -4.40 14.83
C THR A 284 16.88 -5.43 14.96
N PRO A 285 17.17 -6.16 13.86
CA PRO A 285 18.36 -7.01 13.87
C PRO A 285 19.69 -6.27 14.14
N ASN A 286 19.74 -4.97 13.84
CA ASN A 286 20.97 -4.18 14.02
C ASN A 286 21.19 -3.71 15.46
N GLY A 287 20.19 -3.86 16.31
CA GLY A 287 20.18 -3.23 17.62
C GLY A 287 18.90 -2.41 17.74
N SER A 288 18.63 -1.92 18.94
CA SER A 288 17.48 -1.05 19.18
C SER A 288 17.75 0.36 18.62
N ILE A 289 16.69 1.04 18.22
CA ILE A 289 16.79 2.43 17.77
C ILE A 289 15.76 3.29 18.49
N PRO A 290 16.07 4.59 18.68
CA PRO A 290 15.06 5.49 19.26
C PRO A 290 13.93 5.76 18.26
N ASN A 291 12.79 6.25 18.75
CA ASN A 291 11.61 6.43 17.91
C ASN A 291 11.07 7.85 17.91
N ASP A 292 11.94 8.81 18.19
CA ASP A 292 11.57 10.22 18.16
C ASP A 292 11.31 10.72 16.72
N LYS A 293 11.92 10.07 15.74
CA LYS A 293 11.71 10.43 14.35
C LYS A 293 10.59 9.58 13.75
N PRO A 294 9.85 10.14 12.78
CA PRO A 294 8.79 9.42 12.10
C PRO A 294 9.30 8.28 11.22
N PHE A 295 10.49 8.42 10.65
CA PHE A 295 11.01 7.44 9.68
C PHE A 295 12.35 6.85 10.10
N GLN A 296 12.74 5.77 9.43
CA GLN A 296 14.06 5.18 9.64
C GLN A 296 14.57 4.49 8.38
N ASN A 297 15.88 4.29 8.35
CA ASN A 297 16.56 3.65 7.25
C ASN A 297 17.53 2.58 7.72
N VAL A 298 17.36 2.10 8.96
CA VAL A 298 18.26 1.11 9.56
C VAL A 298 17.94 -0.31 9.06
N ASN A 299 16.70 -0.76 9.32
CA ASN A 299 16.24 -2.10 8.88
C ASN A 299 14.73 -2.18 8.72
N LYS A 300 14.28 -2.90 7.70
CA LYS A 300 12.85 -3.12 7.49
C LYS A 300 12.23 -4.16 8.46
N ILE A 301 13.07 -4.99 9.07
CA ILE A 301 12.63 -5.91 10.12
C ILE A 301 12.62 -5.18 11.45
N THR A 302 11.47 -5.20 12.13
CA THR A 302 11.29 -4.43 13.36
C THR A 302 10.28 -5.05 14.31
N TYR A 303 10.41 -4.70 15.59
CA TYR A 303 9.44 -5.07 16.63
C TYR A 303 9.31 -3.91 17.62
N GLY A 304 8.08 -3.46 17.86
CA GLY A 304 7.80 -2.43 18.87
C GLY A 304 7.19 -1.17 18.28
N LYS A 305 7.32 -0.05 19.02
CA LYS A 305 6.93 1.28 18.55
C LYS A 305 8.04 1.85 17.68
N CYS A 306 7.96 1.60 16.37
CA CYS A 306 9.07 1.88 15.47
C CYS A 306 8.75 2.92 14.42
N PRO A 307 9.73 3.77 14.08
CA PRO A 307 9.58 4.57 12.88
C PRO A 307 9.35 3.67 11.66
N LYS A 308 8.76 4.21 10.61
CA LYS A 308 8.47 3.42 9.43
C LYS A 308 9.69 3.38 8.55
N TYR A 309 9.99 2.20 8.00
CA TYR A 309 11.19 2.04 7.17
C TYR A 309 10.98 2.65 5.78
N ILE A 310 11.95 3.46 5.35
CA ILE A 310 11.97 4.04 3.99
C ILE A 310 13.37 3.98 3.37
N ARG A 311 13.43 4.16 2.05
CA ARG A 311 14.68 4.04 1.29
C ARG A 311 15.69 5.10 1.72
N GLN A 312 15.24 6.35 1.73
CA GLN A 312 16.08 7.52 1.99
C GLN A 312 16.78 7.43 3.34
N ASN A 313 18.05 7.85 3.38
CA ASN A 313 18.84 7.87 4.61
C ASN A 313 18.78 9.21 5.34
N THR A 314 18.17 10.22 4.71
CA THR A 314 18.08 11.55 5.29
C THR A 314 16.95 12.38 4.67
N LEU A 315 16.22 13.11 5.53
CA LEU A 315 15.13 13.98 5.12
C LEU A 315 14.99 15.10 6.13
N LYS A 316 15.35 16.31 5.72
CA LYS A 316 15.42 17.44 6.64
C LYS A 316 14.18 18.30 6.53
N LEU A 317 13.47 18.42 7.65
CA LEU A 317 12.30 19.29 7.79
C LEU A 317 12.72 20.65 8.32
N ALA A 318 12.45 21.70 7.57
CA ALA A 318 12.75 23.07 8.01
C ALA A 318 12.01 23.40 9.30
N THR A 319 12.73 23.97 10.27
CA THR A 319 12.13 24.44 11.52
C THR A 319 12.33 25.93 11.70
N GLY A 320 12.65 26.61 10.61
CA GLY A 320 12.87 28.04 10.63
C GLY A 320 12.74 28.67 9.26
N MET A 321 12.76 29.99 9.26
CA MET A 321 12.62 30.76 8.03
C MET A 321 13.84 30.63 7.12
N ARG A 322 13.68 31.15 5.90
CA ARG A 322 14.75 31.29 4.93
C ARG A 322 15.91 32.08 5.53
N ASN A 323 17.14 31.61 5.32
CA ASN A 323 18.33 32.26 5.87
C ASN A 323 19.00 33.12 4.83
N VAL A 324 19.00 34.43 5.07
CA VAL A 324 19.50 35.43 4.12
C VAL A 324 20.47 36.35 4.83
N PRO A 325 21.77 36.03 4.80
CA PRO A 325 22.77 36.93 5.40
C PRO A 325 23.25 38.00 4.42
N GLU A 326 24.06 38.93 4.92
CA GLU A 326 24.59 40.02 4.10
C GLU A 326 25.53 39.46 3.04
N GLY B 1 9.63 32.80 -0.59
CA GLY B 1 8.64 33.81 -0.11
C GLY B 1 7.56 34.11 -1.14
N ILE B 2 6.32 33.74 -0.82
CA ILE B 2 5.17 34.00 -1.69
C ILE B 2 4.66 35.46 -1.62
N PHE B 3 5.00 36.17 -0.53
CA PHE B 3 4.74 37.61 -0.41
C PHE B 3 5.93 38.49 -0.82
N GLY B 4 7.11 37.89 -0.93
CA GLY B 4 8.30 38.58 -1.40
C GLY B 4 8.82 39.59 -0.41
N ALA B 5 8.79 39.24 0.87
CA ALA B 5 9.31 40.07 1.93
C ALA B 5 10.68 39.54 2.30
N ILE B 6 10.69 38.33 2.85
CA ILE B 6 11.93 37.66 3.16
C ILE B 6 12.53 37.23 1.83
N ALA B 7 13.78 37.62 1.58
CA ALA B 7 14.45 37.36 0.31
C ALA B 7 13.77 38.07 -0.88
N GLY B 8 13.06 39.17 -0.60
CA GLY B 8 12.39 39.95 -1.62
C GLY B 8 12.67 41.42 -1.40
N PHE B 9 11.66 42.21 -1.04
CA PHE B 9 11.87 43.65 -0.82
C PHE B 9 12.69 43.93 0.44
N ILE B 10 12.77 42.97 1.36
CA ILE B 10 13.72 43.06 2.47
C ILE B 10 14.98 42.33 2.05
N GLU B 11 16.09 43.07 2.01
CA GLU B 11 17.31 42.64 1.35
C GLU B 11 18.00 41.48 2.06
N ASN B 12 18.07 41.54 3.39
CA ASN B 12 18.62 40.43 4.16
C ASN B 12 18.14 40.37 5.61
N GLY B 13 18.50 39.29 6.29
CA GLY B 13 18.23 39.13 7.70
C GLY B 13 19.28 39.80 8.56
N TRP B 14 18.99 39.91 9.85
CA TRP B 14 19.87 40.55 10.81
C TRP B 14 20.47 39.48 11.73
N GLU B 15 21.75 39.18 11.54
CA GLU B 15 22.43 38.27 12.45
C GLU B 15 22.45 38.84 13.86
N GLY B 16 22.50 40.18 13.98
CA GLY B 16 22.51 40.86 15.26
C GLY B 16 21.25 40.78 16.11
N MET B 17 20.15 40.27 15.55
CA MET B 17 18.93 40.06 16.33
C MET B 17 18.87 38.63 16.83
N VAL B 18 19.10 38.46 18.13
CA VAL B 18 19.30 37.14 18.72
C VAL B 18 18.25 36.76 19.76
N ASP B 19 17.24 37.60 19.95
CA ASP B 19 16.18 37.31 20.90
C ASP B 19 14.84 37.49 20.24
N GLY B 20 14.77 37.08 18.97
CA GLY B 20 13.55 37.14 18.21
C GLY B 20 13.77 36.93 16.73
N TRP B 21 12.72 36.46 16.07
CA TRP B 21 12.76 36.14 14.65
C TRP B 21 12.46 37.37 13.82
N TYR B 22 11.58 38.23 14.32
CA TYR B 22 11.23 39.47 13.64
C TYR B 22 11.46 40.64 14.58
N GLY B 23 11.46 41.86 14.06
CA GLY B 23 11.58 43.03 14.92
C GLY B 23 11.93 44.32 14.21
N PHE B 24 12.42 45.27 14.99
CA PHE B 24 12.70 46.61 14.50
C PHE B 24 14.17 47.06 14.69
N ARG B 25 14.58 47.99 13.84
CA ARG B 25 15.80 48.78 14.02
C ARG B 25 15.44 50.21 13.65
N TYR B 26 15.88 51.18 14.45
CA TYR B 26 15.43 52.55 14.27
C TYR B 26 16.52 53.57 14.55
N GLN B 27 16.32 54.77 14.01
CA GLN B 27 17.23 55.88 14.19
C GLN B 27 16.40 57.12 14.48
N ASN B 28 16.76 57.83 15.55
CA ASN B 28 15.99 58.99 16.01
C ASN B 28 16.82 59.92 16.91
N SER B 29 16.17 60.93 17.49
CA SER B 29 16.85 61.94 18.31
C SER B 29 17.67 61.38 19.48
N GLU B 30 17.37 60.16 19.93
CA GLU B 30 18.05 59.55 21.08
C GLU B 30 19.15 58.54 20.73
N GLY B 31 19.37 58.31 19.43
CA GLY B 31 20.40 57.38 18.95
C GLY B 31 19.86 56.39 17.94
N THR B 32 20.28 55.13 18.05
CA THR B 32 19.73 54.05 17.24
C THR B 32 19.38 52.88 18.17
N GLY B 33 18.44 52.04 17.73
CA GLY B 33 17.94 50.96 18.58
C GLY B 33 17.43 49.75 17.83
N GLN B 34 17.27 48.65 18.55
CA GLN B 34 16.75 47.40 18.00
C GLN B 34 15.93 46.69 19.08
N ALA B 35 14.78 46.17 18.68
CA ALA B 35 13.97 45.36 19.56
C ALA B 35 13.25 44.29 18.75
N ALA B 36 13.11 43.12 19.35
CA ALA B 36 12.39 42.02 18.72
C ALA B 36 10.90 42.12 18.97
N ASP B 37 10.12 41.79 17.95
CA ASP B 37 8.66 41.73 18.08
C ASP B 37 8.27 40.33 18.55
N LEU B 38 7.95 40.22 19.83
CA LEU B 38 7.63 38.92 20.44
C LEU B 38 6.43 38.23 19.78
N LYS B 39 5.45 39.02 19.35
CA LYS B 39 4.19 38.50 18.90
C LYS B 39 4.27 37.79 17.56
N SER B 40 4.94 38.40 16.60
CA SER B 40 5.11 37.77 15.29
C SER B 40 6.05 36.57 15.38
N THR B 41 7.12 36.70 16.17
CA THR B 41 8.02 35.57 16.42
C THR B 41 7.22 34.37 16.91
N GLN B 42 6.37 34.60 17.90
CA GLN B 42 5.62 33.51 18.51
C GLN B 42 4.60 32.90 17.54
N ALA B 43 4.05 33.72 16.65
CA ALA B 43 3.11 33.23 15.66
C ALA B 43 3.74 32.15 14.75
N ALA B 44 4.96 32.41 14.30
CA ALA B 44 5.68 31.46 13.44
C ALA B 44 6.11 30.24 14.22
N ILE B 45 6.67 30.46 15.40
CA ILE B 45 7.16 29.35 16.18
C ILE B 45 6.01 28.41 16.50
N ASP B 46 4.88 28.98 16.93
CA ASP B 46 3.66 28.18 17.23
C ASP B 46 3.23 27.33 16.02
N GLN B 47 3.27 27.93 14.84
CA GLN B 47 2.87 27.24 13.62
C GLN B 47 3.85 26.14 13.28
N ILE B 48 5.14 26.44 13.42
CA ILE B 48 6.18 25.45 13.14
C ILE B 48 6.13 24.30 14.13
N ASN B 49 5.93 24.61 15.41
CA ASN B 49 5.76 23.57 16.43
C ASN B 49 4.55 22.69 16.21
N GLY B 50 3.49 23.23 15.63
CA GLY B 50 2.31 22.44 15.27
C GLY B 50 2.66 21.32 14.31
N LYS B 51 3.40 21.68 13.25
CA LYS B 51 3.88 20.71 12.26
C LYS B 51 4.76 19.63 12.88
N LEU B 52 5.72 20.05 13.72
CA LEU B 52 6.57 19.13 14.45
C LEU B 52 5.75 18.09 15.19
N ASN B 53 4.76 18.55 15.95
CA ASN B 53 3.93 17.66 16.74
C ASN B 53 3.04 16.75 15.89
N ARG B 54 2.74 17.15 14.66
CA ARG B 54 2.05 16.27 13.72
C ARG B 54 2.96 15.13 13.27
N VAL B 55 4.11 15.46 12.73
CA VAL B 55 4.99 14.44 12.24
C VAL B 55 5.65 13.70 13.41
N ILE B 56 6.49 14.41 14.18
CA ILE B 56 7.36 13.82 15.23
C ILE B 56 6.60 12.82 16.09
N GLU B 57 7.25 11.70 16.38
CA GLU B 57 6.68 10.59 17.15
C GLU B 57 5.14 10.51 17.14
N ARG B 58 4.60 9.96 16.05
CA ARG B 58 3.21 9.53 15.99
C ARG B 58 3.20 8.09 15.51
N THR B 59 4.17 7.32 16.00
CA THR B 59 4.51 6.03 15.42
C THR B 59 3.52 4.94 15.86
N ASN B 60 3.21 4.03 14.93
CA ASN B 60 2.39 2.86 15.25
C ASN B 60 3.19 1.84 16.04
N GLU B 61 2.48 0.85 16.56
CA GLU B 61 3.05 -0.22 17.34
C GLU B 61 2.80 -1.52 16.59
N LYS B 62 3.81 -2.00 15.87
CA LYS B 62 3.71 -3.28 15.17
C LYS B 62 4.44 -4.37 15.94
N PHE B 63 3.93 -5.59 15.84
CA PHE B 63 4.50 -6.74 16.54
C PHE B 63 4.91 -7.81 15.53
N HIS B 64 4.32 -9.01 15.60
CA HIS B 64 4.66 -10.06 14.66
C HIS B 64 4.13 -9.70 13.28
N GLN B 65 4.88 -10.06 12.26
CA GLN B 65 4.56 -9.67 10.88
C GLN B 65 4.96 -10.82 9.94
N ILE B 66 5.27 -10.49 8.69
CA ILE B 66 5.80 -11.47 7.75
C ILE B 66 7.33 -11.44 7.72
N GLU B 67 7.94 -12.52 7.26
CA GLU B 67 9.40 -12.56 7.13
C GLU B 67 9.83 -11.71 5.93
N LYS B 68 11.08 -11.26 5.96
CA LYS B 68 11.60 -10.35 4.91
C LYS B 68 13.02 -10.65 4.42
N GLU B 69 13.69 -11.63 5.04
CA GLU B 69 14.97 -12.17 4.56
C GLU B 69 14.81 -13.68 4.50
N PHE B 70 15.54 -14.35 3.60
CA PHE B 70 15.35 -15.79 3.40
C PHE B 70 16.66 -16.53 3.07
N SER B 71 16.75 -17.77 3.52
CA SER B 71 17.93 -18.62 3.28
C SER B 71 17.73 -19.43 2.02
N GLU B 72 16.70 -20.28 2.03
CA GLU B 72 16.37 -21.15 0.91
C GLU B 72 15.59 -20.37 -0.13
N VAL B 73 15.85 -20.66 -1.40
CA VAL B 73 15.03 -20.17 -2.50
C VAL B 73 13.75 -21.00 -2.50
N GLU B 74 12.62 -20.40 -2.88
CA GLU B 74 11.32 -21.08 -2.74
C GLU B 74 10.32 -20.88 -3.86
N GLY B 75 10.31 -19.70 -4.47
CA GLY B 75 9.45 -19.42 -5.61
C GLY B 75 8.26 -18.55 -5.25
N ARG B 76 7.09 -18.98 -5.71
CA ARG B 76 5.87 -18.18 -5.77
C ARG B 76 5.54 -17.36 -4.52
N ILE B 77 5.42 -18.01 -3.38
CA ILE B 77 4.93 -17.29 -2.21
C ILE B 77 6.04 -16.43 -1.56
N GLN B 78 7.30 -16.84 -1.67
CA GLN B 78 8.42 -15.98 -1.28
C GLN B 78 8.52 -14.77 -2.22
N ASP B 79 8.21 -14.97 -3.50
CA ASP B 79 8.18 -13.86 -4.45
C ASP B 79 7.15 -12.84 -4.00
N LEU B 80 6.02 -13.34 -3.52
CA LEU B 80 4.93 -12.49 -3.07
C LEU B 80 5.31 -11.73 -1.82
N GLU B 81 5.79 -12.45 -0.81
CA GLU B 81 6.22 -11.83 0.45
C GLU B 81 7.25 -10.71 0.23
N LYS B 82 8.09 -10.87 -0.79
CA LYS B 82 9.09 -9.86 -1.13
C LYS B 82 8.45 -8.69 -1.85
N TYR B 83 7.59 -9.00 -2.82
CA TYR B 83 6.94 -7.96 -3.59
C TYR B 83 6.09 -7.05 -2.69
N VAL B 84 5.46 -7.62 -1.68
CA VAL B 84 4.59 -6.86 -0.79
C VAL B 84 5.40 -5.88 0.07
N GLU B 85 6.45 -6.35 0.70
CA GLU B 85 7.30 -5.47 1.52
C GLU B 85 7.96 -4.40 0.65
N ASP B 86 8.35 -4.77 -0.57
CA ASP B 86 8.94 -3.81 -1.49
C ASP B 86 7.93 -2.74 -1.90
N THR B 87 6.71 -3.17 -2.22
CA THR B 87 5.63 -2.27 -2.57
C THR B 87 5.32 -1.29 -1.43
N LYS B 88 5.22 -1.83 -0.22
CA LYS B 88 4.94 -1.01 0.96
C LYS B 88 5.99 0.06 1.16
N ILE B 89 7.25 -0.37 1.17
CA ILE B 89 8.37 0.53 1.41
C ILE B 89 8.42 1.66 0.38
N ASP B 90 8.19 1.35 -0.89
CA ASP B 90 8.22 2.37 -1.94
C ASP B 90 7.16 3.44 -1.72
N LEU B 91 5.96 3.04 -1.29
CA LEU B 91 4.88 4.00 -1.06
C LEU B 91 5.18 4.92 0.11
N TRP B 92 5.69 4.35 1.20
CA TRP B 92 6.07 5.15 2.36
C TRP B 92 7.27 6.04 2.06
N SER B 93 8.11 5.61 1.11
CA SER B 93 9.22 6.44 0.68
C SER B 93 8.71 7.63 -0.12
N TYR B 94 7.66 7.43 -0.91
CA TYR B 94 7.02 8.53 -1.63
C TYR B 94 6.40 9.51 -0.63
N ASN B 95 5.66 8.96 0.33
CA ASN B 95 4.98 9.77 1.33
C ASN B 95 5.92 10.69 2.09
N ALA B 96 7.07 10.16 2.47
CA ALA B 96 8.05 10.95 3.21
C ALA B 96 8.71 11.99 2.31
N GLU B 97 8.90 11.66 1.03
CA GLU B 97 9.53 12.59 0.10
C GLU B 97 8.64 13.78 -0.15
N LEU B 98 7.35 13.52 -0.35
CA LEU B 98 6.37 14.58 -0.57
C LEU B 98 6.14 15.38 0.72
N LEU B 99 5.86 14.66 1.81
CA LEU B 99 5.63 15.30 3.11
C LEU B 99 6.63 16.42 3.38
N VAL B 100 7.91 16.07 3.35
CA VAL B 100 8.96 17.05 3.60
C VAL B 100 8.91 18.19 2.59
N ALA B 101 8.75 17.86 1.32
CA ALA B 101 8.75 18.87 0.26
C ALA B 101 7.61 19.88 0.43
N LEU B 102 6.40 19.41 0.75
CA LEU B 102 5.25 20.28 0.99
C LEU B 102 5.42 21.15 2.24
N GLU B 103 5.82 20.52 3.33
CA GLU B 103 5.98 21.24 4.58
C GLU B 103 6.97 22.39 4.42
N ASN B 104 8.15 22.10 3.87
CA ASN B 104 9.20 23.12 3.72
C ASN B 104 8.79 24.28 2.84
N GLN B 105 8.07 24.01 1.76
CA GLN B 105 7.54 25.08 0.94
C GLN B 105 6.61 25.92 1.80
N HIS B 106 5.78 25.24 2.60
CA HIS B 106 4.83 25.94 3.44
C HIS B 106 5.53 26.69 4.57
N THR B 107 6.52 26.06 5.19
CA THR B 107 7.28 26.69 6.27
C THR B 107 7.93 27.99 5.80
N ILE B 108 8.47 27.98 4.60
CA ILE B 108 9.06 29.19 4.01
C ILE B 108 7.98 30.25 3.77
N ASP B 109 6.87 29.84 3.16
CA ASP B 109 5.79 30.77 2.87
C ASP B 109 5.17 31.38 4.13
N LEU B 110 5.00 30.59 5.20
CA LEU B 110 4.35 31.12 6.39
C LEU B 110 5.24 32.06 7.18
N THR B 111 6.56 31.82 7.18
CA THR B 111 7.51 32.74 7.79
C THR B 111 7.55 34.04 7.00
N ASP B 112 7.57 33.93 5.68
CA ASP B 112 7.50 35.10 4.80
C ASP B 112 6.26 35.95 5.08
N ALA B 113 5.15 35.27 5.38
CA ALA B 113 3.88 35.92 5.67
C ALA B 113 3.87 36.72 6.97
N GLU B 114 4.39 36.15 8.05
CA GLU B 114 4.45 36.86 9.33
C GLU B 114 5.25 38.16 9.23
N MET B 115 6.28 38.15 8.39
CA MET B 115 7.08 39.33 8.11
C MET B 115 6.20 40.42 7.50
N ASN B 116 5.51 40.07 6.42
CA ASN B 116 4.67 41.03 5.71
C ASN B 116 3.49 41.48 6.56
N LYS B 117 3.01 40.62 7.46
CA LYS B 117 1.95 40.97 8.39
C LYS B 117 2.37 42.10 9.31
N LEU B 118 3.58 41.97 9.85
CA LEU B 118 4.18 42.94 10.77
C LEU B 118 4.37 44.29 10.10
N PHE B 119 4.82 44.26 8.85
CA PHE B 119 5.01 45.48 8.09
C PHE B 119 3.70 46.22 7.91
N GLU B 120 2.69 45.50 7.43
CA GLU B 120 1.39 46.09 7.16
C GLU B 120 0.77 46.60 8.46
N LYS B 121 0.91 45.82 9.53
CA LYS B 121 0.41 46.25 10.84
C LYS B 121 0.99 47.60 11.18
N THR B 122 2.30 47.74 11.04
CA THR B 122 3.02 48.97 11.37
C THR B 122 2.60 50.12 10.46
N ARG B 123 2.59 49.88 9.16
CA ARG B 123 2.14 50.88 8.18
C ARG B 123 0.78 51.49 8.56
N ARG B 124 -0.15 50.65 9.00
CA ARG B 124 -1.48 51.10 9.39
C ARG B 124 -1.49 52.01 10.63
N GLN B 125 -0.58 51.78 11.56
CA GLN B 125 -0.47 52.64 12.74
C GLN B 125 0.01 54.04 12.35
N LEU B 126 1.04 54.09 11.50
CA LEU B 126 1.70 55.33 11.11
C LEU B 126 0.80 56.23 10.25
N ARG B 127 -0.05 55.61 9.44
CA ARG B 127 -1.07 56.32 8.66
C ARG B 127 -0.46 57.42 7.77
N GLU B 128 -0.78 58.70 7.98
CA GLU B 128 -0.20 59.75 7.14
C GLU B 128 1.10 60.37 7.70
N ASN B 129 1.65 59.78 8.77
CA ASN B 129 2.82 60.33 9.44
C ASN B 129 4.16 59.73 8.96
N ALA B 130 4.11 58.81 7.99
CA ALA B 130 5.32 58.18 7.47
C ALA B 130 5.11 57.66 6.06
N GLU B 131 6.21 57.44 5.34
CA GLU B 131 6.15 56.84 4.01
C GLU B 131 7.01 55.57 3.96
N ASP B 132 6.78 54.76 2.94
CA ASP B 132 7.50 53.53 2.73
C ASP B 132 8.76 53.86 1.93
N MET B 133 9.92 53.81 2.57
CA MET B 133 11.20 54.11 1.90
C MET B 133 11.63 53.01 0.93
N GLY B 134 11.03 51.83 1.05
CA GLY B 134 11.53 50.62 0.41
C GLY B 134 12.46 49.93 1.39
N GLY B 135 12.84 48.70 1.07
CA GLY B 135 13.75 47.94 1.93
C GLY B 135 13.19 47.61 3.30
N GLY B 136 11.88 47.72 3.48
CA GLY B 136 11.24 47.46 4.75
C GLY B 136 11.38 48.54 5.79
N CYS B 137 11.84 49.72 5.39
CA CYS B 137 11.98 50.85 6.31
C CYS B 137 10.90 51.91 6.07
N PHE B 138 10.41 52.48 7.17
CA PHE B 138 9.54 53.65 7.11
C PHE B 138 10.32 54.92 7.37
N LYS B 139 9.83 56.03 6.83
CA LYS B 139 10.36 57.35 7.11
C LYS B 139 9.29 58.08 7.90
N ILE B 140 9.50 58.21 9.22
CA ILE B 140 8.55 58.92 10.09
C ILE B 140 8.87 60.41 10.09
N TYR B 141 7.89 61.23 9.72
CA TYR B 141 8.07 62.66 9.56
C TYR B 141 7.75 63.50 10.82
N HIS B 142 8.16 63.03 11.98
CA HIS B 142 8.14 63.85 13.20
C HIS B 142 9.21 63.43 14.20
N LYS B 143 9.34 64.18 15.30
CA LYS B 143 10.25 63.81 16.37
C LYS B 143 9.68 62.58 17.06
N CYS B 144 10.27 61.44 16.76
CA CYS B 144 9.82 60.19 17.32
C CYS B 144 10.93 59.57 18.16
N ASP B 145 10.89 59.87 19.46
CA ASP B 145 11.90 59.39 20.41
C ASP B 145 11.68 57.91 20.74
N ASN B 146 12.54 57.36 21.59
CA ASN B 146 12.43 55.95 21.97
C ASN B 146 11.08 55.57 22.55
N ALA B 147 10.44 56.49 23.27
CA ALA B 147 9.11 56.24 23.81
C ALA B 147 8.05 56.20 22.69
N CYS B 148 8.14 57.14 21.75
CA CYS B 148 7.27 57.15 20.58
C CYS B 148 7.44 55.85 19.77
N ILE B 149 8.69 55.48 19.50
CA ILE B 149 9.00 54.22 18.82
C ILE B 149 8.42 53.05 19.61
N GLY B 150 8.52 53.13 20.93
CA GLY B 150 8.00 52.10 21.81
C GLY B 150 6.50 51.94 21.70
N SER B 151 5.79 53.06 21.56
CA SER B 151 4.34 53.04 21.39
C SER B 151 3.94 52.37 20.08
N ILE B 152 4.73 52.59 19.03
CA ILE B 152 4.53 51.93 17.73
C ILE B 152 4.68 50.42 17.88
N ARG B 153 5.69 50.02 18.62
CA ARG B 153 5.95 48.61 18.89
C ARG B 153 4.85 48.00 19.79
N ASN B 154 4.34 48.77 20.74
CA ASN B 154 3.24 48.32 21.58
C ASN B 154 1.88 48.28 20.88
N GLY B 155 1.74 49.04 19.80
CA GLY B 155 0.44 49.21 19.16
C GLY B 155 -0.44 50.14 19.97
N THR B 156 0.14 51.20 20.54
CA THR B 156 -0.60 52.26 21.21
C THR B 156 -0.25 53.65 20.64
N TYR B 157 0.40 53.66 19.47
CA TYR B 157 0.76 54.89 18.78
C TYR B 157 -0.50 55.61 18.32
N ASP B 158 -0.61 56.88 18.70
CA ASP B 158 -1.77 57.71 18.40
C ASP B 158 -1.39 58.79 17.37
N HIS B 159 -1.63 58.49 16.10
CA HIS B 159 -1.17 59.33 14.98
C HIS B 159 -1.70 60.77 15.00
N TYR B 160 -2.86 60.99 15.61
CA TYR B 160 -3.42 62.36 15.68
C TYR B 160 -2.49 63.31 16.44
N ILE B 161 -1.78 62.79 17.44
CA ILE B 161 -0.81 63.59 18.21
C ILE B 161 0.25 64.23 17.31
N TYR B 162 0.71 63.52 16.29
CA TYR B 162 1.79 64.01 15.43
C TYR B 162 1.33 64.38 14.00
N ARG B 163 0.05 64.19 13.70
CA ARG B 163 -0.44 64.37 12.32
C ARG B 163 -0.07 65.71 11.72
N ASP B 164 -0.38 66.81 12.42
CA ASP B 164 -0.09 68.15 11.92
C ASP B 164 1.40 68.32 11.63
N GLU B 165 2.21 68.04 12.65
CA GLU B 165 3.67 68.11 12.52
C GLU B 165 4.20 67.31 11.32
N ALA B 166 3.57 66.15 11.09
CA ALA B 166 3.98 65.24 10.02
C ALA B 166 3.54 65.67 8.61
N LEU B 167 2.24 65.85 8.42
CA LEU B 167 1.70 66.37 7.14
C LEU B 167 2.46 67.61 6.68
N ASN B 168 2.89 68.41 7.66
CA ASN B 168 3.66 69.62 7.43
C ASN B 168 5.04 69.36 6.85
N ASN B 169 5.70 68.28 7.28
CA ASN B 169 7.04 67.90 6.78
C ASN B 169 7.05 67.17 5.44
N ARG B 170 6.00 66.39 5.18
CA ARG B 170 5.94 65.60 3.94
C ARG B 170 5.71 66.45 2.69
N PHE B 171 4.97 67.55 2.84
CA PHE B 171 4.55 68.37 1.70
C PHE B 171 5.16 69.77 1.80
N GLN B 172 6.41 69.89 1.36
CA GLN B 172 7.26 71.06 1.62
C GLN B 172 8.23 71.31 0.43
N ILE B 173 9.45 71.78 0.72
CA ILE B 173 10.45 72.10 -0.32
C ILE B 173 9.88 73.05 -1.37
N PRO C 1 -24.90 64.28 23.73
CA PRO C 1 -24.70 63.98 22.30
C PRO C 1 -24.42 62.51 21.98
N ASP C 2 -24.64 61.62 22.95
CA ASP C 2 -23.91 60.35 23.02
C ASP C 2 -24.52 59.17 22.22
N GLN C 3 -25.85 59.06 22.19
CA GLN C 3 -26.51 57.96 21.46
C GLN C 3 -26.72 58.27 19.98
N ASN C 4 -26.28 59.45 19.54
CA ASN C 4 -26.27 59.80 18.12
C ASN C 4 -25.85 58.61 17.26
N PRO C 5 -26.75 58.11 16.40
CA PRO C 5 -26.40 57.00 15.51
C PRO C 5 -25.78 57.44 14.17
N THR C 6 -25.63 58.75 13.97
CA THR C 6 -25.05 59.28 12.73
C THR C 6 -23.60 59.75 12.94
N SER C 7 -22.94 60.09 11.84
CA SER C 7 -21.59 60.64 11.85
C SER C 7 -21.63 62.17 11.69
N GLY C 8 -20.50 62.82 11.91
CA GLY C 8 -20.46 64.28 12.03
C GLY C 8 -20.64 65.15 10.79
N ASN C 9 -21.48 64.71 9.85
CA ASN C 9 -21.98 65.55 8.74
C ASN C 9 -21.06 65.77 7.52
N ASN C 10 -19.77 65.45 7.66
CA ASN C 10 -18.81 65.58 6.54
C ASN C 10 -17.83 64.41 6.43
N THR C 11 -18.16 63.29 7.08
CA THR C 11 -17.37 62.06 7.01
C THR C 11 -18.27 60.85 7.22
N ALA C 12 -17.70 59.66 7.03
CA ALA C 12 -18.41 58.42 7.30
C ALA C 12 -17.43 57.30 7.57
N THR C 13 -17.91 56.24 8.22
CA THR C 13 -17.10 55.08 8.53
C THR C 13 -17.59 53.88 7.71
N LEU C 14 -16.71 53.30 6.91
CA LEU C 14 -17.02 52.10 6.15
C LEU C 14 -16.17 50.92 6.64
N CYS C 15 -16.77 50.03 7.42
CA CYS C 15 -16.08 48.88 7.98
C CYS C 15 -16.27 47.60 7.16
N LEU C 16 -15.17 46.93 6.85
CA LEU C 16 -15.21 45.62 6.18
C LEU C 16 -15.04 44.48 7.18
N GLY C 17 -15.73 43.38 6.91
CA GLY C 17 -15.76 42.26 7.83
C GLY C 17 -16.32 40.98 7.24
N HIS C 18 -16.46 39.98 8.10
CA HIS C 18 -16.89 38.63 7.72
C HIS C 18 -17.80 38.04 8.79
N HIS C 19 -18.55 37.01 8.43
CA HIS C 19 -19.55 36.46 9.35
C HIS C 19 -18.90 35.58 10.42
N ALA C 20 -19.71 35.10 11.35
CA ALA C 20 -19.24 34.23 12.43
C ALA C 20 -20.44 33.59 13.08
N VAL C 21 -20.26 32.40 13.66
CA VAL C 21 -21.38 31.66 14.23
C VAL C 21 -21.16 31.40 15.71
N ALA C 22 -22.26 31.26 16.45
CA ALA C 22 -22.20 31.09 17.89
C ALA C 22 -21.66 29.72 18.29
N ASN C 23 -21.93 28.70 17.47
CA ASN C 23 -21.41 27.36 17.70
C ASN C 23 -20.60 26.84 16.51
N GLY C 24 -19.29 27.07 16.57
CA GLY C 24 -18.38 26.59 15.54
C GLY C 24 -18.07 25.13 15.75
N THR C 25 -17.18 24.60 14.93
CA THR C 25 -16.80 23.20 15.02
C THR C 25 -15.31 23.08 14.72
N LEU C 26 -14.63 22.20 15.46
CA LEU C 26 -13.17 22.08 15.39
C LEU C 26 -12.73 21.18 14.26
N VAL C 27 -11.66 21.57 13.57
CA VAL C 27 -11.01 20.75 12.55
C VAL C 27 -9.50 20.67 12.78
N LYS C 28 -8.84 19.77 12.06
CA LYS C 28 -7.38 19.59 12.07
C LYS C 28 -6.75 20.25 10.86
N THR C 29 -5.54 20.75 11.02
CA THR C 29 -4.82 21.40 9.93
C THR C 29 -3.34 21.00 9.95
N ILE C 30 -2.54 21.59 9.07
CA ILE C 30 -1.11 21.33 9.07
C ILE C 30 -0.47 21.85 10.36
N THR C 31 -0.97 22.98 10.85
CA THR C 31 -0.38 23.65 12.01
C THR C 31 -1.23 23.61 13.29
N ASP C 32 -2.46 23.12 13.20
CA ASP C 32 -3.33 23.08 14.39
C ASP C 32 -4.09 21.77 14.51
N ASP C 33 -3.99 21.19 15.70
CA ASP C 33 -4.61 19.91 16.00
C ASP C 33 -6.11 20.11 16.18
N GLN C 34 -6.50 21.24 16.77
CA GLN C 34 -7.91 21.65 16.90
C GLN C 34 -7.99 23.12 16.57
N ILE C 35 -8.82 23.50 15.60
CA ILE C 35 -9.02 24.90 15.26
C ILE C 35 -10.47 25.13 14.79
N GLU C 36 -11.12 26.15 15.35
CA GLU C 36 -12.55 26.31 15.17
C GLU C 36 -12.88 26.98 13.84
N VAL C 37 -13.78 26.37 13.07
CA VAL C 37 -14.27 26.95 11.82
C VAL C 37 -15.79 27.11 11.90
N THR C 38 -16.37 27.84 10.95
CA THR C 38 -17.81 28.11 10.97
C THR C 38 -18.66 26.89 10.67
N ASN C 39 -18.08 25.88 10.01
CA ASN C 39 -18.81 24.70 9.55
C ASN C 39 -17.88 23.64 8.96
N ALA C 40 -18.24 22.37 9.12
CA ALA C 40 -17.46 21.26 8.58
C ALA C 40 -18.36 20.08 8.20
N THR C 41 -17.81 19.13 7.43
CA THR C 41 -18.58 17.95 7.01
C THR C 41 -17.77 16.66 7.16
N GLU C 42 -18.43 15.65 7.73
CA GLU C 42 -17.80 14.39 8.10
C GLU C 42 -17.40 13.62 6.86
N LEU C 43 -16.15 13.17 6.80
CA LEU C 43 -15.67 12.38 5.68
C LEU C 43 -15.55 10.89 6.00
N VAL C 44 -15.77 10.51 7.25
CA VAL C 44 -15.69 9.12 7.65
C VAL C 44 -17.06 8.58 7.98
N GLN C 45 -17.45 7.51 7.26
CA GLN C 45 -18.70 6.80 7.51
C GLN C 45 -18.52 5.79 8.63
N SER C 46 -19.17 6.02 9.76
CA SER C 46 -19.04 5.15 10.93
C SER C 46 -20.37 4.61 11.44
N ILE C 47 -21.46 4.98 10.80
CA ILE C 47 -22.77 4.47 11.15
C ILE C 47 -23.18 3.46 10.09
N SER C 48 -23.76 2.35 10.54
CA SER C 48 -24.33 1.34 9.67
C SER C 48 -25.85 1.44 9.68
N ILE C 49 -26.46 1.02 8.59
CA ILE C 49 -27.91 1.02 8.47
C ILE C 49 -28.55 -0.08 9.34
N GLY C 50 -27.77 -1.09 9.72
CA GLY C 50 -28.23 -2.13 10.64
C GLY C 50 -28.58 -3.44 9.96
N LYS C 51 -28.86 -3.39 8.66
CA LYS C 51 -29.29 -4.56 7.90
C LYS C 51 -28.73 -4.47 6.49
N ILE C 52 -28.77 -5.59 5.77
CA ILE C 52 -28.19 -5.67 4.43
C ILE C 52 -29.28 -5.37 3.41
N CYS C 53 -29.02 -4.41 2.52
CA CYS C 53 -29.99 -3.99 1.51
C CYS C 53 -29.87 -4.85 0.28
N ASN C 54 -30.98 -5.44 -0.14
CA ASN C 54 -30.97 -6.44 -1.20
C ASN C 54 -31.68 -6.04 -2.49
N ASN C 55 -31.75 -4.74 -2.77
CA ASN C 55 -32.29 -4.25 -4.03
C ASN C 55 -31.23 -3.70 -4.98
N SER C 56 -29.98 -3.62 -4.53
CA SER C 56 -28.89 -3.16 -5.37
C SER C 56 -28.17 -4.36 -6.00
N TYR C 57 -27.48 -5.15 -5.17
CA TYR C 57 -26.88 -6.39 -5.62
C TYR C 57 -27.82 -7.53 -5.26
N ARG C 58 -27.79 -8.61 -6.04
CA ARG C 58 -28.56 -9.80 -5.69
C ARG C 58 -27.89 -10.50 -4.50
N VAL C 59 -28.54 -10.45 -3.35
CA VAL C 59 -28.02 -11.02 -2.11
C VAL C 59 -28.74 -12.31 -1.80
N LEU C 60 -27.99 -13.40 -1.68
CA LEU C 60 -28.57 -14.70 -1.36
C LEU C 60 -28.26 -15.10 0.05
N ASP C 61 -29.30 -15.20 0.87
CA ASP C 61 -29.19 -15.70 2.23
C ASP C 61 -28.96 -17.19 2.18
N GLY C 62 -27.85 -17.66 2.75
CA GLY C 62 -27.55 -19.09 2.80
C GLY C 62 -28.20 -19.80 3.97
N ARG C 63 -28.72 -19.03 4.93
CA ARG C 63 -29.45 -19.55 6.08
C ARG C 63 -28.63 -20.60 6.87
N ASN C 64 -29.15 -21.82 6.98
CA ASN C 64 -28.47 -22.88 7.72
C ASN C 64 -27.35 -23.56 6.90
N CYS C 65 -27.13 -23.11 5.66
CA CYS C 65 -26.16 -23.74 4.76
C CYS C 65 -24.96 -22.87 4.40
N THR C 66 -23.80 -23.51 4.28
CA THR C 66 -22.62 -22.88 3.71
C THR C 66 -22.66 -23.02 2.19
N LEU C 67 -21.87 -22.21 1.50
CA LEU C 67 -21.79 -22.26 0.05
C LEU C 67 -21.34 -23.65 -0.44
N ILE C 68 -20.46 -24.31 0.33
CA ILE C 68 -19.95 -25.62 -0.04
C ILE C 68 -21.03 -26.69 0.13
N ASP C 69 -21.71 -26.70 1.28
CA ASP C 69 -22.80 -27.65 1.52
C ASP C 69 -23.95 -27.47 0.54
N ALA C 70 -24.13 -26.26 0.03
CA ALA C 70 -25.10 -26.01 -1.01
C ALA C 70 -24.66 -26.68 -2.32
N MET C 71 -23.40 -26.46 -2.68
CA MET C 71 -22.81 -27.02 -3.89
C MET C 71 -22.86 -28.55 -3.88
N LEU C 72 -22.28 -29.15 -2.85
CA LEU C 72 -22.23 -30.61 -2.71
C LEU C 72 -23.62 -31.23 -2.75
N GLY C 73 -24.58 -30.57 -2.11
CA GLY C 73 -25.95 -31.05 -2.08
C GLY C 73 -26.23 -31.85 -0.81
N ASP C 74 -25.86 -31.27 0.33
CA ASP C 74 -26.32 -31.73 1.64
C ASP C 74 -27.86 -31.61 1.64
N PRO C 75 -28.59 -32.68 2.01
CA PRO C 75 -30.06 -32.71 1.94
C PRO C 75 -30.81 -31.47 2.41
N HIS C 76 -30.48 -30.95 3.58
CA HIS C 76 -31.15 -29.74 4.10
C HIS C 76 -30.78 -28.45 3.36
N CYS C 77 -29.89 -28.55 2.37
CA CYS C 77 -29.55 -27.44 1.47
C CYS C 77 -30.12 -27.63 0.05
N ASP C 78 -31.12 -28.50 -0.11
CA ASP C 78 -31.66 -28.81 -1.43
C ASP C 78 -32.27 -27.58 -2.12
N ASP C 79 -32.81 -26.66 -1.33
CA ASP C 79 -33.37 -25.42 -1.87
C ASP C 79 -32.39 -24.66 -2.76
N PHE C 80 -31.11 -24.63 -2.38
CA PHE C 80 -30.11 -23.84 -3.11
C PHE C 80 -29.65 -24.45 -4.43
N GLN C 81 -30.28 -25.55 -4.82
CA GLN C 81 -29.79 -26.41 -5.89
C GLN C 81 -29.31 -25.65 -7.13
N TYR C 82 -30.22 -24.91 -7.73
CA TYR C 82 -29.96 -24.23 -8.99
C TYR C 82 -30.09 -22.75 -8.72
N GLU C 83 -29.00 -22.11 -8.31
CA GLU C 83 -29.08 -20.72 -7.86
C GLU C 83 -27.82 -19.87 -8.07
N ASN C 84 -28.05 -18.59 -8.36
CA ASN C 84 -26.99 -17.63 -8.62
C ASN C 84 -27.04 -16.47 -7.63
N TRP C 85 -25.97 -15.67 -7.59
CA TRP C 85 -25.85 -14.61 -6.59
C TRP C 85 -24.74 -13.64 -6.94
N ASP C 86 -24.91 -12.39 -6.51
CA ASP C 86 -23.82 -11.43 -6.48
C ASP C 86 -23.08 -11.57 -5.15
N LEU C 87 -23.83 -11.68 -4.06
CA LEU C 87 -23.24 -11.93 -2.75
C LEU C 87 -23.98 -13.02 -1.99
N PHE C 88 -23.27 -14.11 -1.71
CA PHE C 88 -23.77 -15.21 -0.89
C PHE C 88 -23.45 -14.93 0.57
N ILE C 89 -24.48 -14.95 1.41
CA ILE C 89 -24.32 -14.65 2.83
C ILE C 89 -24.28 -15.97 3.62
N GLU C 90 -23.17 -16.19 4.32
CA GLU C 90 -23.04 -17.36 5.20
C GLU C 90 -23.32 -16.96 6.66
N ARG C 91 -24.19 -17.71 7.32
CA ARG C 91 -24.54 -17.43 8.71
C ARG C 91 -23.67 -18.20 9.69
N SER C 92 -23.50 -17.64 10.87
CA SER C 92 -22.71 -18.27 11.94
C SER C 92 -23.40 -19.51 12.52
N SER C 93 -24.73 -19.52 12.50
CA SER C 93 -25.52 -20.64 13.02
C SER C 93 -25.70 -21.77 12.00
N ALA C 94 -25.02 -21.67 10.85
CA ALA C 94 -25.08 -22.72 9.83
C ALA C 94 -24.36 -23.97 10.29
N PHE C 95 -24.70 -25.08 9.65
CA PHE C 95 -24.18 -26.39 10.02
C PHE C 95 -24.24 -27.36 8.85
N SER C 96 -23.49 -28.46 8.98
CA SER C 96 -23.52 -29.56 8.03
C SER C 96 -24.36 -30.68 8.62
N ASN C 97 -25.00 -31.46 7.75
CA ASN C 97 -25.87 -32.54 8.22
C ASN C 97 -25.81 -33.82 7.38
N CYS C 98 -24.79 -33.95 6.54
CA CYS C 98 -24.62 -35.13 5.70
C CYS C 98 -23.45 -35.97 6.22
N TYR C 99 -22.86 -36.80 5.36
CA TYR C 99 -21.72 -37.61 5.75
C TYR C 99 -20.58 -36.67 6.17
N PRO C 100 -19.80 -37.03 7.20
CA PRO C 100 -18.69 -36.16 7.61
C PRO C 100 -17.57 -36.13 6.59
N TYR C 101 -17.02 -34.94 6.34
CA TYR C 101 -16.01 -34.79 5.32
C TYR C 101 -14.96 -33.75 5.68
N ASP C 102 -13.94 -33.68 4.83
CA ASP C 102 -12.97 -32.60 4.88
C ASP C 102 -12.58 -32.28 3.43
N ILE C 103 -12.29 -31.01 3.16
CA ILE C 103 -11.83 -30.60 1.83
C ILE C 103 -10.44 -29.99 1.97
N PRO C 104 -9.40 -30.79 1.66
CA PRO C 104 -8.08 -30.22 1.57
C PRO C 104 -8.08 -29.01 0.65
N ASP C 105 -7.66 -27.87 1.18
CA ASP C 105 -7.73 -26.57 0.51
C ASP C 105 -9.19 -26.13 0.31
N TYR C 106 -9.97 -26.25 1.39
CA TYR C 106 -11.39 -25.86 1.44
C TYR C 106 -11.60 -24.45 0.93
N ALA C 107 -10.85 -23.52 1.53
CA ALA C 107 -10.99 -22.08 1.26
C ALA C 107 -10.94 -21.74 -0.21
N SER C 108 -10.02 -22.38 -0.95
CA SER C 108 -9.83 -22.10 -2.36
C SER C 108 -11.05 -22.47 -3.20
N LEU C 109 -11.63 -23.63 -2.93
CA LEU C 109 -12.81 -24.08 -3.63
C LEU C 109 -13.95 -23.12 -3.35
N ARG C 110 -14.11 -22.78 -2.08
CA ARG C 110 -15.13 -21.84 -1.63
C ARG C 110 -15.04 -20.50 -2.36
N SER C 111 -13.82 -19.98 -2.52
CA SER C 111 -13.61 -18.73 -3.25
C SER C 111 -13.97 -18.92 -4.71
N ILE C 112 -13.46 -20.00 -5.31
CA ILE C 112 -13.66 -20.26 -6.73
C ILE C 112 -15.14 -20.29 -7.05
N VAL C 113 -15.90 -21.05 -6.26
CA VAL C 113 -17.35 -21.12 -6.44
C VAL C 113 -18.01 -19.74 -6.23
N ALA C 114 -17.61 -19.05 -5.17
CA ALA C 114 -18.20 -17.74 -4.84
C ALA C 114 -18.08 -16.73 -5.97
N SER C 115 -16.87 -16.58 -6.51
CA SER C 115 -16.61 -15.64 -7.60
C SER C 115 -17.42 -15.93 -8.85
N SER C 116 -17.57 -17.23 -9.14
CA SER C 116 -18.36 -17.67 -10.29
C SER C 116 -19.83 -17.26 -10.16
N GLY C 117 -20.35 -17.37 -8.94
CA GLY C 117 -21.68 -16.86 -8.62
C GLY C 117 -22.83 -17.73 -9.09
N THR C 118 -22.62 -19.04 -9.15
CA THR C 118 -23.68 -19.95 -9.60
C THR C 118 -23.44 -21.40 -9.18
N LEU C 119 -24.53 -22.09 -8.85
CA LEU C 119 -24.49 -23.54 -8.58
C LEU C 119 -25.22 -24.32 -9.66
N GLU C 120 -25.29 -23.76 -10.87
CA GLU C 120 -25.96 -24.45 -11.97
C GLU C 120 -25.20 -25.71 -12.40
N PHE C 121 -25.88 -26.84 -12.29
CA PHE C 121 -25.30 -28.16 -12.41
C PHE C 121 -25.90 -28.89 -13.61
N THR C 122 -25.06 -29.66 -14.30
CA THR C 122 -25.49 -30.45 -15.46
C THR C 122 -25.06 -31.90 -15.26
N ALA C 123 -26.02 -32.80 -15.19
CA ALA C 123 -25.75 -34.21 -14.99
C ALA C 123 -25.15 -34.80 -16.26
N GLU C 124 -24.16 -35.67 -16.11
CA GLU C 124 -23.59 -36.43 -17.22
C GLU C 124 -23.70 -37.92 -16.92
N GLY C 125 -24.23 -38.68 -17.87
CA GLY C 125 -24.46 -40.11 -17.68
C GLY C 125 -23.19 -40.93 -17.75
N PHE C 126 -22.40 -40.87 -16.69
CA PHE C 126 -21.19 -41.69 -16.59
C PHE C 126 -21.57 -43.17 -16.57
N THR C 127 -20.83 -43.99 -17.31
CA THR C 127 -20.98 -45.43 -17.23
C THR C 127 -20.03 -45.99 -16.16
N TRP C 128 -20.59 -46.59 -15.12
CA TRP C 128 -19.80 -47.25 -14.08
C TRP C 128 -20.09 -48.76 -14.08
N THR C 129 -19.46 -49.49 -15.00
CA THR C 129 -19.71 -50.93 -15.14
C THR C 129 -19.03 -51.74 -14.05
N GLY C 130 -19.79 -52.67 -13.46
CA GLY C 130 -19.26 -53.60 -12.46
C GLY C 130 -19.33 -53.17 -11.00
N VAL C 131 -20.04 -52.08 -10.72
CA VAL C 131 -20.15 -51.56 -9.36
C VAL C 131 -21.57 -51.11 -8.99
N THR C 132 -21.85 -51.16 -7.69
CA THR C 132 -23.12 -50.71 -7.13
C THR C 132 -23.07 -49.20 -6.94
N GLN C 133 -24.06 -48.50 -7.49
CA GLN C 133 -24.12 -47.04 -7.41
C GLN C 133 -24.96 -46.57 -6.22
N ASN C 134 -24.99 -45.25 -6.02
CA ASN C 134 -25.92 -44.57 -5.11
C ASN C 134 -25.84 -45.00 -3.66
N GLY C 135 -24.62 -45.15 -3.16
CA GLY C 135 -24.41 -45.47 -1.74
C GLY C 135 -24.94 -44.37 -0.84
N GLY C 136 -25.29 -44.73 0.39
CA GLY C 136 -25.87 -43.79 1.35
C GLY C 136 -25.46 -44.08 2.78
N SER C 137 -25.98 -43.27 3.70
CA SER C 137 -25.64 -43.37 5.12
C SER C 137 -26.72 -42.77 6.00
N GLY C 138 -26.80 -43.26 7.24
CA GLY C 138 -27.69 -42.69 8.25
C GLY C 138 -27.19 -41.36 8.79
N ALA C 139 -25.95 -41.01 8.45
CA ALA C 139 -25.39 -39.71 8.80
C ALA C 139 -25.85 -38.61 7.84
N CYS C 140 -26.55 -38.99 6.77
CA CYS C 140 -27.05 -38.04 5.77
C CYS C 140 -28.47 -38.40 5.36
N LYS C 141 -29.42 -38.16 6.26
CA LYS C 141 -30.80 -38.53 6.02
C LYS C 141 -31.54 -37.57 5.10
N ARG C 142 -32.13 -38.12 4.04
CA ARG C 142 -33.06 -37.39 3.19
C ARG C 142 -34.42 -38.00 3.46
N GLY C 143 -35.20 -37.35 4.31
CA GLY C 143 -36.43 -37.93 4.83
C GLY C 143 -36.11 -38.85 6.00
N SER C 144 -36.70 -40.04 5.99
CA SER C 144 -36.36 -41.08 6.96
C SER C 144 -35.70 -42.26 6.25
N ALA C 145 -34.87 -41.94 5.25
CA ALA C 145 -34.08 -42.93 4.54
C ALA C 145 -32.64 -42.46 4.52
N ASP C 146 -31.72 -43.41 4.60
CA ASP C 146 -30.31 -43.13 4.40
C ASP C 146 -30.16 -42.51 3.01
N SER C 147 -29.19 -41.61 2.86
CA SER C 147 -28.99 -40.90 1.60
C SER C 147 -27.55 -40.34 1.56
N PHE C 148 -27.32 -39.37 0.68
CA PHE C 148 -25.98 -38.86 0.43
C PHE C 148 -26.05 -37.48 -0.23
N PHE C 149 -24.88 -36.88 -0.45
CA PHE C 149 -24.76 -35.62 -1.18
C PHE C 149 -25.36 -35.79 -2.57
N SER C 150 -26.31 -34.93 -2.93
CA SER C 150 -27.02 -35.08 -4.18
C SER C 150 -26.16 -34.97 -5.44
N ARG C 151 -24.96 -34.40 -5.31
CA ARG C 151 -24.06 -34.22 -6.47
C ARG C 151 -22.91 -35.22 -6.52
N LEU C 152 -22.90 -36.16 -5.59
CA LEU C 152 -21.87 -37.18 -5.51
C LEU C 152 -22.50 -38.57 -5.62
N ASN C 153 -21.71 -39.53 -6.11
CA ASN C 153 -22.18 -40.89 -6.32
C ASN C 153 -21.22 -41.87 -5.65
N TRP C 154 -21.61 -42.36 -4.48
CA TRP C 154 -20.81 -43.31 -3.72
C TRP C 154 -20.89 -44.66 -4.39
N LEU C 155 -19.74 -45.16 -4.85
CA LEU C 155 -19.65 -46.44 -5.53
C LEU C 155 -19.11 -47.52 -4.57
N THR C 156 -19.77 -48.68 -4.56
CA THR C 156 -19.33 -49.85 -3.79
C THR C 156 -19.21 -51.10 -4.68
N LYS C 157 -18.64 -52.17 -4.12
CA LYS C 157 -18.52 -53.44 -4.86
C LYS C 157 -19.88 -53.97 -5.31
N SER C 158 -19.87 -54.74 -6.40
CA SER C 158 -21.04 -55.48 -6.84
C SER C 158 -20.65 -56.95 -6.94
N GLY C 159 -21.28 -57.78 -6.10
CA GLY C 159 -20.92 -59.18 -6.00
C GLY C 159 -19.52 -59.39 -5.45
N ASN C 160 -18.65 -59.97 -6.27
CA ASN C 160 -17.29 -60.27 -5.86
C ASN C 160 -16.22 -59.44 -6.60
N SER C 161 -16.64 -58.39 -7.30
CA SER C 161 -15.70 -57.57 -8.07
C SER C 161 -15.86 -56.07 -7.84
N TYR C 162 -14.75 -55.42 -7.57
CA TYR C 162 -14.61 -54.00 -7.80
C TYR C 162 -13.61 -53.92 -8.95
N PRO C 163 -14.09 -53.73 -10.18
CA PRO C 163 -13.20 -53.69 -11.32
C PRO C 163 -12.38 -52.41 -11.34
N ILE C 164 -11.38 -52.37 -12.19
CA ILE C 164 -10.64 -51.13 -12.40
C ILE C 164 -11.54 -50.25 -13.27
N LEU C 165 -12.13 -49.22 -12.65
CA LEU C 165 -13.02 -48.29 -13.33
C LEU C 165 -12.23 -47.35 -14.23
N ASN C 166 -12.64 -47.25 -15.49
CA ASN C 166 -11.92 -46.50 -16.51
C ASN C 166 -12.92 -45.74 -17.37
N VAL C 167 -13.12 -44.46 -17.06
CA VAL C 167 -14.16 -43.64 -17.71
C VAL C 167 -13.65 -42.26 -18.12
N THR C 168 -14.09 -41.79 -19.30
CA THR C 168 -13.71 -40.47 -19.82
C THR C 168 -14.94 -39.58 -20.08
N MET C 169 -14.68 -38.28 -20.25
CA MET C 169 -15.74 -37.30 -20.48
C MET C 169 -15.16 -36.03 -21.11
N PRO C 170 -15.26 -35.91 -22.45
CA PRO C 170 -14.63 -34.79 -23.15
C PRO C 170 -15.42 -33.49 -23.05
N ASN C 171 -14.76 -32.43 -22.60
CA ASN C 171 -15.36 -31.09 -22.55
C ASN C 171 -15.47 -30.51 -23.96
N ASN C 172 -16.68 -30.59 -24.52
CA ASN C 172 -16.98 -30.00 -25.83
C ASN C 172 -17.78 -28.70 -25.73
N LYS C 173 -17.96 -28.19 -24.52
CA LYS C 173 -18.63 -26.92 -24.31
C LYS C 173 -17.60 -25.81 -24.44
N ASN C 174 -18.07 -24.58 -24.63
CA ASN C 174 -17.18 -23.41 -24.74
C ASN C 174 -17.09 -22.67 -23.40
N PHE C 175 -16.76 -23.43 -22.35
CA PHE C 175 -16.50 -22.88 -21.01
C PHE C 175 -15.83 -23.95 -20.15
N ASP C 176 -15.27 -23.55 -19.02
CA ASP C 176 -14.53 -24.46 -18.16
C ASP C 176 -15.46 -25.26 -17.26
N LYS C 177 -15.28 -26.58 -17.25
CA LYS C 177 -16.07 -27.46 -16.42
C LYS C 177 -15.43 -27.59 -15.06
N LEU C 178 -16.23 -27.49 -14.00
CA LEU C 178 -15.77 -27.77 -12.63
C LEU C 178 -16.35 -29.11 -12.18
N TYR C 179 -15.48 -30.00 -11.72
CA TYR C 179 -15.87 -31.34 -11.29
C TYR C 179 -15.53 -31.54 -9.82
N ILE C 180 -16.53 -31.97 -9.06
CA ILE C 180 -16.37 -32.31 -7.64
C ILE C 180 -16.50 -33.82 -7.48
N TRP C 181 -15.45 -34.42 -6.94
CA TRP C 181 -15.39 -35.85 -6.69
C TRP C 181 -14.70 -36.08 -5.36
N GLY C 182 -14.55 -37.34 -4.95
CA GLY C 182 -13.89 -37.63 -3.68
C GLY C 182 -13.46 -39.07 -3.47
N ILE C 183 -13.10 -39.39 -2.22
CA ILE C 183 -12.61 -40.70 -1.85
C ILE C 183 -13.07 -41.05 -0.44
N HIS C 184 -13.33 -42.32 -0.18
CA HIS C 184 -13.79 -42.74 1.14
C HIS C 184 -12.66 -43.37 1.96
N HIS C 185 -12.48 -42.90 3.18
CA HIS C 185 -11.56 -43.53 4.13
C HIS C 185 -12.41 -44.31 5.14
N PRO C 186 -12.43 -45.66 5.03
CA PRO C 186 -13.15 -46.44 6.02
C PRO C 186 -12.42 -46.54 7.36
N SER C 187 -13.13 -47.00 8.38
CA SER C 187 -12.60 -47.02 9.75
C SER C 187 -11.82 -48.30 10.12
N SER C 188 -11.84 -49.31 9.26
CA SER C 188 -11.05 -50.54 9.48
C SER C 188 -10.81 -51.31 8.19
N ASN C 189 -9.87 -52.26 8.24
CA ASN C 189 -9.58 -53.12 7.07
C ASN C 189 -10.74 -54.03 6.73
N LYS C 190 -11.46 -54.50 7.75
CA LYS C 190 -12.69 -55.28 7.56
C LYS C 190 -13.67 -54.54 6.65
N GLU C 191 -13.76 -53.24 6.84
CA GLU C 191 -14.68 -52.38 6.07
C GLU C 191 -14.17 -52.11 4.65
N GLN C 192 -12.90 -51.78 4.53
CA GLN C 192 -12.25 -51.54 3.23
C GLN C 192 -12.50 -52.69 2.26
N THR C 193 -12.37 -53.92 2.74
CA THR C 193 -12.58 -55.12 1.93
C THR C 193 -14.08 -55.42 1.75
N LYS C 194 -14.88 -55.13 2.77
CA LYS C 194 -16.34 -55.32 2.72
C LYS C 194 -17.02 -54.46 1.65
N LEU C 195 -16.46 -53.29 1.38
CA LEU C 195 -17.07 -52.32 0.47
C LEU C 195 -16.42 -52.29 -0.90
N TYR C 196 -15.12 -52.51 -0.97
CA TYR C 196 -14.36 -52.31 -2.22
C TYR C 196 -13.56 -53.53 -2.68
N ILE C 197 -13.71 -54.66 -1.99
CA ILE C 197 -12.92 -55.88 -2.25
C ILE C 197 -11.41 -55.68 -2.05
N GLN C 198 -10.79 -54.84 -2.87
CA GLN C 198 -9.33 -54.57 -2.79
C GLN C 198 -8.92 -54.14 -1.40
N GLU C 199 -7.71 -54.53 -1.01
CA GLU C 199 -7.15 -54.17 0.30
C GLU C 199 -6.77 -52.71 0.36
N SER C 200 -6.46 -52.12 -0.79
CA SER C 200 -5.91 -50.77 -0.85
C SER C 200 -6.46 -50.01 -2.07
N GLY C 201 -7.31 -49.02 -1.80
CA GLY C 201 -7.94 -48.23 -2.85
C GLY C 201 -7.00 -47.21 -3.48
N ARG C 202 -7.53 -46.52 -4.48
CA ARG C 202 -6.79 -45.53 -5.24
C ARG C 202 -7.77 -44.77 -6.14
N VAL C 203 -7.58 -43.46 -6.27
CA VAL C 203 -8.38 -42.65 -7.20
C VAL C 203 -7.46 -41.73 -7.97
N THR C 204 -7.62 -41.69 -9.29
CA THR C 204 -6.77 -40.88 -10.16
C THR C 204 -7.62 -40.14 -11.21
N VAL C 205 -7.94 -38.88 -10.90
CA VAL C 205 -8.59 -37.97 -11.83
C VAL C 205 -7.51 -37.23 -12.61
N SER C 206 -7.67 -37.16 -13.93
CA SER C 206 -6.64 -36.63 -14.81
C SER C 206 -7.23 -35.86 -15.98
N THR C 207 -6.46 -34.88 -16.46
CA THR C 207 -6.74 -34.21 -17.73
C THR C 207 -5.61 -34.55 -18.72
N GLU C 208 -5.53 -33.83 -19.83
CA GLU C 208 -4.38 -33.94 -20.73
C GLU C 208 -3.19 -33.12 -20.21
N ARG C 209 -3.46 -32.22 -19.25
CA ARG C 209 -2.46 -31.34 -18.68
C ARG C 209 -2.05 -31.80 -17.30
N SER C 210 -3.03 -31.95 -16.41
CA SER C 210 -2.80 -32.22 -14.99
C SER C 210 -3.28 -33.59 -14.56
N GLN C 211 -2.91 -33.97 -13.33
CA GLN C 211 -3.40 -35.19 -12.70
C GLN C 211 -3.40 -35.04 -11.18
N GLN C 212 -4.25 -35.80 -10.51
CA GLN C 212 -4.25 -35.87 -9.05
C GLN C 212 -4.46 -37.32 -8.66
N THR C 213 -3.71 -37.82 -7.68
CA THR C 213 -3.92 -39.18 -7.17
C THR C 213 -4.06 -39.19 -5.65
N VAL C 214 -5.04 -39.95 -5.15
CA VAL C 214 -5.34 -40.03 -3.72
C VAL C 214 -5.50 -41.48 -3.31
N ILE C 215 -4.97 -41.83 -2.13
CA ILE C 215 -5.12 -43.16 -1.55
C ILE C 215 -5.99 -43.04 -0.30
N PRO C 216 -6.88 -44.00 -0.08
CA PRO C 216 -7.64 -43.93 1.17
C PRO C 216 -6.71 -44.11 2.38
N ASN C 217 -7.28 -43.92 3.57
CA ASN C 217 -6.52 -43.89 4.80
C ASN C 217 -7.32 -44.58 5.89
N ILE C 218 -6.99 -45.83 6.15
CA ILE C 218 -7.81 -46.68 6.99
C ILE C 218 -7.49 -46.41 8.45
N GLY C 219 -8.54 -46.37 9.29
CA GLY C 219 -8.39 -46.08 10.71
C GLY C 219 -9.57 -45.27 11.22
N SER C 220 -9.91 -45.46 12.49
CA SER C 220 -11.09 -44.82 13.08
C SER C 220 -10.92 -43.31 13.33
N ARG C 221 -12.05 -42.60 13.27
CA ARG C 221 -12.12 -41.17 13.63
C ARG C 221 -13.23 -40.97 14.65
N PRO C 222 -13.32 -39.75 15.24
CA PRO C 222 -14.44 -39.47 16.15
C PRO C 222 -15.80 -39.55 15.48
N TRP C 223 -16.82 -39.92 16.25
CA TRP C 223 -18.20 -40.01 15.75
C TRP C 223 -18.72 -38.68 15.23
N VAL C 224 -19.31 -38.71 14.04
CA VAL C 224 -20.12 -37.62 13.55
C VAL C 224 -21.37 -38.24 12.99
N ARG C 225 -22.51 -37.96 13.62
CA ARG C 225 -23.77 -38.60 13.26
C ARG C 225 -23.57 -40.11 13.05
N GLY C 226 -22.99 -40.75 14.06
CA GLY C 226 -22.89 -42.20 14.11
C GLY C 226 -21.85 -42.86 13.21
N GLN C 227 -20.96 -42.08 12.59
CA GLN C 227 -20.06 -42.65 11.58
C GLN C 227 -18.59 -42.31 11.80
N SER C 228 -17.78 -43.36 11.94
CA SER C 228 -16.33 -43.25 12.12
C SER C 228 -15.63 -42.96 10.80
N GLY C 229 -16.20 -43.46 9.69
CA GLY C 229 -15.64 -43.23 8.37
C GLY C 229 -15.62 -41.77 7.97
N ARG C 230 -14.91 -41.47 6.89
CA ARG C 230 -14.74 -40.10 6.44
C ARG C 230 -14.62 -40.05 4.92
N ILE C 231 -14.88 -38.87 4.37
CA ILE C 231 -14.78 -38.62 2.93
C ILE C 231 -13.95 -37.35 2.70
N SER C 232 -13.22 -37.31 1.60
CA SER C 232 -12.43 -36.14 1.27
C SER C 232 -12.81 -35.69 -0.12
N ILE C 233 -13.10 -34.40 -0.26
CA ILE C 233 -13.48 -33.82 -1.52
C ILE C 233 -12.25 -33.23 -2.20
N TYR C 234 -12.18 -33.44 -3.52
CA TYR C 234 -11.17 -32.83 -4.36
C TYR C 234 -11.91 -32.25 -5.55
N TRP C 235 -11.26 -31.38 -6.31
CA TRP C 235 -11.91 -30.79 -7.48
C TRP C 235 -10.95 -30.74 -8.66
N THR C 236 -11.54 -30.77 -9.85
CA THR C 236 -10.77 -30.74 -11.10
C THR C 236 -11.43 -29.75 -12.03
N ILE C 237 -10.64 -29.12 -12.89
CA ILE C 237 -11.14 -28.20 -13.91
C ILE C 237 -10.70 -28.67 -15.29
N VAL C 238 -11.66 -28.79 -16.20
CA VAL C 238 -11.41 -29.23 -17.57
C VAL C 238 -11.74 -28.08 -18.51
N LYS C 239 -10.86 -27.82 -19.48
CA LYS C 239 -11.03 -26.71 -20.41
C LYS C 239 -11.56 -27.17 -21.76
N PRO C 240 -12.22 -26.26 -22.52
CA PRO C 240 -12.73 -26.60 -23.85
C PRO C 240 -11.68 -27.30 -24.72
N GLY C 241 -12.01 -28.48 -25.22
CA GLY C 241 -11.06 -29.26 -26.03
C GLY C 241 -10.33 -30.33 -25.22
N ASP C 242 -10.15 -30.06 -23.93
CA ASP C 242 -9.51 -31.02 -23.02
C ASP C 242 -10.50 -32.13 -22.67
N ILE C 243 -10.00 -33.19 -22.03
CA ILE C 243 -10.81 -34.35 -21.68
C ILE C 243 -10.55 -34.77 -20.23
N LEU C 244 -11.61 -35.22 -19.54
CA LEU C 244 -11.49 -35.77 -18.19
C LEU C 244 -11.32 -37.27 -18.31
N MET C 245 -10.52 -37.86 -17.43
CA MET C 245 -10.48 -39.31 -17.27
C MET C 245 -10.39 -39.66 -15.79
N ILE C 246 -11.17 -40.67 -15.39
CA ILE C 246 -11.23 -41.11 -14.01
C ILE C 246 -10.86 -42.60 -13.94
N ASN C 247 -9.77 -42.88 -13.24
CA ASN C 247 -9.30 -44.23 -13.03
C ASN C 247 -9.28 -44.52 -11.53
N SER C 248 -9.84 -45.66 -11.14
CA SER C 248 -9.88 -46.04 -9.73
C SER C 248 -10.14 -47.53 -9.55
N ASN C 249 -9.41 -48.14 -8.62
CA ASN C 249 -9.63 -49.54 -8.25
C ASN C 249 -10.28 -49.68 -6.87
N GLY C 250 -10.82 -48.58 -6.34
CA GLY C 250 -11.47 -48.62 -5.03
C GLY C 250 -11.69 -47.27 -4.36
N ASN C 251 -12.73 -47.21 -3.53
CA ASN C 251 -13.01 -46.08 -2.64
C ASN C 251 -13.45 -44.78 -3.34
N LEU C 252 -13.80 -44.87 -4.61
CA LEU C 252 -14.18 -43.68 -5.38
C LEU C 252 -15.56 -43.17 -4.99
N VAL C 253 -15.63 -41.87 -4.74
CA VAL C 253 -16.89 -41.16 -4.67
C VAL C 253 -16.95 -40.35 -5.96
N ALA C 254 -17.62 -40.91 -6.95
CA ALA C 254 -17.64 -40.36 -8.30
C ALA C 254 -18.52 -39.12 -8.39
N PRO C 255 -18.30 -38.30 -9.42
CA PRO C 255 -19.14 -37.15 -9.72
C PRO C 255 -20.32 -37.54 -10.58
N ARG C 256 -21.44 -36.85 -10.39
CA ARG C 256 -22.62 -37.04 -11.24
C ARG C 256 -22.63 -36.13 -12.46
N GLY C 257 -21.70 -35.18 -12.52
CA GLY C 257 -21.64 -34.23 -13.62
C GLY C 257 -20.79 -33.03 -13.26
N TYR C 258 -21.04 -31.90 -13.92
CA TYR C 258 -20.20 -30.72 -13.74
C TYR C 258 -20.97 -29.48 -13.31
N PHE C 259 -20.21 -28.51 -12.81
CA PHE C 259 -20.70 -27.17 -12.56
C PHE C 259 -20.11 -26.26 -13.64
N LYS C 260 -20.88 -25.26 -14.05
CA LYS C 260 -20.51 -24.37 -15.14
C LYS C 260 -19.82 -23.10 -14.61
N LEU C 261 -18.52 -22.96 -14.89
CA LEU C 261 -17.73 -21.83 -14.38
C LEU C 261 -17.89 -20.57 -15.23
N ARG C 262 -18.31 -19.49 -14.56
CA ARG C 262 -18.35 -18.17 -15.16
C ARG C 262 -17.23 -17.32 -14.58
N THR C 263 -16.70 -16.39 -15.37
CA THR C 263 -15.88 -15.31 -14.84
C THR C 263 -16.86 -14.30 -14.29
N GLY C 264 -16.88 -14.16 -12.97
CA GLY C 264 -17.92 -13.38 -12.30
C GLY C 264 -17.41 -12.36 -11.30
N LYS C 265 -18.28 -11.40 -10.98
CA LYS C 265 -17.99 -10.36 -10.01
C LYS C 265 -18.63 -10.67 -8.66
N SER C 266 -19.00 -11.93 -8.45
CA SER C 266 -19.75 -12.34 -7.27
C SER C 266 -18.80 -12.71 -6.14
N SER C 267 -19.36 -12.96 -4.96
CA SER C 267 -18.56 -13.25 -3.76
C SER C 267 -19.38 -13.87 -2.63
N VAL C 268 -18.73 -14.06 -1.48
CA VAL C 268 -19.36 -14.66 -0.31
C VAL C 268 -18.96 -13.85 0.92
N MET C 269 -19.85 -13.77 1.90
CA MET C 269 -19.61 -12.96 3.10
C MET C 269 -20.20 -13.60 4.34
N ARG C 270 -19.41 -13.64 5.41
CA ARG C 270 -19.86 -14.17 6.69
C ARG C 270 -20.55 -13.05 7.46
N SER C 271 -21.86 -13.19 7.67
CA SER C 271 -22.65 -12.15 8.33
C SER C 271 -23.89 -12.73 9.01
N ASP C 272 -24.29 -12.10 10.11
CA ASP C 272 -25.51 -12.48 10.85
C ASP C 272 -26.56 -11.38 10.81
N ALA C 273 -26.39 -10.42 9.90
CA ALA C 273 -27.30 -9.29 9.81
C ALA C 273 -28.55 -9.69 9.04
N LEU C 274 -29.67 -9.05 9.36
CA LEU C 274 -30.90 -9.26 8.61
C LEU C 274 -30.77 -8.63 7.23
N ILE C 275 -31.38 -9.29 6.24
CA ILE C 275 -31.45 -8.76 4.88
C ILE C 275 -32.85 -8.15 4.69
N ASP C 276 -32.93 -7.02 4.00
CA ASP C 276 -34.19 -6.30 3.88
C ASP C 276 -34.25 -5.37 2.65
N THR C 277 -35.48 -4.97 2.32
CA THR C 277 -35.75 -4.03 1.24
C THR C 277 -35.29 -2.61 1.61
N CYS C 278 -34.07 -2.26 1.18
CA CYS C 278 -33.60 -0.87 1.27
C CYS C 278 -32.65 -0.55 0.12
N VAL C 279 -32.08 0.66 0.14
CA VAL C 279 -31.27 1.16 -0.98
C VAL C 279 -29.85 1.43 -0.50
N SER C 280 -28.88 0.69 -1.05
CA SER C 280 -27.47 0.91 -0.75
C SER C 280 -26.57 0.11 -1.68
N GLU C 281 -25.52 0.75 -2.20
CA GLU C 281 -24.60 0.13 -3.14
C GLU C 281 -23.33 -0.41 -2.46
N CYS C 282 -23.35 -0.57 -1.14
CA CYS C 282 -22.20 -1.06 -0.39
C CYS C 282 -22.63 -1.93 0.79
N ILE C 283 -22.05 -3.12 0.88
CA ILE C 283 -22.42 -4.12 1.88
C ILE C 283 -21.23 -4.48 2.76
N THR C 284 -21.50 -4.62 4.07
CA THR C 284 -20.50 -5.05 5.05
C THR C 284 -21.13 -6.07 5.98
N PRO C 285 -20.30 -6.86 6.68
CA PRO C 285 -20.83 -7.79 7.68
C PRO C 285 -21.78 -7.18 8.72
N ASN C 286 -21.57 -5.90 9.07
CA ASN C 286 -22.42 -5.22 10.05
C ASN C 286 -23.77 -4.77 9.48
N GLY C 287 -23.86 -4.72 8.15
CA GLY C 287 -25.03 -4.22 7.44
C GLY C 287 -24.56 -3.39 6.27
N SER C 288 -25.50 -2.93 5.45
CA SER C 288 -25.16 -2.03 4.34
C SER C 288 -24.75 -0.67 4.91
N ILE C 289 -24.05 0.12 4.10
CA ILE C 289 -23.65 1.49 4.46
C ILE C 289 -23.76 2.44 3.27
N PRO C 290 -23.99 3.73 3.52
CA PRO C 290 -23.99 4.70 2.41
C PRO C 290 -22.58 5.05 1.93
N ASN C 291 -22.49 5.46 0.67
CA ASN C 291 -21.20 5.74 0.03
C ASN C 291 -21.05 7.19 -0.45
N ASP C 292 -21.61 8.13 0.30
CA ASP C 292 -21.42 9.55 -0.02
C ASP C 292 -20.06 10.04 0.51
N LYS C 293 -19.64 9.50 1.64
CA LYS C 293 -18.31 9.85 2.18
C LYS C 293 -17.20 8.99 1.55
N PRO C 294 -15.97 9.53 1.48
CA PRO C 294 -14.86 8.82 0.84
C PRO C 294 -14.21 7.72 1.68
N PHE C 295 -14.44 7.73 2.99
CA PHE C 295 -13.82 6.77 3.90
C PHE C 295 -14.86 6.17 4.84
N GLN C 296 -14.51 5.06 5.49
CA GLN C 296 -15.42 4.45 6.46
C GLN C 296 -14.67 3.68 7.56
N ASN C 297 -15.32 3.59 8.73
CA ASN C 297 -14.76 2.92 9.91
C ASN C 297 -15.63 1.76 10.38
N VAL C 298 -16.57 1.34 9.54
CA VAL C 298 -17.53 0.30 9.92
C VAL C 298 -16.87 -1.07 9.87
N ASN C 299 -16.31 -1.42 8.71
CA ASN C 299 -15.69 -2.74 8.55
C ASN C 299 -14.70 -2.79 7.37
N LYS C 300 -13.55 -3.41 7.61
CA LYS C 300 -12.57 -3.63 6.55
C LYS C 300 -13.09 -4.60 5.49
N ILE C 301 -13.93 -5.55 5.89
CA ILE C 301 -14.59 -6.47 4.95
C ILE C 301 -15.78 -5.77 4.29
N THR C 302 -15.72 -5.60 2.96
CA THR C 302 -16.83 -5.02 2.21
C THR C 302 -17.00 -5.59 0.81
N TYR C 303 -18.22 -5.50 0.31
CA TYR C 303 -18.55 -5.84 -1.07
C TYR C 303 -19.33 -4.68 -1.68
N GLY C 304 -19.00 -4.33 -2.92
CA GLY C 304 -19.75 -3.34 -3.68
C GLY C 304 -19.00 -2.04 -3.89
N LYS C 305 -19.76 -0.95 -3.99
CA LYS C 305 -19.23 0.39 -4.22
C LYS C 305 -19.06 1.11 -2.88
N CYS C 306 -17.89 0.94 -2.27
CA CYS C 306 -17.68 1.29 -0.87
C CYS C 306 -16.63 2.37 -0.61
N PRO C 307 -16.82 3.16 0.46
CA PRO C 307 -15.76 4.02 0.98
C PRO C 307 -14.59 3.18 1.49
N LYS C 308 -13.38 3.73 1.43
CA LYS C 308 -12.17 3.00 1.78
C LYS C 308 -11.96 2.95 3.29
N TYR C 309 -11.67 1.77 3.83
CA TYR C 309 -11.61 1.59 5.28
C TYR C 309 -10.35 2.26 5.85
N ILE C 310 -10.54 3.07 6.89
CA ILE C 310 -9.41 3.66 7.64
C ILE C 310 -9.61 3.44 9.14
N ARG C 311 -8.56 3.71 9.92
CA ARG C 311 -8.62 3.46 11.36
C ARG C 311 -9.37 4.57 12.07
N GLN C 312 -9.40 5.75 11.46
CA GLN C 312 -10.02 6.92 12.07
C GLN C 312 -11.53 6.78 12.04
N ASN C 313 -12.16 7.07 13.18
CA ASN C 313 -13.61 7.10 13.30
C ASN C 313 -14.24 8.43 12.87
N THR C 314 -13.42 9.43 12.54
CA THR C 314 -13.91 10.74 12.11
C THR C 314 -12.82 11.58 11.48
N LEU C 315 -13.15 12.26 10.39
CA LEU C 315 -12.25 13.23 9.76
C LEU C 315 -13.10 14.35 9.18
N LYS C 316 -12.98 15.54 9.77
CA LYS C 316 -13.80 16.68 9.41
C LYS C 316 -13.10 17.54 8.36
N LEU C 317 -13.76 17.78 7.24
CA LEU C 317 -13.28 18.70 6.23
C LEU C 317 -14.02 20.04 6.43
N ALA C 318 -13.27 21.13 6.53
CA ALA C 318 -13.86 22.44 6.78
C ALA C 318 -14.58 22.92 5.52
N THR C 319 -15.79 23.45 5.70
CA THR C 319 -16.56 24.03 4.60
C THR C 319 -16.89 25.49 4.89
N GLY C 320 -16.10 26.11 5.76
CA GLY C 320 -16.23 27.53 6.08
C GLY C 320 -14.96 28.10 6.70
N MET C 321 -14.90 29.43 6.76
CA MET C 321 -13.74 30.15 7.28
C MET C 321 -13.53 29.94 8.77
N ARG C 322 -12.36 30.37 9.23
CA ARG C 322 -12.04 30.40 10.65
C ARG C 322 -13.18 31.09 11.40
N ASN C 323 -13.60 30.54 12.53
CA ASN C 323 -14.69 31.14 13.32
C ASN C 323 -14.09 32.01 14.42
N VAL C 324 -14.49 33.27 14.47
CA VAL C 324 -13.93 34.23 15.43
C VAL C 324 -15.07 35.00 16.07
N PRO C 325 -15.62 34.48 17.18
CA PRO C 325 -16.88 35.00 17.72
C PRO C 325 -16.84 36.49 18.12
N GLU C 326 -18.03 37.08 18.18
CA GLU C 326 -18.22 38.47 18.61
C GLU C 326 -18.13 38.56 20.13
N LYS C 327 -18.94 37.74 20.80
CA LYS C 327 -19.08 37.77 22.24
C LYS C 327 -18.06 36.83 22.89
N GLN C 328 -17.07 37.41 23.57
CA GLN C 328 -16.19 36.62 24.44
C GLN C 328 -16.99 35.96 25.57
N ILE C 329 -18.03 36.65 26.03
CA ILE C 329 -18.88 36.22 27.13
C ILE C 329 -20.33 36.18 26.67
N ARG C 330 -20.97 35.02 26.80
CA ARG C 330 -22.40 34.88 26.48
C ARG C 330 -23.19 34.83 27.78
N GLY D 1 -4.44 32.39 9.66
CA GLY D 1 -4.62 32.80 8.23
C GLY D 1 -3.38 33.49 7.67
N ILE D 2 -3.03 33.15 6.44
CA ILE D 2 -1.80 33.60 5.80
C ILE D 2 -1.75 35.09 5.46
N PHE D 3 -2.91 35.71 5.23
CA PHE D 3 -2.97 37.14 4.92
C PHE D 3 -3.18 38.01 6.16
N GLY D 4 -3.45 37.38 7.29
CA GLY D 4 -3.62 38.10 8.54
C GLY D 4 -4.81 39.05 8.58
N ALA D 5 -5.88 38.71 7.87
CA ALA D 5 -7.10 39.52 7.91
C ALA D 5 -8.08 38.90 8.88
N ILE D 6 -8.54 37.69 8.57
CA ILE D 6 -9.47 36.97 9.46
C ILE D 6 -8.71 36.51 10.68
N ALA D 7 -9.16 36.92 11.86
CA ALA D 7 -8.43 36.67 13.10
C ALA D 7 -7.04 37.30 12.99
N GLY D 8 -7.04 38.55 12.53
CA GLY D 8 -5.83 39.34 12.32
C GLY D 8 -6.20 40.81 12.46
N PHE D 9 -5.93 41.62 11.44
CA PHE D 9 -6.24 43.04 11.50
C PHE D 9 -7.74 43.29 11.59
N ILE D 10 -8.55 42.27 11.31
CA ILE D 10 -9.98 42.29 11.62
C ILE D 10 -10.21 41.50 12.91
N GLU D 11 -10.48 42.21 14.00
CA GLU D 11 -10.60 41.64 15.34
C GLU D 11 -11.52 40.43 15.45
N ASN D 12 -12.67 40.46 14.79
CA ASN D 12 -13.61 39.36 14.87
C ASN D 12 -14.69 39.38 13.78
N GLY D 13 -15.44 38.28 13.72
CA GLY D 13 -16.56 38.18 12.79
C GLY D 13 -17.83 38.81 13.32
N TRP D 14 -18.82 38.94 12.43
CA TRP D 14 -20.14 39.47 12.75
C TRP D 14 -21.13 38.32 12.79
N GLU D 15 -21.77 38.10 13.94
CA GLU D 15 -22.74 37.01 14.08
C GLU D 15 -24.12 37.40 13.52
N GLY D 16 -24.33 38.70 13.30
CA GLY D 16 -25.59 39.16 12.73
C GLY D 16 -25.62 39.21 11.21
N MET D 17 -24.49 38.88 10.58
CA MET D 17 -24.46 38.83 9.12
C MET D 17 -24.85 37.44 8.63
N VAL D 18 -26.15 37.26 8.45
CA VAL D 18 -26.73 35.97 8.12
C VAL D 18 -26.95 35.75 6.62
N ASP D 19 -26.75 36.79 5.82
CA ASP D 19 -27.03 36.75 4.39
C ASP D 19 -25.77 36.91 3.55
N GLY D 20 -24.66 36.43 4.08
CA GLY D 20 -23.36 36.56 3.43
C GLY D 20 -22.27 36.08 4.35
N TRP D 21 -21.10 35.83 3.77
CA TRP D 21 -19.91 35.46 4.50
C TRP D 21 -19.03 36.68 4.71
N TYR D 22 -19.06 37.59 3.74
CA TYR D 22 -18.28 38.83 3.80
C TYR D 22 -19.23 39.98 3.57
N GLY D 23 -18.88 41.15 4.07
CA GLY D 23 -19.71 42.32 3.88
C GLY D 23 -19.22 43.59 4.54
N PHE D 24 -20.09 44.59 4.53
CA PHE D 24 -19.80 45.91 5.06
C PHE D 24 -20.69 46.25 6.25
N ARG D 25 -20.19 47.13 7.10
CA ARG D 25 -21.02 47.85 8.06
C ARG D 25 -20.66 49.32 7.94
N TYR D 26 -21.65 50.20 7.90
CA TYR D 26 -21.36 51.62 7.72
C TYR D 26 -22.01 52.49 8.77
N GLN D 27 -21.40 53.64 8.99
CA GLN D 27 -21.97 54.69 9.81
C GLN D 27 -21.82 56.00 9.05
N ASN D 28 -22.94 56.60 8.66
CA ASN D 28 -22.93 57.80 7.84
C ASN D 28 -23.93 58.84 8.38
N SER D 29 -24.39 59.75 7.53
CA SER D 29 -25.33 60.79 7.96
C SER D 29 -26.75 60.27 8.23
N GLU D 30 -27.11 59.13 7.62
CA GLU D 30 -28.46 58.54 7.79
C GLU D 30 -28.55 57.46 8.87
N GLY D 31 -27.42 57.07 9.47
CA GLY D 31 -27.41 56.08 10.56
C GLY D 31 -26.33 55.03 10.42
N THR D 32 -26.53 53.90 11.09
CA THR D 32 -25.62 52.76 11.03
C THR D 32 -26.30 51.61 10.30
N GLY D 33 -25.59 50.96 9.39
CA GLY D 33 -26.13 49.86 8.60
C GLY D 33 -25.19 48.67 8.45
N GLN D 34 -25.71 47.64 7.81
CA GLN D 34 -24.97 46.43 7.51
C GLN D 34 -25.33 46.02 6.10
N ALA D 35 -24.49 45.22 5.45
CA ALA D 35 -24.82 44.68 4.13
C ALA D 35 -23.79 43.66 3.65
N ALA D 36 -24.28 42.55 3.10
CA ALA D 36 -23.39 41.49 2.63
C ALA D 36 -22.80 41.82 1.27
N ASP D 37 -21.71 41.14 0.92
CA ASP D 37 -21.11 41.24 -0.40
C ASP D 37 -21.21 39.87 -1.05
N LEU D 38 -22.09 39.75 -2.05
CA LEU D 38 -22.38 38.46 -2.67
C LEU D 38 -21.24 37.90 -3.52
N LYS D 39 -20.49 38.74 -4.22
CA LYS D 39 -19.40 38.27 -5.07
C LYS D 39 -18.31 37.54 -4.28
N SER D 40 -17.75 38.21 -3.28
CA SER D 40 -16.72 37.61 -2.45
C SER D 40 -17.21 36.33 -1.77
N THR D 41 -18.42 36.38 -1.22
CA THR D 41 -19.03 35.21 -0.61
C THR D 41 -19.06 34.04 -1.57
N GLN D 42 -19.51 34.31 -2.79
CA GLN D 42 -19.66 33.26 -3.79
C GLN D 42 -18.29 32.70 -4.21
N ALA D 43 -17.28 33.57 -4.26
CA ALA D 43 -15.92 33.14 -4.57
C ALA D 43 -15.41 32.10 -3.57
N ALA D 44 -15.66 32.34 -2.28
CA ALA D 44 -15.27 31.42 -1.23
C ALA D 44 -16.07 30.12 -1.26
N ILE D 45 -17.38 30.24 -1.45
CA ILE D 45 -18.24 29.06 -1.49
C ILE D 45 -17.87 28.17 -2.67
N ASP D 46 -17.68 28.78 -3.84
CA ASP D 46 -17.44 28.02 -5.06
C ASP D 46 -16.19 27.15 -4.98
N GLN D 47 -15.12 27.69 -4.40
CA GLN D 47 -13.88 26.94 -4.18
C GLN D 47 -14.12 25.77 -3.24
N ILE D 48 -14.73 26.07 -2.11
CA ILE D 48 -15.15 25.04 -1.16
C ILE D 48 -16.00 23.97 -1.83
N ASN D 49 -16.96 24.37 -2.66
CA ASN D 49 -17.74 23.39 -3.40
C ASN D 49 -16.86 22.58 -4.34
N GLY D 50 -15.90 23.26 -4.98
CA GLY D 50 -14.91 22.59 -5.83
C GLY D 50 -14.18 21.42 -5.16
N LYS D 51 -13.83 21.60 -3.88
CA LYS D 51 -13.19 20.55 -3.10
C LYS D 51 -14.15 19.43 -2.79
N LEU D 52 -15.40 19.77 -2.46
CA LEU D 52 -16.43 18.77 -2.18
C LEU D 52 -16.73 17.89 -3.40
N ASN D 53 -16.64 18.44 -4.60
CA ASN D 53 -16.86 17.65 -5.80
C ASN D 53 -15.82 16.55 -6.00
N ARG D 54 -14.59 16.81 -5.54
CA ARG D 54 -13.48 15.84 -5.66
C ARG D 54 -13.57 14.68 -4.67
N VAL D 55 -14.17 14.96 -3.52
CA VAL D 55 -14.14 14.05 -2.37
C VAL D 55 -15.48 13.32 -2.12
N ILE D 56 -16.60 13.97 -2.44
CA ILE D 56 -17.91 13.45 -2.09
C ILE D 56 -18.52 12.72 -3.29
N GLU D 57 -19.20 11.60 -3.01
CA GLU D 57 -19.80 10.74 -4.04
C GLU D 57 -18.77 10.25 -5.06
N ARG D 58 -17.61 9.85 -4.54
CA ARG D 58 -16.51 9.36 -5.37
C ARG D 58 -15.97 8.08 -4.78
N THR D 59 -16.43 6.94 -5.29
CA THR D 59 -16.03 5.64 -4.76
C THR D 59 -15.86 4.60 -5.86
N ASN D 60 -14.89 3.69 -5.65
CA ASN D 60 -14.64 2.57 -6.56
C ASN D 60 -15.56 1.41 -6.26
N GLU D 61 -15.93 0.67 -7.30
CA GLU D 61 -16.63 -0.61 -7.14
C GLU D 61 -15.56 -1.69 -6.94
N LYS D 62 -15.75 -2.53 -5.92
CA LYS D 62 -14.89 -3.72 -5.68
C LYS D 62 -15.77 -4.94 -5.42
N PHE D 63 -15.26 -6.12 -5.76
CA PHE D 63 -16.06 -7.34 -5.69
C PHE D 63 -15.41 -8.39 -4.78
N HIS D 64 -14.97 -9.52 -5.33
CA HIS D 64 -14.32 -10.54 -4.52
C HIS D 64 -12.88 -10.16 -4.25
N GLN D 65 -12.42 -10.44 -3.04
CA GLN D 65 -11.10 -10.03 -2.58
C GLN D 65 -10.52 -11.14 -1.73
N ILE D 66 -9.84 -10.79 -0.64
CA ILE D 66 -9.28 -11.80 0.26
C ILE D 66 -10.00 -11.80 1.59
N GLU D 67 -10.00 -12.96 2.24
CA GLU D 67 -10.58 -13.06 3.57
C GLU D 67 -9.75 -12.22 4.55
N LYS D 68 -10.42 -11.66 5.56
CA LYS D 68 -9.77 -10.75 6.50
C LYS D 68 -9.99 -11.12 7.97
N GLU D 69 -10.68 -12.24 8.20
CA GLU D 69 -10.88 -12.79 9.53
C GLU D 69 -10.76 -14.31 9.42
N PHE D 70 -10.34 -14.96 10.50
CA PHE D 70 -9.95 -16.37 10.43
C PHE D 70 -10.36 -17.16 11.64
N SER D 71 -10.71 -18.43 11.42
CA SER D 71 -11.22 -19.29 12.47
C SER D 71 -10.07 -20.01 13.14
N GLU D 72 -9.26 -20.72 12.36
CA GLU D 72 -8.10 -21.44 12.91
C GLU D 72 -6.84 -20.61 12.73
N VAL D 73 -5.73 -21.14 13.23
CA VAL D 73 -4.41 -20.57 12.99
C VAL D 73 -3.74 -21.38 11.86
N GLU D 74 -3.07 -20.68 10.93
CA GLU D 74 -2.48 -21.32 9.75
C GLU D 74 -1.03 -20.88 9.42
N GLY D 75 -0.42 -20.10 10.30
CA GLY D 75 0.95 -19.67 10.11
C GLY D 75 1.17 -18.76 8.92
N ARG D 76 2.04 -19.17 8.01
CA ARG D 76 2.69 -18.28 7.04
C ARG D 76 1.75 -17.53 6.09
N ILE D 77 0.86 -18.26 5.44
CA ILE D 77 0.02 -17.67 4.40
C ILE D 77 -1.10 -16.78 4.97
N GLN D 78 -1.47 -16.99 6.24
CA GLN D 78 -2.40 -16.11 6.93
C GLN D 78 -1.68 -14.88 7.49
N ASP D 79 -0.46 -15.08 8.01
CA ASP D 79 0.38 -13.94 8.37
C ASP D 79 0.41 -12.96 7.20
N LEU D 80 0.56 -13.50 5.98
CA LEU D 80 0.71 -12.68 4.78
C LEU D 80 -0.57 -11.97 4.40
N GLU D 81 -1.67 -12.71 4.39
CA GLU D 81 -2.98 -12.11 4.13
C GLU D 81 -3.27 -10.95 5.11
N LYS D 82 -2.97 -11.15 6.40
CA LYS D 82 -3.19 -10.11 7.41
C LYS D 82 -2.33 -8.87 7.15
N TYR D 83 -1.02 -9.08 7.08
CA TYR D 83 -0.03 -8.03 6.80
C TYR D 83 -0.37 -7.17 5.59
N VAL D 84 -0.89 -7.79 4.54
CA VAL D 84 -1.30 -7.07 3.34
C VAL D 84 -2.42 -6.08 3.68
N GLU D 85 -3.49 -6.58 4.31
CA GLU D 85 -4.66 -5.76 4.65
C GLU D 85 -4.31 -4.72 5.70
N ASP D 86 -3.40 -5.09 6.60
CA ASP D 86 -2.93 -4.19 7.65
C ASP D 86 -2.11 -3.07 7.04
N THR D 87 -1.35 -3.41 6.00
CA THR D 87 -0.50 -2.44 5.29
C THR D 87 -1.33 -1.48 4.46
N LYS D 88 -2.31 -2.02 3.76
CA LYS D 88 -3.21 -1.22 2.95
C LYS D 88 -3.98 -0.19 3.78
N ILE D 89 -4.49 -0.63 4.93
CA ILE D 89 -5.30 0.23 5.78
C ILE D 89 -4.48 1.38 6.37
N ASP D 90 -3.29 1.08 6.89
CA ASP D 90 -2.39 2.12 7.37
C ASP D 90 -2.08 3.16 6.30
N LEU D 91 -1.93 2.72 5.05
CA LEU D 91 -1.57 3.63 3.95
C LEU D 91 -2.74 4.54 3.58
N TRP D 92 -3.95 3.98 3.55
CA TRP D 92 -5.14 4.78 3.29
C TRP D 92 -5.46 5.69 4.45
N SER D 93 -5.25 5.22 5.67
CA SER D 93 -5.41 6.05 6.85
C SER D 93 -4.50 7.28 6.81
N TYR D 94 -3.25 7.11 6.37
CA TYR D 94 -2.32 8.23 6.25
C TYR D 94 -2.83 9.24 5.22
N ASN D 95 -3.31 8.72 4.09
CA ASN D 95 -3.76 9.56 2.99
C ASN D 95 -4.93 10.44 3.38
N ALA D 96 -5.83 9.89 4.20
CA ALA D 96 -6.99 10.62 4.69
C ALA D 96 -6.60 11.70 5.70
N GLU D 97 -5.81 11.31 6.70
CA GLU D 97 -5.35 12.26 7.70
C GLU D 97 -4.67 13.44 7.01
N LEU D 98 -3.94 13.17 5.93
CA LEU D 98 -3.18 14.22 5.22
C LEU D 98 -4.06 15.05 4.30
N LEU D 99 -4.99 14.41 3.58
CA LEU D 99 -5.92 15.14 2.70
C LEU D 99 -6.63 16.25 3.49
N VAL D 100 -7.26 15.86 4.59
CA VAL D 100 -8.02 16.79 5.42
C VAL D 100 -7.12 17.93 5.90
N ALA D 101 -6.06 17.59 6.62
CA ALA D 101 -5.11 18.57 7.14
C ALA D 101 -4.69 19.59 6.09
N LEU D 102 -4.39 19.12 4.88
CA LEU D 102 -4.00 20.02 3.79
C LEU D 102 -5.14 20.93 3.39
N GLU D 103 -6.25 20.33 2.98
CA GLU D 103 -7.42 21.06 2.53
C GLU D 103 -7.87 22.09 3.56
N ASN D 104 -7.79 21.74 4.83
CA ASN D 104 -8.25 22.64 5.87
C ASN D 104 -7.34 23.85 6.02
N GLN D 105 -6.05 23.62 6.02
CA GLN D 105 -5.09 24.72 6.02
C GLN D 105 -5.38 25.64 4.85
N HIS D 106 -5.69 25.05 3.70
CA HIS D 106 -5.94 25.81 2.48
C HIS D 106 -7.31 26.50 2.50
N THR D 107 -8.32 25.86 3.11
CA THR D 107 -9.65 26.47 3.22
C THR D 107 -9.57 27.74 4.05
N ILE D 108 -8.90 27.65 5.19
CA ILE D 108 -8.69 28.81 6.08
C ILE D 108 -7.90 29.91 5.39
N ASP D 109 -6.97 29.54 4.52
CA ASP D 109 -6.19 30.54 3.80
C ASP D 109 -7.00 31.19 2.69
N LEU D 110 -7.73 30.42 1.88
CA LEU D 110 -8.42 31.03 0.75
C LEU D 110 -9.60 31.91 1.19
N THR D 111 -10.17 31.60 2.35
CA THR D 111 -11.18 32.48 2.95
C THR D 111 -10.54 33.77 3.47
N ASP D 112 -9.47 33.63 4.24
CA ASP D 112 -8.69 34.77 4.71
C ASP D 112 -8.27 35.64 3.52
N ALA D 113 -7.86 34.97 2.43
CA ALA D 113 -7.47 35.65 1.19
C ALA D 113 -8.63 36.40 0.52
N GLU D 114 -9.86 35.88 0.59
CA GLU D 114 -11.00 36.58 0.02
C GLU D 114 -11.39 37.83 0.81
N MET D 115 -11.24 37.76 2.14
CA MET D 115 -11.48 38.92 3.01
C MET D 115 -10.53 40.03 2.64
N ASN D 116 -9.28 39.66 2.35
CA ASN D 116 -8.27 40.64 1.98
C ASN D 116 -8.50 41.22 0.60
N LYS D 117 -8.99 40.38 -0.32
CA LYS D 117 -9.33 40.85 -1.67
C LYS D 117 -10.37 41.95 -1.65
N LEU D 118 -11.40 41.80 -0.81
CA LEU D 118 -12.48 42.80 -0.73
C LEU D 118 -11.95 44.13 -0.21
N PHE D 119 -11.11 44.07 0.82
CA PHE D 119 -10.52 45.27 1.39
C PHE D 119 -9.67 46.02 0.36
N GLU D 120 -8.84 45.29 -0.36
CA GLU D 120 -8.00 45.89 -1.39
C GLU D 120 -8.83 46.48 -2.52
N LYS D 121 -9.85 45.74 -2.96
CA LYS D 121 -10.80 46.18 -3.99
C LYS D 121 -11.48 47.49 -3.62
N THR D 122 -11.93 47.57 -2.38
CA THR D 122 -12.59 48.77 -1.86
C THR D 122 -11.62 49.93 -1.70
N ARG D 123 -10.40 49.63 -1.24
CA ARG D 123 -9.36 50.66 -1.09
C ARG D 123 -9.14 51.37 -2.42
N ARG D 124 -9.02 50.57 -3.48
CA ARG D 124 -8.81 51.08 -4.82
C ARG D 124 -9.93 51.99 -5.30
N GLN D 125 -11.17 51.66 -4.96
CA GLN D 125 -12.31 52.51 -5.32
C GLN D 125 -12.21 53.89 -4.68
N LEU D 126 -12.05 53.88 -3.36
CA LEU D 126 -12.12 55.10 -2.56
C LEU D 126 -11.00 56.05 -2.88
N ARG D 127 -9.83 55.50 -3.20
CA ARG D 127 -8.67 56.28 -3.62
C ARG D 127 -8.42 57.41 -2.59
N GLU D 128 -8.14 58.64 -3.01
CA GLU D 128 -7.70 59.66 -2.04
C GLU D 128 -8.80 60.18 -1.11
N ASN D 129 -10.01 59.61 -1.17
CA ASN D 129 -11.16 60.13 -0.42
C ASN D 129 -11.35 59.51 0.97
N ALA D 130 -10.52 58.51 1.30
CA ALA D 130 -10.58 57.81 2.58
C ALA D 130 -9.20 57.33 3.05
N GLU D 131 -9.13 56.91 4.30
CA GLU D 131 -7.90 56.41 4.91
C GLU D 131 -8.19 55.12 5.67
N ASP D 132 -7.23 54.20 5.71
CA ASP D 132 -7.32 52.99 6.52
C ASP D 132 -7.26 53.41 7.99
N MET D 133 -8.33 53.17 8.74
CA MET D 133 -8.34 53.43 10.19
C MET D 133 -7.70 52.29 10.95
N GLY D 134 -7.49 51.15 10.29
CA GLY D 134 -7.12 49.92 10.97
C GLY D 134 -8.37 49.24 11.44
N GLY D 135 -8.26 47.94 11.75
CA GLY D 135 -9.42 47.17 12.16
C GLY D 135 -10.31 46.74 11.01
N GLY D 136 -9.94 47.11 9.78
CA GLY D 136 -10.76 46.85 8.62
C GLY D 136 -11.70 47.98 8.23
N CYS D 137 -11.56 49.14 8.88
CA CYS D 137 -12.45 50.27 8.61
C CYS D 137 -11.75 51.39 7.85
N PHE D 138 -12.51 52.06 7.00
CA PHE D 138 -12.08 53.25 6.30
C PHE D 138 -12.77 54.44 6.94
N LYS D 139 -12.04 55.54 7.12
CA LYS D 139 -12.68 56.81 7.42
C LYS D 139 -12.76 57.57 6.12
N ILE D 140 -13.98 57.79 5.64
CA ILE D 140 -14.24 58.54 4.43
C ILE D 140 -14.29 60.02 4.80
N TYR D 141 -13.55 60.84 4.04
CA TYR D 141 -13.39 62.24 4.38
C TYR D 141 -14.34 63.16 3.59
N HIS D 142 -15.60 62.72 3.48
CA HIS D 142 -16.68 63.52 2.89
C HIS D 142 -18.02 62.92 3.32
N LYS D 143 -19.07 63.74 3.33
CA LYS D 143 -20.44 63.25 3.58
C LYS D 143 -20.79 62.20 2.54
N CYS D 144 -21.18 61.01 3.02
CA CYS D 144 -21.47 59.89 2.12
C CYS D 144 -22.71 59.17 2.62
N ASP D 145 -23.87 59.60 2.13
CA ASP D 145 -25.16 59.06 2.57
C ASP D 145 -25.36 57.62 2.09
N ASN D 146 -26.54 57.05 2.32
CA ASN D 146 -26.79 55.65 1.99
C ASN D 146 -26.60 55.35 0.50
N ALA D 147 -27.10 56.24 -0.35
CA ALA D 147 -26.89 56.10 -1.80
C ALA D 147 -25.40 56.01 -2.15
N CYS D 148 -24.61 56.94 -1.61
CA CYS D 148 -23.17 57.01 -1.80
C CYS D 148 -22.47 55.71 -1.37
N ILE D 149 -22.91 55.13 -0.25
CA ILE D 149 -22.36 53.87 0.23
C ILE D 149 -22.74 52.75 -0.73
N GLY D 150 -23.98 52.79 -1.21
CA GLY D 150 -24.44 51.87 -2.23
C GLY D 150 -23.58 51.90 -3.47
N SER D 151 -23.21 53.10 -3.92
CA SER D 151 -22.35 53.24 -5.10
C SER D 151 -20.99 52.57 -4.89
N ILE D 152 -20.49 52.53 -3.65
CA ILE D 152 -19.26 51.81 -3.32
C ILE D 152 -19.51 50.31 -3.38
N ARG D 153 -20.63 49.88 -2.81
CA ARG D 153 -21.02 48.47 -2.80
C ARG D 153 -21.39 47.97 -4.21
N ASN D 154 -22.05 48.82 -4.99
CA ASN D 154 -22.38 48.53 -6.40
C ASN D 154 -21.15 48.45 -7.30
N GLY D 155 -20.05 49.08 -6.88
CA GLY D 155 -18.82 49.16 -7.66
C GLY D 155 -18.84 50.31 -8.65
N THR D 156 -19.62 51.36 -8.33
CA THR D 156 -19.87 52.47 -9.24
C THR D 156 -19.53 53.83 -8.62
N TYR D 157 -18.71 53.82 -7.57
CA TYR D 157 -18.34 55.03 -6.86
C TYR D 157 -17.27 55.78 -7.65
N ASP D 158 -17.68 56.86 -8.33
CA ASP D 158 -16.71 57.74 -8.99
C ASP D 158 -16.10 58.66 -7.94
N HIS D 159 -14.80 58.45 -7.68
CA HIS D 159 -14.09 59.20 -6.64
C HIS D 159 -13.83 60.66 -7.01
N TYR D 160 -13.82 60.96 -8.31
CA TYR D 160 -13.60 62.34 -8.79
C TYR D 160 -14.65 63.34 -8.31
N ILE D 161 -15.84 62.85 -8.00
CA ILE D 161 -16.94 63.71 -7.58
C ILE D 161 -16.65 64.35 -6.22
N TYR D 162 -16.12 63.55 -5.28
CA TYR D 162 -15.84 64.04 -3.92
C TYR D 162 -14.36 64.32 -3.66
N ARG D 163 -13.49 64.19 -4.67
CA ARG D 163 -12.05 64.32 -4.47
C ARG D 163 -11.63 65.65 -3.83
N ASP D 164 -12.08 66.75 -4.40
CA ASP D 164 -11.67 68.08 -3.93
C ASP D 164 -12.11 68.34 -2.50
N GLU D 165 -13.35 67.95 -2.18
CA GLU D 165 -13.88 68.09 -0.83
C GLU D 165 -13.05 67.25 0.15
N ALA D 166 -12.73 66.02 -0.29
CA ALA D 166 -12.05 65.06 0.57
C ALA D 166 -10.63 65.47 0.88
N LEU D 167 -9.88 65.88 -0.14
CA LEU D 167 -8.51 66.34 0.06
C LEU D 167 -8.46 67.48 1.08
N ASN D 168 -9.44 68.37 1.03
CA ASN D 168 -9.52 69.47 1.98
C ASN D 168 -9.74 69.02 3.43
N ASN D 169 -10.58 68.01 3.63
CA ASN D 169 -10.86 67.51 4.98
C ASN D 169 -9.70 66.71 5.58
N ARG D 170 -8.93 66.05 4.71
CA ARG D 170 -7.73 65.32 5.15
C ARG D 170 -6.62 66.27 5.55
N PHE D 171 -6.27 67.20 4.66
CA PHE D 171 -5.21 68.19 4.92
C PHE D 171 -5.81 69.59 4.85
N GLN D 172 -5.32 70.52 5.65
CA GLN D 172 -5.86 71.88 5.64
C GLN D 172 -4.88 72.97 6.10
N ASN E 9 1.15 66.75 -22.89
CA ASN E 9 0.60 66.40 -21.56
C ASN E 9 1.70 65.95 -20.60
N ASN E 10 1.73 66.57 -19.42
CA ASN E 10 2.73 66.28 -18.40
C ASN E 10 2.22 65.33 -17.31
N THR E 11 1.62 64.23 -17.75
CA THR E 11 1.37 63.06 -16.91
C THR E 11 1.51 61.83 -17.80
N ALA E 12 1.75 60.67 -17.18
CA ALA E 12 1.89 59.42 -17.90
C ALA E 12 1.14 58.32 -17.15
N THR E 13 0.88 57.22 -17.83
CA THR E 13 0.27 56.06 -17.19
C THR E 13 1.15 54.83 -17.46
N LEU E 14 1.34 54.03 -16.41
CA LEU E 14 2.18 52.84 -16.46
C LEU E 14 1.36 51.64 -15.98
N CYS E 15 0.92 50.84 -16.93
CA CYS E 15 0.11 49.67 -16.62
C CYS E 15 0.98 48.45 -16.46
N LEU E 16 0.59 47.57 -15.54
CA LEU E 16 1.25 46.28 -15.38
C LEU E 16 0.31 45.18 -15.82
N GLY E 17 0.89 44.07 -16.26
CA GLY E 17 0.11 42.94 -16.74
C GLY E 17 0.95 41.69 -16.92
N HIS E 18 0.33 40.69 -17.54
CA HIS E 18 0.93 39.37 -17.74
C HIS E 18 0.58 38.87 -19.13
N HIS E 19 1.23 37.79 -19.55
CA HIS E 19 1.01 37.25 -20.88
C HIS E 19 -0.21 36.32 -20.95
N ALA E 20 -0.57 35.96 -22.18
CA ALA E 20 -1.66 35.02 -22.44
C ALA E 20 -1.49 34.44 -23.84
N VAL E 21 -2.30 33.42 -24.14
CA VAL E 21 -2.21 32.75 -25.45
C VAL E 21 -3.61 32.46 -26.01
N ALA E 22 -3.71 32.49 -27.34
CA ALA E 22 -4.99 32.35 -28.06
C ALA E 22 -5.87 31.27 -27.47
N ASN E 23 -5.32 30.05 -27.40
CA ASN E 23 -5.95 28.97 -26.65
C ASN E 23 -4.92 28.22 -25.83
N GLY E 24 -5.19 28.10 -24.53
CA GLY E 24 -4.28 27.42 -23.62
C GLY E 24 -4.65 25.97 -23.53
N THR E 25 -4.62 25.43 -22.32
CA THR E 25 -4.92 24.02 -22.06
C THR E 25 -5.50 23.86 -20.64
N LEU E 26 -6.37 22.86 -20.48
CA LEU E 26 -7.12 22.68 -19.22
C LEU E 26 -6.46 21.69 -18.25
N VAL E 27 -6.45 22.06 -16.96
CA VAL E 27 -5.84 21.23 -15.91
C VAL E 27 -6.76 21.09 -14.70
N LYS E 28 -6.45 20.13 -13.83
CA LYS E 28 -7.16 19.97 -12.56
C LYS E 28 -6.46 20.78 -11.48
N THR E 29 -7.24 21.26 -10.52
CA THR E 29 -6.71 21.88 -9.31
C THR E 29 -7.49 21.38 -8.10
N ILE E 30 -7.10 21.85 -6.92
CA ILE E 30 -7.77 21.47 -5.68
C ILE E 30 -9.20 22.00 -5.64
N THR E 31 -9.42 23.18 -6.23
CA THR E 31 -10.72 23.85 -6.20
C THR E 31 -11.50 23.84 -7.53
N ASP E 32 -10.82 23.60 -8.65
CA ASP E 32 -11.48 23.47 -9.94
C ASP E 32 -11.25 22.09 -10.54
N ASP E 33 -12.23 21.62 -11.30
CA ASP E 33 -12.08 20.38 -12.04
C ASP E 33 -11.34 20.66 -13.34
N GLN E 34 -11.71 21.77 -13.99
CA GLN E 34 -11.04 22.22 -15.21
C GLN E 34 -10.78 23.72 -15.11
N ILE E 35 -9.62 24.13 -15.62
CA ILE E 35 -9.21 25.54 -15.56
C ILE E 35 -8.09 25.78 -16.58
N GLU E 36 -8.23 26.87 -17.36
CA GLU E 36 -7.29 27.13 -18.45
C GLU E 36 -5.98 27.71 -17.91
N VAL E 37 -4.87 27.15 -18.40
CA VAL E 37 -3.52 27.67 -18.13
C VAL E 37 -2.77 27.78 -19.45
N THR E 38 -1.67 28.54 -19.48
CA THR E 38 -0.97 28.81 -20.74
C THR E 38 -0.35 27.56 -21.37
N ASN E 39 0.14 26.64 -20.55
CA ASN E 39 0.78 25.43 -21.02
C ASN E 39 0.69 24.32 -19.99
N ALA E 40 0.99 23.09 -20.41
CA ALA E 40 1.04 21.94 -19.51
C ALA E 40 1.96 20.87 -20.09
N THR E 41 2.13 19.78 -19.35
CA THR E 41 2.96 18.68 -19.79
C THR E 41 2.42 17.36 -19.26
N GLU E 42 2.35 16.35 -20.13
CA GLU E 42 1.70 15.08 -19.82
C GLU E 42 2.61 14.23 -18.93
N LEU E 43 2.06 13.71 -17.84
CA LEU E 43 2.82 12.86 -16.90
C LEU E 43 2.45 11.37 -16.95
N VAL E 44 1.55 10.98 -17.84
CA VAL E 44 1.18 9.57 -18.00
C VAL E 44 1.56 9.09 -19.40
N GLN E 45 2.49 8.14 -19.45
CA GLN E 45 2.88 7.51 -20.70
C GLN E 45 1.76 6.59 -21.17
N SER E 46 1.09 6.96 -22.26
CA SER E 46 -0.07 6.23 -22.75
C SER E 46 0.26 5.23 -23.85
N ILE E 47 1.36 5.46 -24.55
CA ILE E 47 1.65 4.76 -25.81
C ILE E 47 3.07 4.19 -25.86
N SER E 48 3.21 2.98 -26.40
CA SER E 48 4.50 2.29 -26.48
C SER E 48 5.07 2.40 -27.89
N ILE E 49 6.26 1.87 -28.08
CA ILE E 49 6.92 1.88 -29.39
C ILE E 49 6.28 0.84 -30.31
N GLY E 50 6.00 -0.35 -29.77
CA GLY E 50 5.44 -1.45 -30.54
C GLY E 50 6.34 -2.67 -30.42
N LYS E 51 7.64 -2.44 -30.54
CA LYS E 51 8.62 -3.51 -30.38
C LYS E 51 9.14 -3.55 -28.95
N ILE E 52 9.73 -4.68 -28.57
CA ILE E 52 10.49 -4.80 -27.34
C ILE E 52 11.94 -4.52 -27.69
N CYS E 53 12.51 -3.48 -27.08
CA CYS E 53 13.86 -3.05 -27.42
C CYS E 53 14.92 -3.97 -26.79
N ASN E 54 15.65 -4.69 -27.65
CA ASN E 54 16.72 -5.60 -27.20
C ASN E 54 18.11 -4.96 -27.21
N ASN E 55 18.28 -3.91 -26.40
CA ASN E 55 19.53 -3.15 -26.37
C ASN E 55 20.02 -2.88 -24.95
N SER E 56 19.23 -2.14 -24.16
CA SER E 56 19.58 -1.88 -22.77
C SER E 56 19.63 -3.18 -21.95
N TYR E 57 18.69 -4.08 -22.21
CA TYR E 57 18.64 -5.39 -21.56
C TYR E 57 18.78 -6.51 -22.58
N ARG E 58 19.28 -7.65 -22.09
CA ARG E 58 19.47 -8.82 -22.93
C ARG E 58 18.15 -9.61 -23.01
N VAL E 59 17.38 -9.33 -24.06
CA VAL E 59 16.11 -10.01 -24.29
C VAL E 59 16.36 -11.29 -25.07
N LEU E 60 15.74 -12.39 -24.61
CA LEU E 60 15.90 -13.70 -25.23
C LEU E 60 14.57 -14.25 -25.71
N ASP E 61 14.43 -14.42 -27.02
CA ASP E 61 13.19 -14.90 -27.63
C ASP E 61 13.00 -16.41 -27.38
N GLY E 62 11.82 -16.78 -26.89
CA GLY E 62 11.48 -18.20 -26.66
C GLY E 62 10.94 -18.89 -27.91
N ARG E 63 10.24 -18.13 -28.75
CA ARG E 63 9.76 -18.60 -30.06
C ARG E 63 8.72 -19.71 -29.96
N ASN E 64 9.16 -20.97 -29.99
CA ASN E 64 8.27 -22.13 -29.85
C ASN E 64 8.32 -22.71 -28.44
N CYS E 65 9.27 -22.24 -27.62
CA CYS E 65 9.58 -22.88 -26.34
C CYS E 65 9.19 -22.05 -25.12
N THR E 66 8.90 -22.76 -24.03
CA THR E 66 8.75 -22.18 -22.70
C THR E 66 10.09 -22.27 -22.00
N LEU E 67 10.22 -21.59 -20.87
CA LEU E 67 11.45 -21.64 -20.08
C LEU E 67 11.64 -23.03 -19.47
N ILE E 68 10.54 -23.65 -19.05
CA ILE E 68 10.59 -24.97 -18.42
C ILE E 68 11.01 -26.06 -19.42
N ASP E 69 10.44 -26.04 -20.62
CA ASP E 69 10.82 -26.98 -21.67
C ASP E 69 12.28 -26.80 -22.08
N ALA E 70 12.75 -25.55 -22.05
CA ALA E 70 14.14 -25.24 -22.35
C ALA E 70 15.08 -25.83 -21.32
N MET E 71 14.72 -25.71 -20.04
CA MET E 71 15.49 -26.27 -18.94
C MET E 71 15.61 -27.79 -19.04
N LEU E 72 14.45 -28.45 -19.11
CA LEU E 72 14.36 -29.92 -19.13
C LEU E 72 15.09 -30.55 -20.32
N GLY E 73 15.05 -29.89 -21.47
CA GLY E 73 15.76 -30.36 -22.65
C GLY E 73 14.87 -31.04 -23.67
N ASP E 74 13.78 -30.37 -24.02
CA ASP E 74 12.89 -30.79 -25.10
C ASP E 74 13.67 -30.75 -26.42
N PRO E 75 13.58 -31.82 -27.25
CA PRO E 75 14.33 -31.92 -28.51
C PRO E 75 14.33 -30.67 -29.40
N HIS E 76 13.21 -29.96 -29.47
CA HIS E 76 13.15 -28.73 -30.28
C HIS E 76 13.69 -27.51 -29.52
N CYS E 77 13.74 -27.59 -28.19
CA CYS E 77 14.31 -26.55 -27.33
C CYS E 77 15.82 -26.75 -27.03
N ASP E 78 16.50 -27.57 -27.83
CA ASP E 78 17.94 -27.81 -27.64
C ASP E 78 18.78 -26.54 -27.83
N ASP E 79 18.26 -25.59 -28.62
CA ASP E 79 18.90 -24.28 -28.86
C ASP E 79 19.38 -23.57 -27.60
N PHE E 80 18.65 -23.76 -26.50
CA PHE E 80 18.86 -22.98 -25.26
C PHE E 80 19.75 -23.72 -24.25
N GLN E 81 20.68 -24.53 -24.74
CA GLN E 81 21.45 -25.45 -23.88
C GLN E 81 22.08 -24.74 -22.68
N TYR E 82 22.91 -23.73 -22.96
CA TYR E 82 23.61 -22.97 -21.92
C TYR E 82 23.38 -21.48 -22.10
N GLU E 83 22.13 -21.07 -22.28
CA GLU E 83 21.82 -19.66 -22.56
C GLU E 83 21.41 -18.90 -21.30
N ASN E 84 21.60 -17.58 -21.33
CA ASN E 84 21.19 -16.69 -20.24
C ASN E 84 20.39 -15.49 -20.76
N TRP E 85 19.85 -14.72 -19.82
CA TRP E 85 18.91 -13.64 -20.14
C TRP E 85 18.74 -12.69 -18.98
N ASP E 86 18.43 -11.43 -19.29
CA ASP E 86 17.86 -10.52 -18.31
C ASP E 86 16.35 -10.74 -18.32
N LEU E 87 15.78 -10.81 -19.52
CA LEU E 87 14.35 -11.06 -19.67
C LEU E 87 14.07 -12.15 -20.71
N PHE E 88 13.45 -13.24 -20.26
CA PHE E 88 13.01 -14.30 -21.15
C PHE E 88 11.60 -13.99 -21.65
N ILE E 89 11.35 -14.23 -22.93
CA ILE E 89 10.05 -13.92 -23.54
C ILE E 89 9.32 -15.20 -23.96
N GLU E 90 8.10 -15.38 -23.45
CA GLU E 90 7.29 -16.55 -23.76
C GLU E 90 6.14 -16.20 -24.71
N ARG E 91 6.08 -16.88 -25.84
CA ARG E 91 5.04 -16.64 -26.84
C ARG E 91 3.81 -17.49 -26.50
N SER E 92 2.63 -17.00 -26.89
CA SER E 92 1.39 -17.75 -26.67
C SER E 92 1.33 -19.00 -27.54
N SER E 93 2.03 -18.96 -28.68
CA SER E 93 2.04 -20.06 -29.64
C SER E 93 3.10 -21.14 -29.36
N ALA E 94 3.63 -21.18 -28.14
CA ALA E 94 4.61 -22.20 -27.76
C ALA E 94 3.95 -23.54 -27.48
N PHE E 95 4.75 -24.60 -27.42
CA PHE E 95 4.25 -25.93 -27.12
C PHE E 95 5.34 -26.84 -26.59
N SER E 96 4.91 -27.98 -26.05
CA SER E 96 5.80 -29.07 -25.67
C SER E 96 5.67 -30.19 -26.70
N ASN E 97 6.80 -30.74 -27.13
CA ASN E 97 6.79 -31.84 -28.10
C ASN E 97 7.70 -32.97 -27.63
N CYS E 98 7.48 -33.39 -26.39
CA CYS E 98 8.23 -34.46 -25.75
C CYS E 98 7.26 -35.29 -24.91
N TYR E 99 7.78 -36.11 -23.99
CA TYR E 99 6.93 -36.98 -23.17
C TYR E 99 6.01 -36.13 -22.29
N PRO E 100 4.71 -36.45 -22.24
CA PRO E 100 3.76 -35.65 -21.47
C PRO E 100 4.05 -35.66 -19.97
N TYR E 101 3.92 -34.50 -19.33
CA TYR E 101 4.27 -34.35 -17.92
C TYR E 101 3.38 -33.34 -17.20
N ASP E 102 3.65 -33.19 -15.91
CA ASP E 102 3.10 -32.11 -15.10
C ASP E 102 4.16 -31.72 -14.07
N ILE E 103 3.95 -30.61 -13.39
CA ILE E 103 4.81 -30.21 -12.29
C ILE E 103 3.95 -29.63 -11.17
N PRO E 104 4.00 -30.26 -9.98
CA PRO E 104 3.39 -29.63 -8.81
C PRO E 104 4.16 -28.38 -8.41
N ASP E 105 3.43 -27.29 -8.19
CA ASP E 105 4.03 -25.97 -7.95
C ASP E 105 4.89 -25.56 -9.17
N TYR E 106 4.26 -25.61 -10.35
CA TYR E 106 4.90 -25.30 -11.63
C TYR E 106 5.41 -23.88 -11.67
N ALA E 107 4.52 -22.95 -11.34
CA ALA E 107 4.82 -21.52 -11.33
C ALA E 107 6.08 -21.18 -10.54
N SER E 108 6.30 -21.90 -9.44
CA SER E 108 7.43 -21.66 -8.53
C SER E 108 8.76 -22.07 -9.14
N LEU E 109 8.78 -23.22 -9.81
CA LEU E 109 9.98 -23.67 -10.52
C LEU E 109 10.32 -22.71 -11.65
N ARG E 110 9.28 -22.32 -12.40
CA ARG E 110 9.41 -21.34 -13.48
C ARG E 110 9.96 -20.00 -12.99
N SER E 111 9.52 -19.58 -11.81
CA SER E 111 9.97 -18.33 -11.22
C SER E 111 11.43 -18.42 -10.81
N ILE E 112 11.80 -19.53 -10.17
CA ILE E 112 13.15 -19.70 -9.65
C ILE E 112 14.22 -19.69 -10.75
N VAL E 113 13.94 -20.34 -11.89
CA VAL E 113 14.88 -20.39 -13.01
C VAL E 113 14.97 -19.02 -13.69
N ALA E 114 13.82 -18.41 -13.98
CA ALA E 114 13.78 -17.08 -14.59
C ALA E 114 14.62 -16.08 -13.79
N SER E 115 14.44 -16.09 -12.47
CA SER E 115 15.20 -15.24 -11.56
C SER E 115 16.72 -15.49 -11.60
N SER E 116 17.11 -16.77 -11.59
CA SER E 116 18.52 -17.16 -11.71
C SER E 116 19.10 -16.65 -13.01
N GLY E 117 18.27 -16.64 -14.06
CA GLY E 117 18.60 -16.00 -15.32
C GLY E 117 19.49 -16.81 -16.24
N THR E 118 19.58 -18.11 -15.99
CA THR E 118 20.56 -18.96 -16.69
C THR E 118 20.21 -20.46 -16.63
N LEU E 119 20.54 -21.17 -17.71
CA LEU E 119 20.41 -22.64 -17.79
C LEU E 119 21.78 -23.31 -17.83
N GLU E 120 22.69 -22.80 -17.01
CA GLU E 120 24.05 -23.33 -16.91
C GLU E 120 23.95 -24.68 -16.24
N PHE E 121 24.39 -25.72 -16.94
CA PHE E 121 24.21 -27.10 -16.48
C PHE E 121 25.54 -27.84 -16.49
N THR E 122 25.76 -28.63 -15.44
CA THR E 122 26.98 -29.40 -15.27
C THR E 122 26.61 -30.83 -14.92
N ALA E 123 26.91 -31.77 -15.82
CA ALA E 123 26.57 -33.18 -15.62
C ALA E 123 27.46 -33.81 -14.56
N GLU E 124 26.99 -34.92 -14.00
CA GLU E 124 27.68 -35.60 -12.90
C GLU E 124 27.58 -37.10 -13.09
N GLY E 125 28.70 -37.80 -12.88
CA GLY E 125 28.74 -39.24 -13.08
C GLY E 125 28.02 -40.01 -11.98
N PHE E 126 26.69 -40.01 -12.04
CA PHE E 126 25.89 -40.82 -11.12
C PHE E 126 26.10 -42.30 -11.46
N THR E 127 26.12 -43.16 -10.45
CA THR E 127 26.28 -44.61 -10.66
C THR E 127 24.96 -45.34 -10.45
N TRP E 128 24.35 -45.77 -11.55
CA TRP E 128 23.10 -46.52 -11.52
C TRP E 128 23.35 -47.99 -11.85
N THR E 129 23.87 -48.73 -10.87
CA THR E 129 24.18 -50.14 -11.06
C THR E 129 22.93 -51.00 -10.91
N GLY E 130 22.87 -52.07 -11.72
CA GLY E 130 21.75 -53.00 -11.72
C GLY E 130 20.55 -52.56 -12.53
N VAL E 131 20.70 -51.51 -13.33
CA VAL E 131 19.58 -50.96 -14.12
C VAL E 131 20.01 -50.44 -15.48
N THR E 132 19.12 -50.58 -16.48
CA THR E 132 19.38 -50.09 -17.83
C THR E 132 18.94 -48.61 -17.93
N GLN E 133 19.83 -47.79 -18.49
CA GLN E 133 19.71 -46.32 -18.45
C GLN E 133 19.26 -45.74 -19.79
N ASN E 134 19.07 -44.43 -19.82
CA ASN E 134 18.77 -43.67 -21.04
C ASN E 134 17.53 -44.12 -21.79
N GLY E 135 16.45 -44.42 -21.06
CA GLY E 135 15.19 -44.80 -21.65
C GLY E 135 14.57 -43.66 -22.46
N GLY E 136 13.94 -44.01 -23.59
CA GLY E 136 13.35 -43.04 -24.50
C GLY E 136 11.90 -43.36 -24.83
N SER E 137 11.31 -42.55 -25.71
CA SER E 137 9.91 -42.74 -26.11
C SER E 137 9.59 -42.06 -27.43
N GLY E 138 8.65 -42.64 -28.17
CA GLY E 138 8.22 -42.12 -29.47
C GLY E 138 7.58 -40.76 -29.42
N ALA E 139 6.93 -40.46 -28.29
CA ALA E 139 6.31 -39.14 -28.06
C ALA E 139 7.36 -38.01 -28.00
N CYS E 140 8.58 -38.35 -27.58
CA CYS E 140 9.70 -37.41 -27.57
C CYS E 140 10.70 -37.79 -28.65
N LYS E 141 10.35 -37.48 -29.90
CA LYS E 141 11.21 -37.74 -31.06
C LYS E 141 12.26 -36.63 -31.21
N ARG E 142 13.53 -37.03 -31.13
CA ARG E 142 14.66 -36.13 -31.34
C ARG E 142 15.34 -36.51 -32.65
N GLY E 143 15.30 -35.61 -33.62
CA GLY E 143 15.85 -35.88 -34.95
C GLY E 143 15.01 -36.88 -35.70
N SER E 144 15.26 -38.17 -35.46
CA SER E 144 14.43 -39.24 -36.00
C SER E 144 14.61 -40.52 -35.17
N ALA E 145 14.48 -40.39 -33.86
CA ALA E 145 14.67 -41.52 -32.94
C ALA E 145 13.92 -41.29 -31.62
N ASP E 146 13.56 -42.40 -30.96
CA ASP E 146 12.88 -42.35 -29.67
C ASP E 146 13.85 -41.89 -28.60
N SER E 147 13.71 -40.62 -28.20
CA SER E 147 14.61 -40.01 -27.21
C SER E 147 13.82 -39.55 -25.99
N PHE E 148 14.39 -38.60 -25.25
CA PHE E 148 13.83 -38.17 -23.97
C PHE E 148 14.32 -36.76 -23.62
N PHE E 149 13.77 -36.16 -22.57
CA PHE E 149 14.27 -34.88 -22.04
C PHE E 149 15.77 -35.02 -21.79
N SER E 150 16.56 -34.09 -22.34
CA SER E 150 18.02 -34.23 -22.30
C SER E 150 18.63 -34.21 -20.90
N ARG E 151 17.98 -33.52 -19.96
CA ARG E 151 18.49 -33.40 -18.57
C ARG E 151 18.03 -34.52 -17.62
N LEU E 152 17.12 -35.37 -18.07
CA LEU E 152 16.59 -36.46 -17.24
C LEU E 152 17.02 -37.82 -17.78
N ASN E 153 17.24 -38.77 -16.86
CA ASN E 153 17.68 -40.11 -17.21
C ASN E 153 16.64 -41.14 -16.80
N TRP E 154 15.91 -41.68 -17.77
CA TRP E 154 14.87 -42.68 -17.50
C TRP E 154 15.50 -44.05 -17.22
N LEU E 155 15.35 -44.52 -15.99
CA LEU E 155 15.88 -45.82 -15.55
C LEU E 155 14.81 -46.91 -15.62
N THR E 156 15.18 -48.06 -16.19
CA THR E 156 14.29 -49.24 -16.27
C THR E 156 15.02 -50.51 -15.83
N LYS E 157 14.29 -51.63 -15.78
CA LYS E 157 14.86 -52.91 -15.30
C LYS E 157 15.94 -53.50 -16.20
N SER E 158 16.80 -54.32 -15.60
CA SER E 158 17.90 -54.97 -16.30
C SER E 158 17.63 -56.47 -16.41
N GLY E 159 16.73 -56.84 -17.32
CA GLY E 159 16.33 -58.23 -17.53
C GLY E 159 15.55 -58.86 -16.38
N ASN E 160 16.29 -59.35 -15.38
CA ASN E 160 15.72 -60.18 -14.31
C ASN E 160 15.00 -59.36 -13.24
N SER E 161 15.62 -58.26 -12.79
CA SER E 161 15.04 -57.45 -11.71
C SER E 161 15.58 -56.01 -11.65
N TYR E 162 14.98 -55.21 -10.77
CA TYR E 162 15.28 -53.78 -10.60
C TYR E 162 15.61 -53.54 -9.13
N PRO E 163 16.90 -53.33 -8.80
CA PRO E 163 17.34 -53.26 -7.40
C PRO E 163 17.07 -51.93 -6.73
N ILE E 164 17.15 -51.94 -5.39
CA ILE E 164 17.04 -50.74 -4.58
C ILE E 164 18.28 -49.87 -4.84
N LEU E 165 18.10 -48.79 -5.58
CA LEU E 165 19.18 -47.85 -5.84
C LEU E 165 19.46 -47.01 -4.60
N ASN E 166 20.71 -46.58 -4.45
CA ASN E 166 21.14 -45.82 -3.27
C ASN E 166 22.38 -45.01 -3.66
N VAL E 167 22.16 -43.80 -4.15
CA VAL E 167 23.21 -42.99 -4.75
C VAL E 167 23.35 -41.64 -4.06
N THR E 168 24.60 -41.19 -3.95
CA THR E 168 24.93 -39.92 -3.28
C THR E 168 25.67 -38.96 -4.21
N MET E 169 25.65 -37.68 -3.86
CA MET E 169 26.36 -36.64 -4.60
C MET E 169 26.52 -35.39 -3.72
N PRO E 170 27.70 -35.20 -3.13
CA PRO E 170 27.90 -34.08 -2.21
C PRO E 170 28.14 -32.75 -2.92
N ASN E 171 27.60 -31.66 -2.35
CA ASN E 171 27.84 -30.31 -2.87
C ASN E 171 29.16 -29.75 -2.31
N ASN E 172 30.22 -29.82 -3.10
CA ASN E 172 31.55 -29.30 -2.72
C ASN E 172 31.71 -27.78 -2.90
N LYS E 173 30.81 -27.18 -3.68
CA LYS E 173 30.96 -25.77 -4.08
C LYS E 173 30.53 -24.86 -2.93
N ASN E 174 30.42 -23.56 -3.21
CA ASN E 174 29.86 -22.59 -2.25
C ASN E 174 28.66 -21.84 -2.84
N PHE E 175 27.95 -22.51 -3.74
CA PHE E 175 26.68 -22.02 -4.29
C PHE E 175 25.65 -23.15 -4.34
N ASP E 176 24.39 -22.78 -4.49
CA ASP E 176 23.30 -23.74 -4.44
C ASP E 176 23.20 -24.52 -5.75
N LYS E 177 23.17 -25.85 -5.63
CA LYS E 177 22.93 -26.73 -6.77
C LYS E 177 21.44 -26.99 -6.91
N LEU E 178 20.90 -26.78 -8.10
CA LEU E 178 19.50 -27.09 -8.41
C LEU E 178 19.41 -28.41 -9.18
N TYR E 179 18.70 -29.38 -8.61
CA TYR E 179 18.53 -30.71 -9.23
C TYR E 179 17.10 -30.90 -9.75
N ILE E 180 16.98 -31.41 -10.97
CA ILE E 180 15.68 -31.68 -11.57
C ILE E 180 15.53 -33.18 -11.82
N TRP E 181 14.48 -33.77 -11.25
CA TRP E 181 14.22 -35.20 -11.40
C TRP E 181 12.71 -35.42 -11.54
N GLY E 182 12.28 -36.67 -11.56
CA GLY E 182 10.85 -36.98 -11.62
C GLY E 182 10.54 -38.44 -11.36
N ILE E 183 9.27 -38.81 -11.56
CA ILE E 183 8.81 -40.18 -11.31
C ILE E 183 7.80 -40.56 -12.39
N HIS E 184 7.81 -41.82 -12.81
CA HIS E 184 6.95 -42.29 -13.89
C HIS E 184 5.72 -43.00 -13.34
N HIS E 185 4.54 -42.61 -13.84
CA HIS E 185 3.29 -43.30 -13.52
C HIS E 185 2.84 -44.05 -14.78
N PRO E 186 2.79 -45.39 -14.74
CA PRO E 186 2.31 -46.13 -15.91
C PRO E 186 0.79 -46.17 -16.05
N SER E 187 0.32 -46.68 -17.20
CA SER E 187 -1.11 -46.80 -17.49
C SER E 187 -1.72 -48.12 -16.99
N SER E 188 -0.89 -49.09 -16.62
CA SER E 188 -1.37 -50.38 -16.12
C SER E 188 -0.36 -51.07 -15.19
N ASN E 189 -0.87 -52.03 -14.40
CA ASN E 189 -0.05 -52.84 -13.52
C ASN E 189 0.84 -53.81 -14.30
N LYS E 190 0.33 -54.31 -15.42
CA LYS E 190 1.11 -55.17 -16.32
C LYS E 190 2.31 -54.39 -16.90
N GLU E 191 2.15 -53.09 -17.08
CA GLU E 191 3.25 -52.22 -17.48
C GLU E 191 4.19 -51.94 -16.31
N GLN E 192 3.63 -51.59 -15.16
CA GLN E 192 4.40 -51.32 -13.94
C GLN E 192 5.42 -52.42 -13.59
N THR E 193 5.03 -53.66 -13.81
CA THR E 193 5.91 -54.80 -13.54
C THR E 193 6.84 -55.10 -14.72
N LYS E 194 6.37 -54.85 -15.94
CA LYS E 194 7.17 -55.05 -17.16
C LYS E 194 8.48 -54.24 -17.15
N LEU E 195 8.43 -53.01 -16.64
CA LEU E 195 9.60 -52.12 -16.67
C LEU E 195 10.29 -51.98 -15.32
N TYR E 196 9.52 -51.98 -14.23
CA TYR E 196 10.08 -51.75 -12.89
C TYR E 196 10.02 -52.98 -11.96
N ILE E 197 9.52 -54.11 -12.47
CA ILE E 197 9.54 -55.39 -11.75
C ILE E 197 8.62 -55.42 -10.52
N GLN E 198 8.86 -54.52 -9.56
CA GLN E 198 8.08 -54.48 -8.32
C GLN E 198 6.64 -54.03 -8.53
N GLU E 199 5.77 -54.40 -7.58
CA GLU E 199 4.35 -54.08 -7.63
C GLU E 199 4.12 -52.56 -7.50
N SER E 200 4.88 -51.91 -6.63
CA SER E 200 4.79 -50.46 -6.43
C SER E 200 6.16 -49.84 -6.21
N GLY E 201 6.49 -48.81 -6.99
CA GLY E 201 7.77 -48.11 -6.87
C GLY E 201 7.76 -47.05 -5.78
N ARG E 202 8.82 -46.24 -5.76
CA ARG E 202 9.00 -45.19 -4.76
C ARG E 202 10.28 -44.42 -5.07
N VAL E 203 10.27 -43.11 -4.83
CA VAL E 203 11.46 -42.27 -4.97
C VAL E 203 11.60 -41.38 -3.73
N THR E 204 12.70 -41.53 -3.01
CA THR E 204 12.97 -40.75 -1.80
C THR E 204 14.25 -39.92 -1.97
N VAL E 205 14.07 -38.69 -2.44
CA VAL E 205 15.19 -37.75 -2.59
C VAL E 205 15.31 -36.91 -1.32
N SER E 206 16.49 -36.97 -0.70
CA SER E 206 16.72 -36.35 0.59
C SER E 206 18.07 -35.63 0.64
N THR E 207 18.13 -34.58 1.46
CA THR E 207 19.38 -33.92 1.82
C THR E 207 19.63 -34.18 3.30
N GLU E 208 20.62 -33.51 3.89
CA GLU E 208 20.84 -33.60 5.33
C GLU E 208 19.92 -32.65 6.12
N ARG E 209 19.09 -31.88 5.41
CA ARG E 209 18.16 -30.93 6.05
C ARG E 209 16.71 -31.07 5.54
N SER E 210 16.45 -32.03 4.64
CA SER E 210 15.15 -32.09 3.95
C SER E 210 14.93 -33.42 3.25
N GLN E 211 13.67 -33.67 2.86
CA GLN E 211 13.34 -34.84 2.06
C GLN E 211 12.00 -34.69 1.34
N GLN E 212 11.83 -35.54 0.32
CA GLN E 212 10.62 -35.57 -0.50
C GLN E 212 10.39 -36.99 -0.98
N THR E 213 9.23 -37.57 -0.65
CA THR E 213 8.86 -38.88 -1.20
C THR E 213 7.66 -38.78 -2.12
N VAL E 214 7.76 -39.44 -3.27
CA VAL E 214 6.69 -39.52 -4.25
C VAL E 214 6.45 -40.99 -4.57
N ILE E 215 5.19 -41.40 -4.53
CA ILE E 215 4.81 -42.76 -4.88
C ILE E 215 4.17 -42.68 -6.27
N PRO E 216 4.49 -43.65 -7.16
CA PRO E 216 3.86 -43.62 -8.48
C PRO E 216 2.37 -43.89 -8.40
N ASN E 217 1.67 -43.76 -9.53
CA ASN E 217 0.22 -43.71 -9.54
C ASN E 217 -0.31 -44.42 -10.77
N ILE E 218 -0.39 -45.74 -10.69
CA ILE E 218 -0.73 -46.57 -11.85
C ILE E 218 -2.17 -46.27 -12.26
N GLY E 219 -2.44 -46.36 -13.55
CA GLY E 219 -3.76 -46.05 -14.10
C GLY E 219 -3.65 -45.19 -15.33
N SER E 220 -4.53 -45.40 -16.29
CA SER E 220 -4.45 -44.74 -17.59
C SER E 220 -4.92 -43.29 -17.52
N ARG E 221 -4.25 -42.45 -18.31
CA ARG E 221 -4.62 -41.03 -18.50
C ARG E 221 -5.02 -40.81 -19.96
N PRO E 222 -5.52 -39.61 -20.30
CA PRO E 222 -5.83 -39.30 -21.70
C PRO E 222 -4.65 -39.43 -22.67
N TRP E 223 -4.97 -39.59 -23.94
CA TRP E 223 -4.01 -39.95 -24.99
C TRP E 223 -3.28 -38.70 -25.49
N VAL E 224 -1.99 -38.62 -25.18
CA VAL E 224 -1.14 -37.49 -25.58
C VAL E 224 -0.03 -37.98 -26.51
N ARG E 225 -0.20 -37.70 -27.80
CA ARG E 225 0.74 -38.15 -28.85
C ARG E 225 0.72 -39.65 -29.14
N GLY E 226 0.07 -40.44 -28.28
CA GLY E 226 0.17 -41.89 -28.34
C GLY E 226 0.53 -42.57 -27.04
N GLN E 227 0.84 -41.79 -25.99
CA GLN E 227 1.17 -42.36 -24.70
C GLN E 227 0.08 -42.12 -23.67
N SER E 228 -0.16 -43.14 -22.86
CA SER E 228 -1.19 -43.15 -21.83
C SER E 228 -0.61 -42.78 -20.47
N GLY E 229 0.69 -43.00 -20.29
CA GLY E 229 1.37 -42.75 -19.02
C GLY E 229 1.81 -41.31 -18.84
N ARG E 230 2.47 -41.03 -17.71
CA ARG E 230 2.86 -39.67 -17.33
C ARG E 230 4.16 -39.62 -16.54
N ILE E 231 4.71 -38.41 -16.45
CA ILE E 231 5.89 -38.12 -15.63
C ILE E 231 5.64 -36.85 -14.81
N SER E 232 5.84 -36.91 -13.49
CA SER E 232 5.74 -35.75 -12.63
C SER E 232 7.12 -35.24 -12.22
N ILE E 233 7.44 -34.00 -12.59
CA ILE E 233 8.74 -33.40 -12.31
C ILE E 233 8.79 -32.80 -10.91
N TYR E 234 9.83 -33.15 -10.17
CA TYR E 234 10.08 -32.58 -8.86
C TYR E 234 11.43 -31.88 -8.89
N TRP E 235 11.80 -31.19 -7.81
CA TRP E 235 13.12 -30.58 -7.71
C TRP E 235 13.61 -30.44 -6.27
N THR E 236 14.92 -30.28 -6.14
CA THR E 236 15.61 -30.25 -4.85
C THR E 236 16.77 -29.26 -4.94
N ILE E 237 17.10 -28.64 -3.83
CA ILE E 237 18.20 -27.67 -3.77
C ILE E 237 19.19 -28.05 -2.69
N VAL E 238 20.44 -28.29 -3.07
CA VAL E 238 21.49 -28.68 -2.12
C VAL E 238 22.42 -27.50 -1.80
N LYS E 239 22.53 -27.17 -0.52
CA LYS E 239 23.36 -26.03 -0.06
C LYS E 239 24.83 -26.42 0.14
N PRO E 240 25.72 -25.40 0.22
CA PRO E 240 27.16 -25.66 0.43
C PRO E 240 27.44 -26.50 1.67
N GLY E 241 28.31 -27.50 1.52
CA GLY E 241 28.63 -28.41 2.61
C GLY E 241 27.65 -29.55 2.76
N ASP E 242 26.47 -29.42 2.17
CA ASP E 242 25.40 -30.41 2.30
C ASP E 242 25.59 -31.51 1.24
N ILE E 243 24.84 -32.61 1.38
CA ILE E 243 24.99 -33.80 0.54
C ILE E 243 23.64 -34.33 0.05
N LEU E 244 23.55 -34.64 -1.24
CA LEU E 244 22.33 -35.21 -1.83
C LEU E 244 22.29 -36.71 -1.66
N MET E 245 21.09 -37.27 -1.52
CA MET E 245 20.90 -38.73 -1.57
C MET E 245 19.57 -39.11 -2.24
N ILE E 246 19.64 -40.06 -3.16
CA ILE E 246 18.47 -40.56 -3.90
C ILE E 246 18.34 -42.05 -3.64
N ASN E 247 17.16 -42.48 -3.17
CA ASN E 247 16.90 -43.88 -2.80
C ASN E 247 15.57 -44.34 -3.39
N SER E 248 15.64 -45.04 -4.51
CA SER E 248 14.46 -45.53 -5.23
C SER E 248 14.53 -47.02 -5.49
N ASN E 249 13.37 -47.67 -5.51
CA ASN E 249 13.26 -49.08 -5.91
C ASN E 249 12.29 -49.29 -7.08
N GLY E 250 12.10 -48.23 -7.87
CA GLY E 250 11.20 -48.28 -9.02
C GLY E 250 10.68 -46.90 -9.43
N ASN E 251 10.51 -46.71 -10.73
CA ASN E 251 9.88 -45.52 -11.33
C ASN E 251 10.71 -44.24 -11.31
N LEU E 252 11.98 -44.33 -10.91
CA LEU E 252 12.84 -43.15 -10.82
C LEU E 252 13.22 -42.66 -12.21
N VAL E 253 12.85 -41.42 -12.51
CA VAL E 253 13.41 -40.69 -13.63
C VAL E 253 14.54 -39.85 -13.05
N ALA E 254 15.75 -40.40 -13.09
CA ALA E 254 16.92 -39.83 -12.41
C ALA E 254 17.42 -38.53 -13.05
N PRO E 255 18.19 -37.74 -12.27
CA PRO E 255 18.86 -36.54 -12.78
C PRO E 255 20.24 -36.85 -13.36
N ARG E 256 20.65 -36.10 -14.37
CA ARG E 256 21.98 -36.25 -14.96
C ARG E 256 23.01 -35.35 -14.28
N GLY E 257 22.57 -34.19 -13.78
CA GLY E 257 23.47 -33.24 -13.13
C GLY E 257 22.72 -32.07 -12.52
N TYR E 258 23.45 -30.97 -12.29
CA TYR E 258 22.90 -29.82 -11.57
C TYR E 258 22.97 -28.52 -12.35
N PHE E 259 22.04 -27.61 -12.04
CA PHE E 259 22.06 -26.26 -12.56
C PHE E 259 22.72 -25.32 -11.53
N LYS E 260 23.36 -24.27 -12.02
CA LYS E 260 23.94 -23.24 -11.16
C LYS E 260 22.89 -22.20 -10.85
N LEU E 261 22.68 -21.93 -9.58
CA LEU E 261 21.76 -20.88 -9.13
C LEU E 261 22.54 -19.63 -8.74
N ARG E 262 22.28 -18.55 -9.46
CA ARG E 262 22.85 -17.25 -9.15
C ARG E 262 21.74 -16.36 -8.62
N THR E 263 21.98 -15.68 -7.50
CA THR E 263 21.07 -14.63 -7.07
C THR E 263 21.18 -13.47 -8.07
N GLY E 264 20.17 -13.34 -8.94
CA GLY E 264 20.23 -12.41 -10.09
C GLY E 264 19.12 -11.39 -10.18
N LYS E 265 19.18 -10.57 -11.23
CA LYS E 265 18.20 -9.53 -11.51
C LYS E 265 17.35 -9.90 -12.75
N SER E 266 17.21 -11.20 -13.03
CA SER E 266 16.53 -11.66 -14.24
C SER E 266 15.05 -11.96 -14.03
N SER E 267 14.32 -12.16 -15.13
CA SER E 267 12.89 -12.47 -15.09
C SER E 267 12.39 -13.11 -16.39
N VAL E 268 11.10 -13.38 -16.43
CA VAL E 268 10.44 -13.94 -17.62
C VAL E 268 9.12 -13.21 -17.85
N MET E 269 8.75 -13.01 -19.11
CA MET E 269 7.57 -12.20 -19.46
C MET E 269 6.85 -12.75 -20.68
N ARG E 270 5.55 -12.97 -20.56
CA ARG E 270 4.72 -13.43 -21.67
C ARG E 270 4.41 -12.28 -22.61
N SER E 271 4.67 -12.47 -23.90
CA SER E 271 4.40 -11.44 -24.91
C SER E 271 4.40 -12.02 -26.32
N ASP E 272 3.69 -11.37 -27.23
CA ASP E 272 3.70 -11.75 -28.65
C ASP E 272 4.15 -10.58 -29.57
N ALA E 273 4.77 -9.56 -28.98
CA ALA E 273 5.24 -8.39 -29.73
C ALA E 273 6.60 -8.67 -30.38
N LEU E 274 6.92 -7.90 -31.43
CA LEU E 274 8.19 -8.04 -32.12
C LEU E 274 9.36 -7.52 -31.26
N ILE E 275 10.38 -8.37 -31.08
CA ILE E 275 11.64 -7.96 -30.45
C ILE E 275 12.52 -7.35 -31.53
N ASP E 276 13.08 -6.18 -31.27
CA ASP E 276 13.80 -5.43 -32.30
C ASP E 276 14.71 -4.37 -31.69
N THR E 277 15.60 -3.83 -32.52
CA THR E 277 16.59 -2.85 -32.07
C THR E 277 15.95 -1.47 -31.86
N CYS E 278 16.09 -0.95 -30.65
CA CYS E 278 15.68 0.42 -30.31
C CYS E 278 16.20 0.80 -28.93
N VAL E 279 16.06 2.08 -28.58
CA VAL E 279 16.43 2.57 -27.26
C VAL E 279 15.23 2.45 -26.33
N SER E 280 15.46 1.88 -25.15
CA SER E 280 14.49 1.91 -24.04
C SER E 280 15.04 1.18 -22.81
N GLU E 281 14.66 1.65 -21.62
CA GLU E 281 15.04 1.01 -20.36
C GLU E 281 13.85 0.35 -19.63
N CYS E 282 12.65 0.47 -20.20
CA CYS E 282 11.45 -0.16 -19.64
C CYS E 282 10.80 -1.07 -20.68
N ILE E 283 10.39 -2.27 -20.25
CA ILE E 283 9.79 -3.26 -21.14
C ILE E 283 8.44 -3.75 -20.63
N THR E 284 7.46 -3.79 -21.52
CA THR E 284 6.13 -4.34 -21.20
C THR E 284 5.78 -5.41 -22.23
N PRO E 285 4.67 -6.14 -22.00
CA PRO E 285 4.17 -7.06 -23.02
C PRO E 285 3.72 -6.37 -24.30
N ASN E 286 3.22 -5.14 -24.21
CA ASN E 286 2.81 -4.36 -25.39
C ASN E 286 4.00 -3.85 -26.19
N GLY E 287 5.18 -3.85 -25.55
CA GLY E 287 6.41 -3.37 -26.15
C GLY E 287 7.16 -2.51 -25.16
N SER E 288 8.28 -1.95 -25.59
CA SER E 288 9.03 -1.02 -24.75
C SER E 288 8.32 0.32 -24.68
N ILE E 289 8.55 1.06 -23.60
CA ILE E 289 7.98 2.41 -23.42
C ILE E 289 9.05 3.38 -22.97
N PRO E 290 8.92 4.68 -23.34
CA PRO E 290 9.87 5.66 -22.85
C PRO E 290 9.57 6.04 -21.40
N ASN E 291 10.62 6.16 -20.60
CA ASN E 291 10.45 6.38 -19.15
C ASN E 291 10.80 7.81 -18.70
N ASP E 292 10.36 8.79 -19.49
CA ASP E 292 10.59 10.20 -19.11
C ASP E 292 9.50 10.69 -18.15
N LYS E 293 8.29 10.13 -18.27
CA LYS E 293 7.19 10.50 -17.38
C LYS E 293 7.18 9.61 -16.13
N PRO E 294 6.65 10.12 -15.00
CA PRO E 294 6.64 9.37 -13.74
C PRO E 294 5.65 8.20 -13.69
N PHE E 295 4.63 8.24 -14.55
CA PHE E 295 3.57 7.23 -14.52
C PHE E 295 3.30 6.67 -15.90
N GLN E 296 2.54 5.58 -15.96
CA GLN E 296 2.16 4.99 -17.25
C GLN E 296 0.84 4.25 -17.18
N ASN E 297 0.20 4.11 -18.33
CA ASN E 297 -1.11 3.51 -18.45
C ASN E 297 -1.15 2.44 -19.53
N VAL E 298 0.01 1.84 -19.81
CA VAL E 298 0.10 0.84 -20.86
C VAL E 298 -0.22 -0.55 -20.30
N ASN E 299 0.55 -0.98 -19.31
CA ASN E 299 0.46 -2.34 -18.79
C ASN E 299 1.14 -2.49 -17.43
N LYS E 300 0.39 -2.97 -16.45
CA LYS E 300 0.91 -3.17 -15.09
C LYS E 300 2.11 -4.10 -15.03
N ILE E 301 2.20 -5.04 -15.96
CA ILE E 301 3.36 -5.93 -16.05
C ILE E 301 4.49 -5.19 -16.75
N THR E 302 5.62 -5.05 -16.05
CA THR E 302 6.78 -4.33 -16.58
C THR E 302 8.09 -4.92 -16.06
N TYR E 303 9.17 -4.57 -16.74
CA TYR E 303 10.53 -4.96 -16.34
C TYR E 303 11.49 -3.82 -16.67
N GLY E 304 12.40 -3.52 -15.75
CA GLY E 304 13.39 -2.47 -15.96
C GLY E 304 13.09 -1.18 -15.21
N LYS E 305 13.58 -0.07 -15.76
CA LYS E 305 13.43 1.24 -15.13
C LYS E 305 12.14 1.87 -15.67
N CYS E 306 11.07 1.76 -14.88
CA CYS E 306 9.71 1.96 -15.40
C CYS E 306 8.86 2.99 -14.64
N PRO E 307 8.05 3.79 -15.39
CA PRO E 307 7.01 4.59 -14.77
C PRO E 307 6.00 3.68 -14.07
N LYS E 308 5.47 4.14 -12.95
CA LYS E 308 4.49 3.35 -12.20
C LYS E 308 3.14 3.31 -12.90
N TYR E 309 2.52 2.13 -12.94
CA TYR E 309 1.24 1.96 -13.59
C TYR E 309 0.15 2.59 -12.73
N ILE E 310 -0.70 3.39 -13.37
CA ILE E 310 -1.92 3.92 -12.74
C ILE E 310 -3.10 3.73 -13.70
N ARG E 311 -4.31 4.01 -13.23
CA ARG E 311 -5.53 3.74 -14.00
C ARG E 311 -5.90 4.87 -14.96
N GLN E 312 -5.50 6.10 -14.61
CA GLN E 312 -5.73 7.26 -15.48
C GLN E 312 -4.91 7.14 -16.76
N ASN E 313 -5.45 7.67 -17.85
CA ASN E 313 -4.72 7.68 -19.13
C ASN E 313 -4.13 9.06 -19.47
N THR E 314 -4.39 10.05 -18.62
CA THR E 314 -3.88 11.40 -18.84
C THR E 314 -3.87 12.23 -17.54
N LEU E 315 -2.81 12.97 -17.32
CA LEU E 315 -2.74 13.97 -16.24
C LEU E 315 -1.81 15.10 -16.64
N LYS E 316 -2.40 16.29 -16.83
CA LYS E 316 -1.65 17.48 -17.24
C LYS E 316 -1.14 18.23 -16.02
N LEU E 317 0.17 18.37 -15.93
CA LEU E 317 0.80 19.21 -14.93
C LEU E 317 0.96 20.60 -15.53
N ALA E 318 0.46 21.61 -14.85
CA ALA E 318 0.55 22.99 -15.32
C ALA E 318 1.99 23.47 -15.29
N THR E 319 2.48 23.96 -16.43
CA THR E 319 3.83 24.55 -16.52
C THR E 319 3.79 26.04 -16.84
N GLY E 320 2.64 26.67 -16.61
CA GLY E 320 2.46 28.10 -16.85
C GLY E 320 1.36 28.67 -15.98
N MET E 321 1.12 29.97 -16.12
CA MET E 321 0.12 30.66 -15.30
C MET E 321 -1.29 30.41 -15.80
N ARG E 322 -2.26 30.99 -15.10
CA ARG E 322 -3.64 31.04 -15.55
C ARG E 322 -3.71 31.81 -16.86
N ASN E 323 -4.42 31.26 -17.84
CA ASN E 323 -4.55 31.91 -19.14
C ASN E 323 -5.83 32.74 -19.19
N VAL E 324 -5.66 34.03 -19.51
CA VAL E 324 -6.77 34.98 -19.57
C VAL E 324 -6.63 35.84 -20.83
N PRO E 325 -7.31 35.43 -21.93
CA PRO E 325 -7.17 36.18 -23.19
C PRO E 325 -8.01 37.47 -23.22
N GLU E 326 -8.03 38.14 -24.37
CA GLU E 326 -8.63 39.48 -24.50
C GLU E 326 -9.49 39.63 -25.76
N GLY F 1 -5.64 34.51 -8.74
CA GLY F 1 -5.50 33.35 -7.80
C GLY F 1 -5.79 33.77 -6.37
N ILE F 2 -4.86 33.47 -5.46
CA ILE F 2 -5.02 33.79 -4.04
C ILE F 2 -4.64 35.25 -3.72
N PHE F 3 -3.79 35.85 -4.54
CA PHE F 3 -3.46 37.27 -4.43
C PHE F 3 -4.41 38.16 -5.23
N GLY F 4 -5.34 37.55 -5.97
CA GLY F 4 -6.40 38.27 -6.66
C GLY F 4 -5.95 39.25 -7.73
N ALA F 5 -4.77 39.01 -8.31
CA ALA F 5 -4.23 39.88 -9.35
C ALA F 5 -4.53 39.25 -10.72
N ILE F 6 -3.91 38.12 -11.01
CA ILE F 6 -4.17 37.42 -12.27
C ILE F 6 -5.58 36.84 -12.22
N ALA F 7 -6.34 37.06 -13.29
CA ALA F 7 -7.77 36.74 -13.30
C ALA F 7 -8.46 37.41 -12.12
N GLY F 8 -8.01 38.63 -11.80
CA GLY F 8 -8.48 39.38 -10.65
C GLY F 8 -8.51 40.85 -10.95
N PHE F 9 -7.75 41.66 -10.18
CA PHE F 9 -7.77 43.12 -10.37
C PHE F 9 -7.02 43.57 -11.63
N ILE F 10 -6.28 42.65 -12.25
CA ILE F 10 -5.85 42.83 -13.62
C ILE F 10 -6.84 42.06 -14.47
N GLU F 11 -7.53 42.77 -15.36
CA GLU F 11 -8.68 42.22 -16.06
C GLU F 11 -8.34 41.03 -16.95
N ASN F 12 -7.25 41.15 -17.73
CA ASN F 12 -6.82 40.06 -18.60
C ASN F 12 -5.37 40.15 -19.04
N GLY F 13 -4.89 39.04 -19.59
CA GLY F 13 -3.53 38.95 -20.09
C GLY F 13 -3.35 39.58 -21.46
N TRP F 14 -2.08 39.78 -21.82
CA TRP F 14 -1.71 40.36 -23.09
C TRP F 14 -1.15 39.28 -24.02
N GLU F 15 -1.85 39.01 -25.12
CA GLU F 15 -1.34 38.08 -26.14
C GLU F 15 -0.16 38.71 -26.90
N GLY F 16 -0.14 40.03 -27.00
CA GLY F 16 0.95 40.76 -27.65
C GLY F 16 2.29 40.68 -26.93
N MET F 17 2.28 40.41 -25.63
CA MET F 17 3.52 40.27 -24.87
C MET F 17 4.07 38.86 -25.05
N VAL F 18 4.96 38.72 -26.03
CA VAL F 18 5.53 37.41 -26.42
C VAL F 18 7.02 37.28 -26.10
N ASP F 19 7.58 38.27 -25.41
CA ASP F 19 9.01 38.29 -25.07
C ASP F 19 9.22 38.29 -23.55
N GLY F 20 8.33 37.62 -22.85
CA GLY F 20 8.33 37.64 -21.38
C GLY F 20 6.95 37.30 -20.83
N TRP F 21 6.91 36.99 -19.54
CA TRP F 21 5.69 36.52 -18.89
C TRP F 21 4.96 37.66 -18.21
N TYR F 22 5.71 38.54 -17.54
CA TYR F 22 5.15 39.78 -16.99
C TYR F 22 5.90 40.97 -17.58
N GLY F 23 5.24 42.12 -17.63
CA GLY F 23 5.85 43.32 -18.16
C GLY F 23 5.03 44.58 -17.98
N PHE F 24 5.32 45.58 -18.82
CA PHE F 24 4.71 46.90 -18.72
C PHE F 24 4.18 47.35 -20.07
N ARG F 25 3.05 48.07 -20.05
CA ARG F 25 2.61 48.89 -21.17
C ARG F 25 2.46 50.31 -20.64
N TYR F 26 2.85 51.29 -21.44
CA TYR F 26 2.89 52.67 -20.98
C TYR F 26 2.68 53.66 -22.12
N GLN F 27 1.97 54.74 -21.82
CA GLN F 27 1.93 55.90 -22.71
C GLN F 27 2.48 57.12 -21.98
N ASN F 28 2.96 58.10 -22.76
CA ASN F 28 3.64 59.27 -22.20
C ASN F 28 3.75 60.38 -23.24
N SER F 29 4.76 61.25 -23.13
CA SER F 29 4.99 62.30 -24.13
C SER F 29 5.36 61.76 -25.53
N GLU F 30 5.94 60.56 -25.58
CA GLU F 30 6.38 59.96 -26.85
C GLU F 30 5.44 58.88 -27.40
N GLY F 31 4.33 58.64 -26.72
CA GLY F 31 3.33 57.68 -27.19
C GLY F 31 3.42 56.36 -26.46
N THR F 32 2.70 55.36 -26.97
CA THR F 32 2.59 54.06 -26.30
C THR F 32 3.83 53.18 -26.50
N GLY F 33 3.95 52.15 -25.66
CA GLY F 33 5.06 51.21 -25.75
C GLY F 33 4.87 50.03 -24.81
N GLN F 34 5.55 48.93 -25.10
CA GLN F 34 5.48 47.70 -24.32
C GLN F 34 6.90 47.22 -24.01
N ALA F 35 7.07 46.53 -22.89
CA ALA F 35 8.40 46.01 -22.50
C ALA F 35 8.30 44.97 -21.39
N ALA F 36 8.92 43.82 -21.60
CA ALA F 36 8.88 42.72 -20.65
C ALA F 36 9.79 42.94 -19.45
N ASP F 37 9.48 42.28 -18.33
CA ASP F 37 10.34 42.27 -17.15
C ASP F 37 10.96 40.89 -16.98
N LEU F 38 12.28 40.81 -17.13
CA LEU F 38 12.98 39.53 -17.10
C LEU F 38 13.06 38.92 -15.69
N LYS F 39 13.32 39.75 -14.68
CA LYS F 39 13.46 39.29 -13.30
C LYS F 39 12.24 38.51 -12.79
N SER F 40 11.07 39.13 -12.83
CA SER F 40 9.80 38.49 -12.43
C SER F 40 9.46 37.26 -13.27
N THR F 41 9.57 37.38 -14.59
CA THR F 41 9.38 36.25 -15.50
C THR F 41 10.25 35.07 -15.09
N GLN F 42 11.54 35.34 -14.86
CA GLN F 42 12.52 34.28 -14.57
C GLN F 42 12.32 33.65 -13.18
N ALA F 43 11.82 34.42 -12.22
CA ALA F 43 11.50 33.89 -10.89
C ALA F 43 10.42 32.81 -10.99
N ALA F 44 9.42 33.04 -11.85
CA ALA F 44 8.33 32.08 -12.05
C ALA F 44 8.78 30.82 -12.78
N ILE F 45 9.59 30.99 -13.83
CA ILE F 45 10.05 29.87 -14.64
C ILE F 45 10.93 28.92 -13.80
N ASP F 46 11.81 29.48 -12.99
CA ASP F 46 12.70 28.69 -12.13
C ASP F 46 11.90 27.77 -11.19
N GLN F 47 10.84 28.32 -10.62
CA GLN F 47 9.97 27.55 -9.73
C GLN F 47 9.23 26.43 -10.46
N ILE F 48 8.82 26.69 -11.70
CA ILE F 48 8.12 25.68 -12.49
C ILE F 48 9.08 24.60 -12.97
N ASN F 49 10.27 25.01 -13.41
CA ASN F 49 11.32 24.05 -13.74
C ASN F 49 11.76 23.23 -12.53
N GLY F 50 11.72 23.85 -11.36
CA GLY F 50 12.00 23.17 -10.10
C GLY F 50 11.09 21.99 -9.86
N LYS F 51 9.80 22.16 -10.14
CA LYS F 51 8.84 21.06 -10.03
C LYS F 51 9.10 19.97 -11.07
N LEU F 52 9.38 20.39 -12.29
CA LEU F 52 9.68 19.44 -13.37
C LEU F 52 10.82 18.51 -12.99
N ASN F 53 11.81 19.03 -12.27
CA ASN F 53 12.97 18.23 -11.85
C ASN F 53 12.64 17.12 -10.85
N ARG F 54 11.60 17.34 -10.03
CA ARG F 54 11.12 16.32 -9.10
C ARG F 54 10.25 15.25 -9.78
N VAL F 55 9.64 15.60 -10.90
CA VAL F 55 8.67 14.75 -11.57
C VAL F 55 9.29 14.00 -12.76
N ILE F 56 9.95 14.75 -13.65
CA ILE F 56 10.50 14.22 -14.89
C ILE F 56 11.82 13.45 -14.65
N GLU F 57 11.89 12.24 -15.21
CA GLU F 57 13.07 11.36 -15.16
C GLU F 57 13.43 10.86 -13.76
N ARG F 58 12.43 10.73 -12.88
CA ARG F 58 12.61 10.12 -11.57
C ARG F 58 11.90 8.77 -11.59
N THR F 59 12.66 7.70 -11.79
CA THR F 59 12.09 6.41 -12.12
C THR F 59 12.81 5.26 -11.41
N ASN F 60 12.06 4.50 -10.60
CA ASN F 60 12.59 3.32 -9.91
C ASN F 60 12.87 2.17 -10.88
N GLU F 61 13.97 1.47 -10.64
CA GLU F 61 14.33 0.28 -11.41
C GLU F 61 13.82 -1.00 -10.72
N LYS F 62 13.12 -1.85 -11.48
CA LYS F 62 12.56 -3.09 -10.94
C LYS F 62 12.78 -4.25 -11.89
N PHE F 63 12.79 -5.46 -11.34
CA PHE F 63 13.10 -6.66 -12.11
C PHE F 63 12.00 -7.72 -11.93
N HIS F 64 12.35 -8.94 -11.53
CA HIS F 64 11.35 -10.00 -11.35
C HIS F 64 10.43 -9.63 -10.21
N GLN F 65 9.14 -9.82 -10.41
CA GLN F 65 8.15 -9.44 -9.41
C GLN F 65 7.17 -10.60 -9.20
N ILE F 66 5.87 -10.36 -9.33
CA ILE F 66 4.86 -11.40 -9.23
C ILE F 66 4.06 -11.44 -10.53
N GLU F 67 3.43 -12.58 -10.79
CA GLU F 67 2.62 -12.76 -12.00
C GLU F 67 1.29 -12.04 -11.81
N LYS F 68 0.84 -11.35 -12.84
CA LYS F 68 -0.34 -10.48 -12.74
C LYS F 68 -1.48 -10.87 -13.68
N GLU F 69 -1.24 -11.89 -14.50
CA GLU F 69 -2.27 -12.49 -15.36
C GLU F 69 -2.24 -13.99 -15.16
N PHE F 70 -3.41 -14.63 -15.21
CA PHE F 70 -3.55 -16.06 -14.88
C PHE F 70 -4.45 -16.81 -15.85
N SER F 71 -3.96 -17.92 -16.40
CA SER F 71 -4.76 -18.75 -17.31
C SER F 71 -5.75 -19.64 -16.55
N GLU F 72 -5.30 -20.14 -15.40
CA GLU F 72 -6.10 -21.10 -14.60
C GLU F 72 -6.76 -20.43 -13.40
N VAL F 73 -7.86 -21.04 -12.97
CA VAL F 73 -8.56 -20.66 -11.75
C VAL F 73 -7.93 -21.45 -10.59
N GLU F 74 -7.41 -20.74 -9.59
CA GLU F 74 -6.62 -21.36 -8.51
C GLU F 74 -7.18 -21.12 -7.10
N GLY F 75 -7.67 -19.92 -6.85
CA GLY F 75 -8.26 -19.60 -5.56
C GLY F 75 -7.36 -18.80 -4.64
N ARG F 76 -7.15 -19.31 -3.44
CA ARG F 76 -6.66 -18.51 -2.31
C ARG F 76 -5.45 -17.65 -2.61
N ILE F 77 -4.39 -18.24 -3.14
CA ILE F 77 -3.13 -17.50 -3.28
C ILE F 77 -3.12 -16.67 -4.58
N GLN F 78 -3.96 -17.03 -5.54
CA GLN F 78 -4.19 -16.17 -6.71
C GLN F 78 -5.02 -14.94 -6.32
N ASP F 79 -6.04 -15.15 -5.48
CA ASP F 79 -6.89 -14.07 -4.97
C ASP F 79 -6.00 -13.00 -4.35
N LEU F 80 -5.07 -13.45 -3.51
CA LEU F 80 -4.13 -12.56 -2.85
C LEU F 80 -3.25 -11.88 -3.89
N GLU F 81 -2.58 -12.66 -4.73
CA GLU F 81 -1.68 -12.10 -5.76
C GLU F 81 -2.29 -10.92 -6.50
N LYS F 82 -3.57 -11.03 -6.86
CA LYS F 82 -4.28 -9.95 -7.54
C LYS F 82 -4.56 -8.76 -6.61
N TYR F 83 -5.11 -9.05 -5.44
CA TYR F 83 -5.48 -8.01 -4.48
C TYR F 83 -4.30 -7.13 -4.10
N VAL F 84 -3.15 -7.76 -3.90
CA VAL F 84 -1.90 -7.04 -3.68
C VAL F 84 -1.71 -6.03 -4.80
N GLU F 85 -1.66 -6.54 -6.04
CA GLU F 85 -1.42 -5.67 -7.20
C GLU F 85 -2.50 -4.62 -7.38
N ASP F 86 -3.73 -4.96 -7.00
CA ASP F 86 -4.84 -4.04 -7.13
C ASP F 86 -4.73 -2.92 -6.09
N THR F 87 -4.30 -3.28 -4.89
CA THR F 87 -4.06 -2.31 -3.84
C THR F 87 -3.01 -1.28 -4.27
N LYS F 88 -1.87 -1.78 -4.74
CA LYS F 88 -0.75 -0.96 -5.21
C LYS F 88 -1.16 0.04 -6.29
N ILE F 89 -1.89 -0.43 -7.30
CA ILE F 89 -2.31 0.41 -8.40
C ILE F 89 -3.21 1.55 -7.92
N ASP F 90 -4.11 1.24 -7.01
CA ASP F 90 -5.04 2.24 -6.49
C ASP F 90 -4.29 3.33 -5.74
N LEU F 91 -3.33 2.93 -4.91
CA LEU F 91 -2.59 3.88 -4.09
C LEU F 91 -1.72 4.79 -4.95
N TRP F 92 -1.05 4.24 -5.96
CA TRP F 92 -0.25 5.07 -6.87
C TRP F 92 -1.17 5.96 -7.71
N SER F 93 -2.30 5.43 -8.15
CA SER F 93 -3.28 6.22 -8.86
C SER F 93 -3.76 7.43 -8.05
N TYR F 94 -3.93 7.22 -6.74
CA TYR F 94 -4.28 8.32 -5.83
C TYR F 94 -3.10 9.29 -5.66
N ASN F 95 -1.91 8.77 -5.43
CA ASN F 95 -0.72 9.61 -5.29
C ASN F 95 -0.52 10.51 -6.50
N ALA F 96 -0.86 9.99 -7.68
CA ALA F 96 -0.70 10.74 -8.93
C ALA F 96 -1.76 11.81 -9.09
N GLU F 97 -3.03 11.44 -8.87
CA GLU F 97 -4.15 12.38 -8.95
C GLU F 97 -3.99 13.55 -8.02
N LEU F 98 -3.49 13.30 -6.81
CA LEU F 98 -3.28 14.35 -5.81
C LEU F 98 -2.07 15.22 -6.16
N LEU F 99 -1.00 14.61 -6.64
CA LEU F 99 0.21 15.36 -6.94
C LEU F 99 -0.11 16.46 -7.94
N VAL F 100 -0.67 16.05 -9.07
CA VAL F 100 -1.03 16.98 -10.13
C VAL F 100 -1.92 18.09 -9.58
N ALA F 101 -2.97 17.72 -8.84
CA ALA F 101 -3.91 18.70 -8.28
C ALA F 101 -3.22 19.78 -7.41
N LEU F 102 -2.35 19.34 -6.49
CA LEU F 102 -1.64 20.27 -5.60
C LEU F 102 -0.66 21.14 -6.37
N GLU F 103 0.15 20.51 -7.23
CA GLU F 103 1.16 21.23 -7.99
C GLU F 103 0.52 22.31 -8.86
N ASN F 104 -0.61 22.00 -9.48
CA ASN F 104 -1.29 22.95 -10.35
C ASN F 104 -1.90 24.09 -9.56
N GLN F 105 -2.59 23.77 -8.49
CA GLN F 105 -3.09 24.78 -7.57
C GLN F 105 -1.93 25.71 -7.20
N HIS F 106 -0.82 25.12 -6.77
CA HIS F 106 0.36 25.90 -6.35
C HIS F 106 0.92 26.74 -7.51
N THR F 107 1.01 26.15 -8.70
CA THR F 107 1.54 26.86 -9.86
C THR F 107 0.78 28.16 -10.10
N ILE F 108 -0.55 28.06 -10.09
CA ILE F 108 -1.42 29.25 -10.26
C ILE F 108 -1.13 30.30 -9.19
N ASP F 109 -1.06 29.86 -7.94
CA ASP F 109 -0.80 30.78 -6.85
C ASP F 109 0.57 31.44 -6.96
N LEU F 110 1.62 30.72 -7.34
CA LEU F 110 2.95 31.35 -7.40
C LEU F 110 3.08 32.31 -8.58
N THR F 111 2.49 31.98 -9.72
CA THR F 111 2.47 32.87 -10.87
C THR F 111 1.70 34.17 -10.58
N ASP F 112 0.59 34.02 -9.83
CA ASP F 112 -0.19 35.16 -9.36
C ASP F 112 0.60 36.04 -8.39
N ALA F 113 1.36 35.40 -7.51
CA ALA F 113 2.19 36.10 -6.54
C ALA F 113 3.30 36.93 -7.19
N GLU F 114 3.90 36.40 -8.27
CA GLU F 114 4.95 37.13 -8.97
C GLU F 114 4.39 38.36 -9.67
N MET F 115 3.19 38.22 -10.22
CA MET F 115 2.47 39.36 -10.76
C MET F 115 2.33 40.43 -9.70
N ASN F 116 1.87 40.04 -8.51
CA ASN F 116 1.62 40.98 -7.42
C ASN F 116 2.91 41.58 -6.85
N LYS F 117 3.92 40.72 -6.69
CA LYS F 117 5.24 41.16 -6.25
C LYS F 117 5.78 42.29 -7.11
N LEU F 118 5.58 42.18 -8.42
CA LEU F 118 6.03 43.20 -9.38
C LEU F 118 5.22 44.49 -9.24
N PHE F 119 3.93 44.35 -8.98
CA PHE F 119 3.09 45.52 -8.78
C PHE F 119 3.48 46.28 -7.51
N GLU F 120 3.71 45.56 -6.42
CA GLU F 120 4.06 46.19 -5.17
C GLU F 120 5.46 46.77 -5.22
N LYS F 121 6.33 46.15 -6.01
CA LYS F 121 7.68 46.65 -6.22
C LYS F 121 7.67 48.00 -6.95
N THR F 122 6.84 48.08 -7.99
CA THR F 122 6.66 49.32 -8.73
C THR F 122 6.02 50.40 -7.86
N ARG F 123 4.94 50.06 -7.17
CA ARG F 123 4.25 51.01 -6.28
C ARG F 123 5.22 51.72 -5.33
N ARG F 124 6.15 50.96 -4.77
CA ARG F 124 7.12 51.50 -3.82
C ARG F 124 8.10 52.48 -4.45
N GLN F 125 8.55 52.17 -5.66
CA GLN F 125 9.46 53.05 -6.40
C GLN F 125 8.85 54.43 -6.60
N LEU F 126 7.59 54.45 -7.01
CA LEU F 126 6.91 55.69 -7.34
C LEU F 126 6.66 56.52 -6.09
N ARG F 127 6.23 55.85 -5.03
CA ARG F 127 6.04 56.49 -3.72
C ARG F 127 4.87 57.48 -3.79
N GLU F 128 5.11 58.79 -3.69
CA GLU F 128 4.03 59.78 -3.69
C GLU F 128 3.76 60.42 -5.06
N ASN F 129 4.46 59.96 -6.09
CA ASN F 129 4.36 60.56 -7.42
C ASN F 129 3.32 59.90 -8.33
N ALA F 130 2.56 58.95 -7.80
CA ALA F 130 1.57 58.23 -8.58
C ALA F 130 0.44 57.65 -7.73
N GLU F 131 -0.68 57.34 -8.37
CA GLU F 131 -1.81 56.73 -7.68
C GLU F 131 -2.25 55.47 -8.41
N ASP F 132 -2.86 54.54 -7.68
CA ASP F 132 -3.29 53.27 -8.25
C ASP F 132 -4.66 53.44 -8.89
N MET F 133 -4.69 53.61 -10.22
CA MET F 133 -5.94 53.77 -10.96
C MET F 133 -6.87 52.58 -10.82
N GLY F 134 -6.30 51.38 -10.70
CA GLY F 134 -7.06 50.14 -10.73
C GLY F 134 -6.77 49.44 -12.05
N GLY F 135 -7.07 48.15 -12.12
CA GLY F 135 -6.70 47.36 -13.29
C GLY F 135 -5.21 47.11 -13.33
N GLY F 136 -4.53 47.36 -12.22
CA GLY F 136 -3.07 47.29 -12.16
C GLY F 136 -2.36 48.40 -12.94
N CYS F 137 -2.99 49.57 -13.03
CA CYS F 137 -2.40 50.71 -13.73
C CYS F 137 -2.11 51.88 -12.78
N PHE F 138 -0.98 52.55 -13.00
CA PHE F 138 -0.61 53.73 -12.21
C PHE F 138 -0.79 55.00 -13.03
N LYS F 139 -1.39 56.02 -12.43
CA LYS F 139 -1.29 57.37 -13.00
C LYS F 139 -0.05 58.05 -12.42
N ILE F 140 0.96 58.26 -13.25
CA ILE F 140 2.15 59.02 -12.85
C ILE F 140 1.88 60.49 -13.10
N TYR F 141 1.91 61.30 -12.04
CA TYR F 141 1.46 62.69 -12.09
C TYR F 141 2.52 63.68 -12.60
N HIS F 142 3.42 63.23 -13.47
CA HIS F 142 4.44 64.12 -14.06
C HIS F 142 4.86 63.63 -15.44
N LYS F 143 5.49 64.51 -16.21
CA LYS F 143 6.02 64.16 -17.52
C LYS F 143 7.10 63.10 -17.36
N CYS F 144 6.83 61.88 -17.85
CA CYS F 144 7.76 60.78 -17.71
C CYS F 144 8.05 60.16 -19.09
N ASP F 145 9.10 60.65 -19.74
CA ASP F 145 9.52 60.19 -21.08
C ASP F 145 10.03 58.74 -21.07
N ASN F 146 10.40 58.22 -22.24
CA ASN F 146 10.87 56.84 -22.36
C ASN F 146 12.03 56.54 -21.42
N ALA F 147 12.98 57.47 -21.35
CA ALA F 147 14.12 57.33 -20.44
C ALA F 147 13.67 57.20 -18.99
N CYS F 148 12.69 58.01 -18.61
CA CYS F 148 12.09 57.97 -17.27
C CYS F 148 11.42 56.62 -16.98
N ILE F 149 10.67 56.11 -17.95
CA ILE F 149 10.01 54.80 -17.81
C ILE F 149 11.07 53.72 -17.64
N GLY F 150 12.12 53.78 -18.45
CA GLY F 150 13.24 52.84 -18.38
C GLY F 150 13.81 52.69 -16.98
N SER F 151 13.94 53.80 -16.26
CA SER F 151 14.46 53.77 -14.89
C SER F 151 13.51 53.07 -13.93
N ILE F 152 12.21 53.19 -14.19
CA ILE F 152 11.21 52.47 -13.40
C ILE F 152 11.33 50.99 -13.65
N ARG F 153 11.52 50.61 -14.91
CA ARG F 153 11.77 49.22 -15.29
C ARG F 153 13.10 48.71 -14.77
N ASN F 154 14.14 49.55 -14.85
CA ASN F 154 15.48 49.22 -14.34
C ASN F 154 15.61 49.25 -12.81
N GLY F 155 14.60 49.76 -12.11
CA GLY F 155 14.65 49.87 -10.66
C GLY F 155 15.52 51.01 -10.15
N THR F 156 15.81 51.99 -11.01
CA THR F 156 16.74 53.09 -10.69
C THR F 156 16.04 54.44 -10.64
N TYR F 157 14.71 54.43 -10.64
CA TYR F 157 13.90 55.65 -10.63
C TYR F 157 14.05 56.39 -9.30
N ASP F 158 14.53 57.62 -9.34
CA ASP F 158 14.67 58.44 -8.13
C ASP F 158 13.43 59.30 -7.97
N HIS F 159 12.63 59.01 -6.96
CA HIS F 159 11.34 59.69 -6.77
C HIS F 159 11.46 61.16 -6.37
N TYR F 160 12.58 61.55 -5.78
CA TYR F 160 12.75 62.93 -5.29
C TYR F 160 12.81 63.97 -6.42
N ILE F 161 13.27 63.56 -7.60
CA ILE F 161 13.44 64.48 -8.72
C ILE F 161 12.10 65.07 -9.20
N TYR F 162 11.06 64.22 -9.25
CA TYR F 162 9.76 64.63 -9.76
C TYR F 162 8.76 64.93 -8.65
N ARG F 163 9.17 64.76 -7.40
CA ARG F 163 8.25 64.87 -6.25
C ARG F 163 7.46 66.17 -6.23
N ASP F 164 8.16 67.31 -6.29
CA ASP F 164 7.53 68.63 -6.19
C ASP F 164 6.52 68.89 -7.31
N GLU F 165 6.78 68.34 -8.49
CA GLU F 165 5.89 68.47 -9.64
C GLU F 165 4.63 67.62 -9.46
N ALA F 166 4.82 66.31 -9.31
CA ALA F 166 3.71 65.37 -9.23
C ALA F 166 2.82 65.69 -8.04
N LEU F 167 3.44 65.87 -6.88
CA LEU F 167 2.76 66.19 -5.63
C LEU F 167 1.90 67.47 -5.76
N ASN F 168 2.37 68.39 -6.59
CA ASN F 168 1.63 69.60 -6.90
C ASN F 168 0.43 69.34 -7.81
N ASN F 169 0.57 68.39 -8.74
CA ASN F 169 -0.56 67.95 -9.57
C ASN F 169 -1.61 67.16 -8.79
N ARG F 170 -1.18 66.38 -7.80
CA ARG F 170 -2.08 65.53 -7.02
C ARG F 170 -3.04 66.31 -6.15
N PHE F 171 -2.56 67.39 -5.52
CA PHE F 171 -3.41 68.26 -4.70
C PHE F 171 -3.25 69.72 -5.14
N GLN F 172 -4.37 70.42 -5.35
CA GLN F 172 -4.33 71.87 -5.68
C GLN F 172 -5.65 72.60 -5.42
#